data_3I03
# 
_entry.id   3I03 
# 
_audit_conform.dict_name       mmcif_pdbx.dic 
_audit_conform.dict_version    5.398 
_audit_conform.dict_location   http://mmcif.pdb.org/dictionaries/ascii/mmcif_pdbx.dic 
# 
loop_
_database_2.database_id 
_database_2.database_code 
_database_2.pdbx_database_accession 
_database_2.pdbx_DOI 
PDB   3I03         pdb_00003i03 10.2210/pdb3i03/pdb 
RCSB  RCSB053795   ?            ?                   
WWPDB D_1000053795 ?            ?                   
# 
loop_
_pdbx_audit_revision_history.ordinal 
_pdbx_audit_revision_history.data_content_type 
_pdbx_audit_revision_history.major_revision 
_pdbx_audit_revision_history.minor_revision 
_pdbx_audit_revision_history.revision_date 
1 'Structure model' 1 0 2010-05-12 
2 'Structure model' 1 1 2011-07-13 
3 'Structure model' 1 2 2011-11-30 
4 'Structure model' 1 3 2012-02-22 
5 'Structure model' 2 0 2019-11-27 
6 'Structure model' 2 1 2023-09-06 
7 'Structure model' 2 2 2024-11-06 
# 
_pdbx_audit_revision_details.ordinal             1 
_pdbx_audit_revision_details.revision_ordinal    1 
_pdbx_audit_revision_details.data_content_type   'Structure model' 
_pdbx_audit_revision_details.provider            repository 
_pdbx_audit_revision_details.type                'Initial release' 
_pdbx_audit_revision_details.description         ? 
_pdbx_audit_revision_details.details             ? 
# 
loop_
_pdbx_audit_revision_group.ordinal 
_pdbx_audit_revision_group.revision_ordinal 
_pdbx_audit_revision_group.data_content_type 
_pdbx_audit_revision_group.group 
1  2 'Structure model' 'Version format compliance' 
2  3 'Structure model' 'Database references'       
3  4 'Structure model' 'Database references'       
4  5 'Structure model' Advisory                    
5  5 'Structure model' 'Derived calculations'      
6  5 'Structure model' 'Non-polymer description'   
7  5 'Structure model' 'Structure summary'         
8  6 'Structure model' 'Data collection'           
9  6 'Structure model' 'Database references'       
10 6 'Structure model' 'Derived calculations'      
11 6 'Structure model' 'Refinement description'    
12 7 'Structure model' 'Structure summary'         
# 
loop_
_pdbx_audit_revision_category.ordinal 
_pdbx_audit_revision_category.revision_ordinal 
_pdbx_audit_revision_category.data_content_type 
_pdbx_audit_revision_category.category 
1  5 'Structure model' chem_comp                     
2  5 'Structure model' entity                        
3  5 'Structure model' pdbx_distant_solvent_atoms    
4  5 'Structure model' pdbx_entity_nonpoly           
5  5 'Structure model' struct_conn                   
6  6 'Structure model' chem_comp_atom                
7  6 'Structure model' chem_comp_bond                
8  6 'Structure model' database_2                    
9  6 'Structure model' pdbx_initial_refinement_model 
10 6 'Structure model' struct_site                   
11 7 'Structure model' pdbx_entry_details            
12 7 'Structure model' pdbx_modification_feature     
# 
loop_
_pdbx_audit_revision_item.ordinal 
_pdbx_audit_revision_item.revision_ordinal 
_pdbx_audit_revision_item.data_content_type 
_pdbx_audit_revision_item.item 
1  5 'Structure model' '_chem_comp.formula'                  
2  5 'Structure model' '_chem_comp.formula_weight'           
3  5 'Structure model' '_chem_comp.name'                     
4  5 'Structure model' '_entity.formula_weight'              
5  5 'Structure model' '_entity.pdbx_description'            
6  5 'Structure model' '_pdbx_entity_nonpoly.name'           
7  5 'Structure model' '_struct_conn.pdbx_leaving_atom_flag' 
8  6 'Structure model' '_database_2.pdbx_DOI'                
9  6 'Structure model' '_database_2.pdbx_database_accession' 
10 6 'Structure model' '_struct_site.pdbx_auth_asym_id'      
11 6 'Structure model' '_struct_site.pdbx_auth_comp_id'      
12 6 'Structure model' '_struct_site.pdbx_auth_seq_id'       
# 
_pdbx_database_status.status_code                     REL 
_pdbx_database_status.entry_id                        3I03 
_pdbx_database_status.recvd_initial_deposition_date   2009-06-24 
_pdbx_database_status.deposit_site                    RCSB 
_pdbx_database_status.process_site                    RCSB 
_pdbx_database_status.status_code_sf                  REL 
_pdbx_database_status.status_code_mr                  ? 
_pdbx_database_status.SG_entry                        ? 
_pdbx_database_status.status_code_cs                  ? 
_pdbx_database_status.pdb_format_compatible           Y 
_pdbx_database_status.methods_development_category    ? 
_pdbx_database_status.status_code_nmr_data            ? 
# 
loop_
_pdbx_database_related.db_name 
_pdbx_database_related.db_id 
_pdbx_database_related.details 
_pdbx_database_related.content_type 
PDB 3HZW 'Crystal structure of bothropstoxin-I chemically modified by p-bromophenacyl bromide (BPB)'         unspecified 
PDB 3HZD 'Crystal structure of bothropstoxin-I'                                                              unspecified 
PDB 2Q2J 'Crystal structure of PrTX-I, a PLA2 homolog from Bothrops pirajai'                                 unspecified 
PDB 3CXI 'Structure of bothropstoxin-I. complexed with alpha-tocopherol'                                     unspecified 
PDB 3CYL 'Structure of PrTX-I complexed with alpha-tocopherol'                                               unspecified 
PDB 1Y4L 'Crystal structure of Bothrops asper myotoxin II complexed with the anti-trypanosomal drug suramin' unspecified 
# 
loop_
_audit_author.name 
_audit_author.pdbx_ordinal 
'Marchi-Salvador, D.P.' 1 
'Fernandes, C.A.H.'     2 
'Soares, A.M.'          3 
'Fontes, M.R.M.'        4 
# 
_citation.id                        primary 
_citation.title                     
;Comparison between apo and complexed structures of bothropstoxin-I reveals the role of Lys122 and Ca(2+)-binding loop region for the catalytically inactive Lys49-PLA(2)s.
;
_citation.journal_abbrev            J.Struct.Biol. 
_citation.journal_volume            171 
_citation.page_first                31 
_citation.page_last                 43 
_citation.year                      2010 
_citation.journal_id_ASTM           JSBIEM 
_citation.country                   US 
_citation.journal_id_ISSN           1047-8477 
_citation.journal_id_CSD            0803 
_citation.book_publisher            ? 
_citation.pdbx_database_id_PubMed   20371382 
_citation.pdbx_database_id_DOI      10.1016/j.jsb.2010.03.019 
# 
loop_
_citation_author.citation_id 
_citation_author.name 
_citation_author.ordinal 
_citation_author.identifier_ORCID 
primary 'Fernandes, C.A.'       1 ? 
primary 'Marchi-Salvador, D.P.' 2 ? 
primary 'Salvador, G.M.'        3 ? 
primary 'Silva, M.C.'           4 ? 
primary 'Costa, T.R.'           5 ? 
primary 'Soares, A.M.'          6 ? 
primary 'Fontes, M.R.'          7 ? 
# 
loop_
_entity.id 
_entity.type 
_entity.src_method 
_entity.pdbx_description 
_entity.formula_weight 
_entity.pdbx_number_of_molecules 
_entity.pdbx_ec 
_entity.pdbx_mutation 
_entity.pdbx_fragment 
_entity.details 
1 polymer     nat 'Phospholipase A2 homolog bothropstoxin-1' 13753.136 1   ? ? ? 
'Bothropstoxin-I chemically modified by p-bromophenacyl bromide (BPB)' 
2 non-polymer syn 'p-Bromophenacyl bromide'                  277.941   1   ? ? ? ? 
3 non-polymer syn 'ISOPROPYL ALCOHOL'                        60.095    1   ? ? ? ? 
4 water       nat water                                      18.015    351 ? ? ? ? 
# 
_entity_name_com.entity_id   1 
_entity_name_com.name        'Phospholipase A2 homolog 1, Bothropstoxin I, BthTX-I, BtxtxI, BOJU-I, Myotoxic phospholipase A2-like' 
# 
_entity_poly.entity_id                      1 
_entity_poly.type                           'polypeptide(L)' 
_entity_poly.nstd_linkage                   no 
_entity_poly.nstd_monomer                   no 
_entity_poly.pdbx_seq_one_letter_code       
;SLFELGKMILQETGKNPAKSYGAYGCNCGVLGRGKPKDATDRCCYVHKCCYKKLTGCDPKKDRYSYSWKDKTIVCGENNP
CLKELCECDKAVAICLRENLGTYNKKYRYHLKPFCKKADPC
;
_entity_poly.pdbx_seq_one_letter_code_can   
;SLFELGKMILQETGKNPAKSYGAYGCNCGVLGRGKPKDATDRCCYVHKCCYKKLTGCDPKKDRYSYSWKDKTIVCGENNP
CLKELCECDKAVAICLRENLGTYNKKYRYHLKPFCKKADPC
;
_entity_poly.pdbx_strand_id                 A 
_entity_poly.pdbx_target_identifier         ? 
# 
loop_
_pdbx_entity_nonpoly.entity_id 
_pdbx_entity_nonpoly.name 
_pdbx_entity_nonpoly.comp_id 
2 'p-Bromophenacyl bromide' PBP 
3 'ISOPROPYL ALCOHOL'       IPA 
4 water                     HOH 
# 
loop_
_entity_poly_seq.entity_id 
_entity_poly_seq.num 
_entity_poly_seq.mon_id 
_entity_poly_seq.hetero 
1 1   SER n 
1 2   LEU n 
1 3   PHE n 
1 4   GLU n 
1 5   LEU n 
1 6   GLY n 
1 7   LYS n 
1 8   MET n 
1 9   ILE n 
1 10  LEU n 
1 11  GLN n 
1 12  GLU n 
1 13  THR n 
1 14  GLY n 
1 15  LYS n 
1 16  ASN n 
1 17  PRO n 
1 18  ALA n 
1 19  LYS n 
1 20  SER n 
1 21  TYR n 
1 22  GLY n 
1 23  ALA n 
1 24  TYR n 
1 25  GLY n 
1 26  CYS n 
1 27  ASN n 
1 28  CYS n 
1 29  GLY n 
1 30  VAL n 
1 31  LEU n 
1 32  GLY n 
1 33  ARG n 
1 34  GLY n 
1 35  LYS n 
1 36  PRO n 
1 37  LYS n 
1 38  ASP n 
1 39  ALA n 
1 40  THR n 
1 41  ASP n 
1 42  ARG n 
1 43  CYS n 
1 44  CYS n 
1 45  TYR n 
1 46  VAL n 
1 47  HIS n 
1 48  LYS n 
1 49  CYS n 
1 50  CYS n 
1 51  TYR n 
1 52  LYS n 
1 53  LYS n 
1 54  LEU n 
1 55  THR n 
1 56  GLY n 
1 57  CYS n 
1 58  ASP n 
1 59  PRO n 
1 60  LYS n 
1 61  LYS n 
1 62  ASP n 
1 63  ARG n 
1 64  TYR n 
1 65  SER n 
1 66  TYR n 
1 67  SER n 
1 68  TRP n 
1 69  LYS n 
1 70  ASP n 
1 71  LYS n 
1 72  THR n 
1 73  ILE n 
1 74  VAL n 
1 75  CYS n 
1 76  GLY n 
1 77  GLU n 
1 78  ASN n 
1 79  ASN n 
1 80  PRO n 
1 81  CYS n 
1 82  LEU n 
1 83  LYS n 
1 84  GLU n 
1 85  LEU n 
1 86  CYS n 
1 87  GLU n 
1 88  CYS n 
1 89  ASP n 
1 90  LYS n 
1 91  ALA n 
1 92  VAL n 
1 93  ALA n 
1 94  ILE n 
1 95  CYS n 
1 96  LEU n 
1 97  ARG n 
1 98  GLU n 
1 99  ASN n 
1 100 LEU n 
1 101 GLY n 
1 102 THR n 
1 103 TYR n 
1 104 ASN n 
1 105 LYS n 
1 106 LYS n 
1 107 TYR n 
1 108 ARG n 
1 109 TYR n 
1 110 HIS n 
1 111 LEU n 
1 112 LYS n 
1 113 PRO n 
1 114 PHE n 
1 115 CYS n 
1 116 LYS n 
1 117 LYS n 
1 118 ALA n 
1 119 ASP n 
1 120 PRO n 
1 121 CYS n 
# 
_entity_src_nat.entity_id                  1 
_entity_src_nat.pdbx_src_id                1 
_entity_src_nat.pdbx_alt_source_flag       sample 
_entity_src_nat.pdbx_beg_seq_num           ? 
_entity_src_nat.pdbx_end_seq_num           ? 
_entity_src_nat.common_name                snake 
_entity_src_nat.pdbx_organism_scientific   'Bothrops jararacussu' 
_entity_src_nat.pdbx_ncbi_taxonomy_id      8726 
_entity_src_nat.genus                      ? 
_entity_src_nat.species                    ? 
_entity_src_nat.strain                     ? 
_entity_src_nat.tissue                     venom 
_entity_src_nat.tissue_fraction            ? 
_entity_src_nat.pdbx_secretion             ? 
_entity_src_nat.pdbx_fragment              ? 
_entity_src_nat.pdbx_variant               ? 
_entity_src_nat.pdbx_cell_line             ? 
_entity_src_nat.pdbx_atcc                  ? 
_entity_src_nat.pdbx_cellular_location     ? 
_entity_src_nat.pdbx_organ                 ? 
_entity_src_nat.pdbx_organelle             ? 
_entity_src_nat.pdbx_cell                  ? 
_entity_src_nat.pdbx_plasmid_name          ? 
_entity_src_nat.pdbx_plasmid_details       ? 
_entity_src_nat.details                    'The bothropstoxin-I was isolated from Bothrops jararacussu venom.' 
# 
loop_
_chem_comp.id 
_chem_comp.type 
_chem_comp.mon_nstd_flag 
_chem_comp.name 
_chem_comp.pdbx_synonyms 
_chem_comp.formula 
_chem_comp.formula_weight 
ALA 'L-peptide linking' y ALANINE                   ?          'C3 H7 N O2'     89.093  
ARG 'L-peptide linking' y ARGININE                  ?          'C6 H15 N4 O2 1' 175.209 
ASN 'L-peptide linking' y ASPARAGINE                ?          'C4 H8 N2 O3'    132.118 
ASP 'L-peptide linking' y 'ASPARTIC ACID'           ?          'C4 H7 N O4'     133.103 
CYS 'L-peptide linking' y CYSTEINE                  ?          'C3 H7 N O2 S'   121.158 
GLN 'L-peptide linking' y GLUTAMINE                 ?          'C5 H10 N2 O3'   146.144 
GLU 'L-peptide linking' y 'GLUTAMIC ACID'           ?          'C5 H9 N O4'     147.129 
GLY 'peptide linking'   y GLYCINE                   ?          'C2 H5 N O2'     75.067  
HIS 'L-peptide linking' y HISTIDINE                 ?          'C6 H10 N3 O2 1' 156.162 
HOH non-polymer         . WATER                     ?          'H2 O'           18.015  
ILE 'L-peptide linking' y ISOLEUCINE                ?          'C6 H13 N O2'    131.173 
IPA non-polymer         . 'ISOPROPYL ALCOHOL'       2-PROPANOL 'C3 H8 O'        60.095  
LEU 'L-peptide linking' y LEUCINE                   ?          'C6 H13 N O2'    131.173 
LYS 'L-peptide linking' y LYSINE                    ?          'C6 H15 N2 O2 1' 147.195 
MET 'L-peptide linking' y METHIONINE                ?          'C5 H11 N O2 S'  149.211 
PBP non-polymer         . 'p-Bromophenacyl bromide' ?          'C8 H6 Br2 O'    277.941 
PHE 'L-peptide linking' y PHENYLALANINE             ?          'C9 H11 N O2'    165.189 
PRO 'L-peptide linking' y PROLINE                   ?          'C5 H9 N O2'     115.130 
SER 'L-peptide linking' y SERINE                    ?          'C3 H7 N O3'     105.093 
THR 'L-peptide linking' y THREONINE                 ?          'C4 H9 N O3'     119.119 
TRP 'L-peptide linking' y TRYPTOPHAN                ?          'C11 H12 N2 O2'  204.225 
TYR 'L-peptide linking' y TYROSINE                  ?          'C9 H11 N O3'    181.189 
VAL 'L-peptide linking' y VALINE                    ?          'C5 H11 N O2'    117.146 
# 
loop_
_pdbx_poly_seq_scheme.asym_id 
_pdbx_poly_seq_scheme.entity_id 
_pdbx_poly_seq_scheme.seq_id 
_pdbx_poly_seq_scheme.mon_id 
_pdbx_poly_seq_scheme.ndb_seq_num 
_pdbx_poly_seq_scheme.pdb_seq_num 
_pdbx_poly_seq_scheme.auth_seq_num 
_pdbx_poly_seq_scheme.pdb_mon_id 
_pdbx_poly_seq_scheme.auth_mon_id 
_pdbx_poly_seq_scheme.pdb_strand_id 
_pdbx_poly_seq_scheme.pdb_ins_code 
_pdbx_poly_seq_scheme.hetero 
A 1 1   SER 1   1   1   SER SER A . n 
A 1 2   LEU 2   2   2   LEU LEU A . n 
A 1 3   PHE 3   3   3   PHE PHE A . n 
A 1 4   GLU 4   4   4   GLU GLU A . n 
A 1 5   LEU 5   5   5   LEU LEU A . n 
A 1 6   GLY 6   6   6   GLY GLY A . n 
A 1 7   LYS 7   7   7   LYS LYS A . n 
A 1 8   MET 8   8   8   MET MET A . n 
A 1 9   ILE 9   9   9   ILE ILE A . n 
A 1 10  LEU 10  10  10  LEU LEU A . n 
A 1 11  GLN 11  11  11  GLN GLN A . n 
A 1 12  GLU 12  12  12  GLU GLU A . n 
A 1 13  THR 13  13  13  THR THR A . n 
A 1 14  GLY 14  14  15  GLY GLY A . n 
A 1 15  LYS 15  15  16  LYS LYS A . n 
A 1 16  ASN 16  16  17  ASN ASN A . n 
A 1 17  PRO 17  17  18  PRO PRO A . n 
A 1 18  ALA 18  18  19  ALA ALA A . n 
A 1 19  LYS 19  19  20  LYS LYS A . n 
A 1 20  SER 20  20  21  SER SER A . n 
A 1 21  TYR 21  21  22  TYR TYR A . n 
A 1 22  GLY 22  22  23  GLY GLY A . n 
A 1 23  ALA 23  23  24  ALA ALA A . n 
A 1 24  TYR 24  24  25  TYR TYR A . n 
A 1 25  GLY 25  25  26  GLY GLY A . n 
A 1 26  CYS 26  26  27  CYS CYS A . n 
A 1 27  ASN 27  27  28  ASN ASN A . n 
A 1 28  CYS 28  28  29  CYS CYS A . n 
A 1 29  GLY 29  29  30  GLY GLY A . n 
A 1 30  VAL 30  30  31  VAL VAL A . n 
A 1 31  LEU 31  31  32  LEU LEU A . n 
A 1 32  GLY 32  32  33  GLY GLY A . n 
A 1 33  ARG 33  33  34  ARG ARG A . n 
A 1 34  GLY 34  34  35  GLY GLY A . n 
A 1 35  LYS 35  35  36  LYS LYS A . n 
A 1 36  PRO 36  36  37  PRO PRO A . n 
A 1 37  LYS 37  37  38  LYS LYS A . n 
A 1 38  ASP 38  38  39  ASP ASP A . n 
A 1 39  ALA 39  39  40  ALA ALA A . n 
A 1 40  THR 40  40  41  THR THR A . n 
A 1 41  ASP 41  41  42  ASP ASP A . n 
A 1 42  ARG 42  42  43  ARG ARG A . n 
A 1 43  CYS 43  43  44  CYS CYS A . n 
A 1 44  CYS 44  44  45  CYS CYS A . n 
A 1 45  TYR 45  45  46  TYR TYR A . n 
A 1 46  VAL 46  46  47  VAL VAL A . n 
A 1 47  HIS 47  47  48  HIS HIS A . n 
A 1 48  LYS 48  48  49  LYS LYS A . n 
A 1 49  CYS 49  49  50  CYS CYS A . n 
A 1 50  CYS 50  50  51  CYS CYS A . n 
A 1 51  TYR 51  51  52  TYR TYR A . n 
A 1 52  LYS 52  52  53  LYS LYS A . n 
A 1 53  LYS 53  53  57  LYS LYS A . n 
A 1 54  LEU 54  54  58  LEU LEU A . n 
A 1 55  THR 55  55  59  THR THR A . n 
A 1 56  GLY 56  56  60  GLY GLY A . n 
A 1 57  CYS 57  57  61  CYS CYS A . n 
A 1 58  ASP 58  58  67  ASP ASP A . n 
A 1 59  PRO 59  59  68  PRO PRO A . n 
A 1 60  LYS 60  60  69  LYS LYS A . n 
A 1 61  LYS 61  61  70  LYS LYS A . n 
A 1 62  ASP 62  62  71  ASP ASP A . n 
A 1 63  ARG 63  63  72  ARG ARG A . n 
A 1 64  TYR 64  64  73  TYR TYR A . n 
A 1 65  SER 65  65  74  SER SER A . n 
A 1 66  TYR 66  66  75  TYR TYR A . n 
A 1 67  SER 67  67  76  SER SER A . n 
A 1 68  TRP 68  68  77  TRP TRP A . n 
A 1 69  LYS 69  69  78  LYS LYS A . n 
A 1 70  ASP 70  70  79  ASP ASP A . n 
A 1 71  LYS 71  71  80  LYS LYS A . n 
A 1 72  THR 72  72  81  THR THR A . n 
A 1 73  ILE 73  73  82  ILE ILE A . n 
A 1 74  VAL 74  74  83  VAL VAL A . n 
A 1 75  CYS 75  75  84  CYS CYS A . n 
A 1 76  GLY 76  76  85  GLY GLY A . n 
A 1 77  GLU 77  77  86  GLU GLU A . n 
A 1 78  ASN 78  78  87  ASN ASN A . n 
A 1 79  ASN 79  79  88  ASN ASN A . n 
A 1 80  PRO 80  80  90  PRO PRO A . n 
A 1 81  CYS 81  81  91  CYS CYS A . n 
A 1 82  LEU 82  82  92  LEU LEU A . n 
A 1 83  LYS 83  83  93  LYS LYS A . n 
A 1 84  GLU 84  84  94  GLU GLU A . n 
A 1 85  LEU 85  85  95  LEU LEU A . n 
A 1 86  CYS 86  86  96  CYS CYS A . n 
A 1 87  GLU 87  87  97  GLU GLU A . n 
A 1 88  CYS 88  88  98  CYS CYS A . n 
A 1 89  ASP 89  89  99  ASP ASP A . n 
A 1 90  LYS 90  90  100 LYS LYS A . n 
A 1 91  ALA 91  91  101 ALA ALA A . n 
A 1 92  VAL 92  92  102 VAL VAL A . n 
A 1 93  ALA 93  93  103 ALA ALA A . n 
A 1 94  ILE 94  94  104 ILE ILE A . n 
A 1 95  CYS 95  95  105 CYS CYS A . n 
A 1 96  LEU 96  96  106 LEU LEU A . n 
A 1 97  ARG 97  97  107 ARG ARG A . n 
A 1 98  GLU 98  98  108 GLU GLU A . n 
A 1 99  ASN 99  99  109 ASN ASN A . n 
A 1 100 LEU 100 100 110 LEU LEU A . n 
A 1 101 GLY 101 101 111 GLY GLY A . n 
A 1 102 THR 102 102 112 THR THR A . n 
A 1 103 TYR 103 103 113 TYR TYR A . n 
A 1 104 ASN 104 104 114 ASN ASN A . n 
A 1 105 LYS 105 105 115 LYS LYS A . n 
A 1 106 LYS 106 106 116 LYS LYS A . n 
A 1 107 TYR 107 107 117 TYR TYR A . n 
A 1 108 ARG 108 108 118 ARG ARG A . n 
A 1 109 TYR 109 109 119 TYR TYR A . n 
A 1 110 HIS 110 110 120 HIS HIS A . n 
A 1 111 LEU 111 111 121 LEU LEU A . n 
A 1 112 LYS 112 112 122 LYS LYS A . n 
A 1 113 PRO 113 113 123 PRO PRO A . n 
A 1 114 PHE 114 114 125 PHE PHE A . n 
A 1 115 CYS 115 115 126 CYS CYS A . n 
A 1 116 LYS 116 116 127 LYS LYS A . n 
A 1 117 LYS 117 117 130 LYS LYS A . n 
A 1 118 ALA 118 118 131 ALA ALA A . n 
A 1 119 ASP 119 119 132 ASP ASP A . n 
A 1 120 PRO 120 120 133 PRO PRO A . n 
A 1 121 CYS 121 121 133 CYS CYS A . n 
# 
loop_
_pdbx_nonpoly_scheme.asym_id 
_pdbx_nonpoly_scheme.entity_id 
_pdbx_nonpoly_scheme.mon_id 
_pdbx_nonpoly_scheme.ndb_seq_num 
_pdbx_nonpoly_scheme.pdb_seq_num 
_pdbx_nonpoly_scheme.auth_seq_num 
_pdbx_nonpoly_scheme.pdb_mon_id 
_pdbx_nonpoly_scheme.auth_mon_id 
_pdbx_nonpoly_scheme.pdb_strand_id 
_pdbx_nonpoly_scheme.pdb_ins_code 
B 2 PBP 1   201 201 PBP PBP A . 
C 3 IPA 1   211 211 IPA IPA A . 
D 4 HOH 1   301 301 HOH HOH A . 
D 4 HOH 2   302 302 HOH HOH A . 
D 4 HOH 3   303 303 HOH HOH A . 
D 4 HOH 4   304 304 HOH HOH A . 
D 4 HOH 5   305 305 HOH HOH A . 
D 4 HOH 6   306 306 HOH HOH A . 
D 4 HOH 7   307 307 HOH HOH A . 
D 4 HOH 8   308 308 HOH HOH A . 
D 4 HOH 9   309 309 HOH HOH A . 
D 4 HOH 10  310 310 HOH HOH A . 
D 4 HOH 11  311 311 HOH HOH A . 
D 4 HOH 12  312 312 HOH HOH A . 
D 4 HOH 13  313 313 HOH HOH A . 
D 4 HOH 14  314 314 HOH HOH A . 
D 4 HOH 15  315 315 HOH HOH A . 
D 4 HOH 16  316 316 HOH HOH A . 
D 4 HOH 17  317 317 HOH HOH A . 
D 4 HOH 18  318 318 HOH HOH A . 
D 4 HOH 19  319 319 HOH HOH A . 
D 4 HOH 20  320 320 HOH HOH A . 
D 4 HOH 21  321 321 HOH HOH A . 
D 4 HOH 22  322 322 HOH HOH A . 
D 4 HOH 23  323 323 HOH HOH A . 
D 4 HOH 24  324 324 HOH HOH A . 
D 4 HOH 25  325 325 HOH HOH A . 
D 4 HOH 26  326 326 HOH HOH A . 
D 4 HOH 27  327 327 HOH HOH A . 
D 4 HOH 28  328 328 HOH HOH A . 
D 4 HOH 29  329 329 HOH HOH A . 
D 4 HOH 30  330 330 HOH HOH A . 
D 4 HOH 31  331 331 HOH HOH A . 
D 4 HOH 32  332 332 HOH HOH A . 
D 4 HOH 33  333 333 HOH HOH A . 
D 4 HOH 34  334 334 HOH HOH A . 
D 4 HOH 35  335 335 HOH HOH A . 
D 4 HOH 36  336 336 HOH HOH A . 
D 4 HOH 37  337 337 HOH HOH A . 
D 4 HOH 38  338 338 HOH HOH A . 
D 4 HOH 39  339 339 HOH HOH A . 
D 4 HOH 40  340 340 HOH HOH A . 
D 4 HOH 41  341 341 HOH HOH A . 
D 4 HOH 42  342 342 HOH HOH A . 
D 4 HOH 43  343 343 HOH HOH A . 
D 4 HOH 44  344 344 HOH HOH A . 
D 4 HOH 45  345 345 HOH HOH A . 
D 4 HOH 46  346 346 HOH HOH A . 
D 4 HOH 47  347 347 HOH HOH A . 
D 4 HOH 48  348 348 HOH HOH A . 
D 4 HOH 49  349 349 HOH HOH A . 
D 4 HOH 50  350 350 HOH HOH A . 
D 4 HOH 51  351 351 HOH HOH A . 
D 4 HOH 52  352 352 HOH HOH A . 
D 4 HOH 53  353 353 HOH HOH A . 
D 4 HOH 54  354 354 HOH HOH A . 
D 4 HOH 55  355 355 HOH HOH A . 
D 4 HOH 56  356 356 HOH HOH A . 
D 4 HOH 57  357 357 HOH HOH A . 
D 4 HOH 58  358 358 HOH HOH A . 
D 4 HOH 59  359 359 HOH HOH A . 
D 4 HOH 60  360 360 HOH HOH A . 
D 4 HOH 61  361 361 HOH HOH A . 
D 4 HOH 62  362 362 HOH HOH A . 
D 4 HOH 63  363 363 HOH HOH A . 
D 4 HOH 64  364 364 HOH HOH A . 
D 4 HOH 65  365 365 HOH HOH A . 
D 4 HOH 66  366 366 HOH HOH A . 
D 4 HOH 67  367 367 HOH HOH A . 
D 4 HOH 68  368 368 HOH HOH A . 
D 4 HOH 69  369 369 HOH HOH A . 
D 4 HOH 70  370 370 HOH HOH A . 
D 4 HOH 71  371 371 HOH HOH A . 
D 4 HOH 72  372 372 HOH HOH A . 
D 4 HOH 73  373 373 HOH HOH A . 
D 4 HOH 74  374 374 HOH HOH A . 
D 4 HOH 75  375 375 HOH HOH A . 
D 4 HOH 76  376 376 HOH HOH A . 
D 4 HOH 77  377 377 HOH HOH A . 
D 4 HOH 78  378 378 HOH HOH A . 
D 4 HOH 79  379 379 HOH HOH A . 
D 4 HOH 80  380 380 HOH HOH A . 
D 4 HOH 81  381 381 HOH HOH A . 
D 4 HOH 82  382 382 HOH HOH A . 
D 4 HOH 83  383 383 HOH HOH A . 
D 4 HOH 84  384 384 HOH HOH A . 
D 4 HOH 85  385 385 HOH HOH A . 
D 4 HOH 86  386 386 HOH HOH A . 
D 4 HOH 87  387 387 HOH HOH A . 
D 4 HOH 88  388 388 HOH HOH A . 
D 4 HOH 89  389 389 HOH HOH A . 
D 4 HOH 90  390 390 HOH HOH A . 
D 4 HOH 91  391 391 HOH HOH A . 
D 4 HOH 92  392 392 HOH HOH A . 
D 4 HOH 93  393 393 HOH HOH A . 
D 4 HOH 94  394 394 HOH HOH A . 
D 4 HOH 95  395 395 HOH HOH A . 
D 4 HOH 96  396 396 HOH HOH A . 
D 4 HOH 97  397 397 HOH HOH A . 
D 4 HOH 98  398 398 HOH HOH A . 
D 4 HOH 99  399 399 HOH HOH A . 
D 4 HOH 100 400 400 HOH HOH A . 
D 4 HOH 101 401 401 HOH HOH A . 
D 4 HOH 102 402 402 HOH HOH A . 
D 4 HOH 103 403 403 HOH HOH A . 
D 4 HOH 104 404 404 HOH HOH A . 
D 4 HOH 105 405 405 HOH HOH A . 
D 4 HOH 106 406 406 HOH HOH A . 
D 4 HOH 107 407 407 HOH HOH A . 
D 4 HOH 108 408 408 HOH HOH A . 
D 4 HOH 109 409 409 HOH HOH A . 
D 4 HOH 110 410 410 HOH HOH A . 
D 4 HOH 111 411 411 HOH HOH A . 
D 4 HOH 112 412 412 HOH HOH A . 
D 4 HOH 113 413 413 HOH HOH A . 
D 4 HOH 114 414 414 HOH HOH A . 
D 4 HOH 115 415 415 HOH HOH A . 
D 4 HOH 116 416 416 HOH HOH A . 
D 4 HOH 117 417 417 HOH HOH A . 
D 4 HOH 118 418 418 HOH HOH A . 
D 4 HOH 119 419 419 HOH HOH A . 
D 4 HOH 120 420 420 HOH HOH A . 
D 4 HOH 121 421 421 HOH HOH A . 
D 4 HOH 122 422 422 HOH HOH A . 
D 4 HOH 123 423 423 HOH HOH A . 
D 4 HOH 124 424 424 HOH HOH A . 
D 4 HOH 125 425 425 HOH HOH A . 
D 4 HOH 126 426 426 HOH HOH A . 
D 4 HOH 127 427 427 HOH HOH A . 
D 4 HOH 128 428 428 HOH HOH A . 
D 4 HOH 129 429 429 HOH HOH A . 
D 4 HOH 130 430 430 HOH HOH A . 
D 4 HOH 131 431 431 HOH HOH A . 
D 4 HOH 132 432 432 HOH HOH A . 
D 4 HOH 133 433 433 HOH HOH A . 
D 4 HOH 134 434 434 HOH HOH A . 
D 4 HOH 135 435 435 HOH HOH A . 
D 4 HOH 136 436 436 HOH HOH A . 
D 4 HOH 137 437 437 HOH HOH A . 
D 4 HOH 138 438 438 HOH HOH A . 
D 4 HOH 139 439 439 HOH HOH A . 
D 4 HOH 140 440 440 HOH HOH A . 
D 4 HOH 141 441 441 HOH HOH A . 
D 4 HOH 142 442 442 HOH HOH A . 
D 4 HOH 143 443 443 HOH HOH A . 
D 4 HOH 144 444 444 HOH HOH A . 
D 4 HOH 145 445 445 HOH HOH A . 
D 4 HOH 146 446 446 HOH HOH A . 
D 4 HOH 147 447 447 HOH HOH A . 
D 4 HOH 148 448 448 HOH HOH A . 
D 4 HOH 149 449 449 HOH HOH A . 
D 4 HOH 150 450 450 HOH HOH A . 
D 4 HOH 151 451 451 HOH HOH A . 
D 4 HOH 152 452 452 HOH HOH A . 
D 4 HOH 153 453 453 HOH HOH A . 
D 4 HOH 154 454 454 HOH HOH A . 
D 4 HOH 155 455 455 HOH HOH A . 
D 4 HOH 156 456 456 HOH HOH A . 
D 4 HOH 157 457 457 HOH HOH A . 
D 4 HOH 158 458 458 HOH HOH A . 
D 4 HOH 159 459 459 HOH HOH A . 
D 4 HOH 160 460 460 HOH HOH A . 
D 4 HOH 161 461 461 HOH HOH A . 
D 4 HOH 162 462 462 HOH HOH A . 
D 4 HOH 163 463 463 HOH HOH A . 
D 4 HOH 164 464 464 HOH HOH A . 
D 4 HOH 165 465 465 HOH HOH A . 
D 4 HOH 166 466 466 HOH HOH A . 
D 4 HOH 167 467 467 HOH HOH A . 
D 4 HOH 168 468 468 HOH HOH A . 
D 4 HOH 169 469 469 HOH HOH A . 
D 4 HOH 170 470 470 HOH HOH A . 
D 4 HOH 171 471 471 HOH HOH A . 
D 4 HOH 172 472 472 HOH HOH A . 
D 4 HOH 173 473 473 HOH HOH A . 
D 4 HOH 174 474 474 HOH HOH A . 
D 4 HOH 175 475 475 HOH HOH A . 
D 4 HOH 176 476 476 HOH HOH A . 
D 4 HOH 177 477 477 HOH HOH A . 
D 4 HOH 178 478 478 HOH HOH A . 
D 4 HOH 179 479 479 HOH HOH A . 
D 4 HOH 180 480 480 HOH HOH A . 
D 4 HOH 181 481 481 HOH HOH A . 
D 4 HOH 182 482 482 HOH HOH A . 
D 4 HOH 183 483 483 HOH HOH A . 
D 4 HOH 184 484 484 HOH HOH A . 
D 4 HOH 185 485 485 HOH HOH A . 
D 4 HOH 186 486 486 HOH HOH A . 
D 4 HOH 187 487 487 HOH HOH A . 
D 4 HOH 188 488 488 HOH HOH A . 
D 4 HOH 189 489 489 HOH HOH A . 
D 4 HOH 190 490 490 HOH HOH A . 
D 4 HOH 191 491 491 HOH HOH A . 
D 4 HOH 192 492 492 HOH HOH A . 
D 4 HOH 193 493 493 HOH HOH A . 
D 4 HOH 194 494 494 HOH HOH A . 
D 4 HOH 195 495 495 HOH HOH A . 
D 4 HOH 196 496 496 HOH HOH A . 
D 4 HOH 197 497 497 HOH HOH A . 
D 4 HOH 198 498 498 HOH HOH A . 
D 4 HOH 199 499 499 HOH HOH A . 
D 4 HOH 200 500 500 HOH HOH A . 
D 4 HOH 201 501 501 HOH HOH A . 
D 4 HOH 202 502 502 HOH HOH A . 
D 4 HOH 203 503 503 HOH HOH A . 
D 4 HOH 204 504 504 HOH HOH A . 
D 4 HOH 205 505 505 HOH HOH A . 
D 4 HOH 206 506 506 HOH HOH A . 
D 4 HOH 207 507 507 HOH HOH A . 
D 4 HOH 208 508 508 HOH HOH A . 
D 4 HOH 209 509 509 HOH HOH A . 
D 4 HOH 210 510 510 HOH HOH A . 
D 4 HOH 211 511 511 HOH HOH A . 
D 4 HOH 212 512 512 HOH HOH A . 
D 4 HOH 213 513 513 HOH HOH A . 
D 4 HOH 214 514 514 HOH HOH A . 
D 4 HOH 215 515 515 HOH HOH A . 
D 4 HOH 216 516 516 HOH HOH A . 
D 4 HOH 217 517 517 HOH HOH A . 
D 4 HOH 218 518 518 HOH HOH A . 
D 4 HOH 219 519 519 HOH HOH A . 
D 4 HOH 220 520 520 HOH HOH A . 
D 4 HOH 221 521 521 HOH HOH A . 
D 4 HOH 222 522 522 HOH HOH A . 
D 4 HOH 223 523 523 HOH HOH A . 
D 4 HOH 224 524 524 HOH HOH A . 
D 4 HOH 225 525 525 HOH HOH A . 
D 4 HOH 226 526 526 HOH HOH A . 
D 4 HOH 227 527 527 HOH HOH A . 
D 4 HOH 228 528 528 HOH HOH A . 
D 4 HOH 229 529 529 HOH HOH A . 
D 4 HOH 230 530 530 HOH HOH A . 
D 4 HOH 231 531 531 HOH HOH A . 
D 4 HOH 232 532 532 HOH HOH A . 
D 4 HOH 233 533 533 HOH HOH A . 
D 4 HOH 234 534 534 HOH HOH A . 
D 4 HOH 235 535 535 HOH HOH A . 
D 4 HOH 236 536 536 HOH HOH A . 
D 4 HOH 237 537 537 HOH HOH A . 
D 4 HOH 238 538 538 HOH HOH A . 
D 4 HOH 239 539 539 HOH HOH A . 
D 4 HOH 240 540 540 HOH HOH A . 
D 4 HOH 241 541 541 HOH HOH A . 
D 4 HOH 242 542 542 HOH HOH A . 
D 4 HOH 243 543 543 HOH HOH A . 
D 4 HOH 244 544 544 HOH HOH A . 
D 4 HOH 245 545 545 HOH HOH A . 
D 4 HOH 246 546 546 HOH HOH A . 
D 4 HOH 247 547 547 HOH HOH A . 
D 4 HOH 248 548 548 HOH HOH A . 
D 4 HOH 249 549 549 HOH HOH A . 
D 4 HOH 250 550 550 HOH HOH A . 
D 4 HOH 251 551 551 HOH HOH A . 
D 4 HOH 252 552 552 HOH HOH A . 
D 4 HOH 253 553 553 HOH HOH A . 
D 4 HOH 254 554 554 HOH HOH A . 
D 4 HOH 255 555 555 HOH HOH A . 
D 4 HOH 256 556 556 HOH HOH A . 
D 4 HOH 257 557 557 HOH HOH A . 
D 4 HOH 258 558 558 HOH HOH A . 
D 4 HOH 259 559 559 HOH HOH A . 
D 4 HOH 260 560 560 HOH HOH A . 
D 4 HOH 261 561 561 HOH HOH A . 
D 4 HOH 262 562 562 HOH HOH A . 
D 4 HOH 263 563 563 HOH HOH A . 
D 4 HOH 264 564 564 HOH HOH A . 
D 4 HOH 265 565 565 HOH HOH A . 
D 4 HOH 266 566 566 HOH HOH A . 
D 4 HOH 267 567 567 HOH HOH A . 
D 4 HOH 268 568 568 HOH HOH A . 
D 4 HOH 269 569 569 HOH HOH A . 
D 4 HOH 270 570 570 HOH HOH A . 
D 4 HOH 271 571 571 HOH HOH A . 
D 4 HOH 272 572 572 HOH HOH A . 
D 4 HOH 273 573 573 HOH HOH A . 
D 4 HOH 274 574 574 HOH HOH A . 
D 4 HOH 275 575 575 HOH HOH A . 
D 4 HOH 276 576 576 HOH HOH A . 
D 4 HOH 277 577 577 HOH HOH A . 
D 4 HOH 278 578 578 HOH HOH A . 
D 4 HOH 279 579 579 HOH HOH A . 
D 4 HOH 280 580 580 HOH HOH A . 
D 4 HOH 281 581 581 HOH HOH A . 
D 4 HOH 282 582 582 HOH HOH A . 
D 4 HOH 283 583 583 HOH HOH A . 
D 4 HOH 284 584 584 HOH HOH A . 
D 4 HOH 285 585 585 HOH HOH A . 
D 4 HOH 286 586 586 HOH HOH A . 
D 4 HOH 287 587 587 HOH HOH A . 
D 4 HOH 288 588 588 HOH HOH A . 
D 4 HOH 289 589 589 HOH HOH A . 
D 4 HOH 290 590 590 HOH HOH A . 
D 4 HOH 291 591 591 HOH HOH A . 
D 4 HOH 292 592 592 HOH HOH A . 
D 4 HOH 293 593 593 HOH HOH A . 
D 4 HOH 294 594 594 HOH HOH A . 
D 4 HOH 295 595 595 HOH HOH A . 
D 4 HOH 296 596 596 HOH HOH A . 
D 4 HOH 297 597 597 HOH HOH A . 
D 4 HOH 298 598 598 HOH HOH A . 
D 4 HOH 299 599 599 HOH HOH A . 
D 4 HOH 300 600 600 HOH HOH A . 
D 4 HOH 301 601 601 HOH HOH A . 
D 4 HOH 302 602 602 HOH HOH A . 
D 4 HOH 303 603 603 HOH HOH A . 
D 4 HOH 304 604 604 HOH HOH A . 
D 4 HOH 305 605 605 HOH HOH A . 
D 4 HOH 306 606 606 HOH HOH A . 
D 4 HOH 307 607 607 HOH HOH A . 
D 4 HOH 308 608 608 HOH HOH A . 
D 4 HOH 309 609 609 HOH HOH A . 
D 4 HOH 310 610 610 HOH HOH A . 
D 4 HOH 311 611 611 HOH HOH A . 
D 4 HOH 312 612 612 HOH HOH A . 
D 4 HOH 313 613 613 HOH HOH A . 
D 4 HOH 314 614 614 HOH HOH A . 
D 4 HOH 315 615 615 HOH HOH A . 
D 4 HOH 316 616 616 HOH HOH A . 
D 4 HOH 317 617 617 HOH HOH A . 
D 4 HOH 318 618 618 HOH HOH A . 
D 4 HOH 319 619 619 HOH HOH A . 
D 4 HOH 320 620 620 HOH HOH A . 
D 4 HOH 321 621 621 HOH HOH A . 
D 4 HOH 322 622 622 HOH HOH A . 
D 4 HOH 323 623 623 HOH HOH A . 
D 4 HOH 324 624 624 HOH HOH A . 
D 4 HOH 325 625 625 HOH HOH A . 
D 4 HOH 326 626 626 HOH HOH A . 
D 4 HOH 327 627 627 HOH HOH A . 
D 4 HOH 328 628 628 HOH HOH A . 
D 4 HOH 329 629 629 HOH HOH A . 
D 4 HOH 330 630 630 HOH HOH A . 
D 4 HOH 331 631 631 HOH HOH A . 
D 4 HOH 332 632 632 HOH HOH A . 
D 4 HOH 333 633 633 HOH HOH A . 
D 4 HOH 334 634 634 HOH HOH A . 
D 4 HOH 335 635 635 HOH HOH A . 
D 4 HOH 336 636 636 HOH HOH A . 
D 4 HOH 337 637 637 HOH HOH A . 
D 4 HOH 338 638 638 HOH HOH A . 
D 4 HOH 339 639 639 HOH HOH A . 
D 4 HOH 340 640 640 HOH HOH A . 
D 4 HOH 341 641 641 HOH HOH A . 
D 4 HOH 342 642 642 HOH HOH A . 
D 4 HOH 343 643 643 HOH HOH A . 
D 4 HOH 344 644 644 HOH HOH A . 
D 4 HOH 345 645 645 HOH HOH A . 
D 4 HOH 346 646 646 HOH HOH A . 
D 4 HOH 347 647 647 HOH HOH A . 
D 4 HOH 348 648 648 HOH HOH A . 
D 4 HOH 349 649 649 HOH HOH A . 
D 4 HOH 350 650 650 HOH HOH A . 
D 4 HOH 351 651 651 HOH HOH A . 
# 
loop_
_software.name 
_software.classification 
_software.version 
_software.citation_id 
_software.pdbx_ordinal 
HKL-2000 'data collection' .        ? 1 
AMoRE    phasing           .        ? 2 
REFMAC   refinement        5.2.0019 ? 3 
HKL-2000 'data reduction'  .        ? 4 
HKL-2000 'data scaling'    .        ? 5 
# 
_cell.entry_id           3I03 
_cell.length_a           56.846 
_cell.length_b           78.294 
_cell.length_c           66.615 
_cell.angle_alpha        90.00 
_cell.angle_beta         90.00 
_cell.angle_gamma        90.00 
_cell.Z_PDB              8 
_cell.pdbx_unique_axis   ? 
_cell.length_a_esd       ? 
_cell.length_b_esd       ? 
_cell.length_c_esd       ? 
_cell.angle_alpha_esd    ? 
_cell.angle_beta_esd     ? 
_cell.angle_gamma_esd    ? 
# 
_symmetry.entry_id                         3I03 
_symmetry.space_group_name_H-M             'C 2 2 21' 
_symmetry.pdbx_full_space_group_name_H-M   ? 
_symmetry.cell_setting                     ? 
_symmetry.Int_Tables_number                20 
_symmetry.space_group_name_Hall            ? 
# 
_exptl.entry_id          3I03 
_exptl.method            'X-RAY DIFFRACTION' 
_exptl.crystals_number   1 
# 
_exptl_crystal.id                    1 
_exptl_crystal.density_meas          ? 
_exptl_crystal.density_Matthews      2.66 
_exptl_crystal.density_percent_sol   53.70 
_exptl_crystal.description           ? 
_exptl_crystal.F_000                 ? 
_exptl_crystal.preparation           ? 
# 
_exptl_crystal_grow.crystal_id      1 
_exptl_crystal_grow.method          'VAPOR DIFFUSION, HANGING DROP' 
_exptl_crystal_grow.temp            283 
_exptl_crystal_grow.temp_details    ? 
_exptl_crystal_grow.pH              5.8 
_exptl_crystal_grow.pdbx_pH_range   ? 
_exptl_crystal_grow.pdbx_details    
'20% w/v PEG 4000, 20% v/v Isopropanol, 0.1 M Sodium citrate pH 6.0, VAPOR DIFFUSION, HANGING DROP, temperature 283K' 
# 
_diffrn.id                     1 
_diffrn.ambient_temp           100 
_diffrn.ambient_temp_details   ? 
_diffrn.crystal_id             1 
# 
_diffrn_detector.diffrn_id              1 
_diffrn_detector.detector               CCD 
_diffrn_detector.type                   'MARMOSAIC 225 mm CCD' 
_diffrn_detector.pdbx_collection_date   2007-04-18 
_diffrn_detector.details                ? 
# 
_diffrn_radiation.diffrn_id                        1 
_diffrn_radiation.wavelength_id                    1 
_diffrn_radiation.pdbx_monochromatic_or_laue_m_l   M 
_diffrn_radiation.monochromator                    'Si(111) double crystal' 
_diffrn_radiation.pdbx_diffrn_protocol             'SINGLE WAVELENGTH' 
_diffrn_radiation.pdbx_scattering_type             x-ray 
# 
_diffrn_radiation_wavelength.id           1 
_diffrn_radiation_wavelength.wavelength   1.425 
_diffrn_radiation_wavelength.wt           1.0 
# 
_diffrn_source.diffrn_id                   1 
_diffrn_source.source                      SYNCHROTRON 
_diffrn_source.type                        'LNLS BEAMLINE W01B-MX2' 
_diffrn_source.pdbx_synchrotron_site       LNLS 
_diffrn_source.pdbx_synchrotron_beamline   W01B-MX2 
_diffrn_source.pdbx_wavelength             ? 
_diffrn_source.pdbx_wavelength_list        1.425 
# 
_reflns.entry_id                     3I03 
_reflns.observed_criterion_sigma_I   1.0 
_reflns.observed_criterion_sigma_F   ? 
_reflns.d_resolution_low             50.0 
_reflns.d_resolution_high            1.48 
_reflns.number_obs                   22198 
_reflns.number_all                   22361 
_reflns.percent_possible_obs         99.27 
_reflns.pdbx_Rmerge_I_obs            ? 
_reflns.pdbx_Rsym_value              ? 
_reflns.pdbx_netI_over_sigmaI        ? 
_reflns.B_iso_Wilson_estimate        24.80 
_reflns.pdbx_redundancy              ? 
_reflns.R_free_details               ? 
_reflns.limit_h_max                  ? 
_reflns.limit_h_min                  ? 
_reflns.limit_k_max                  ? 
_reflns.limit_k_min                  ? 
_reflns.limit_l_max                  ? 
_reflns.limit_l_min                  ? 
_reflns.observed_criterion_F_max     ? 
_reflns.observed_criterion_F_min     ? 
_reflns.pdbx_chi_squared             ? 
_reflns.pdbx_scaling_rejects         ? 
_reflns.pdbx_ordinal                 1 
_reflns.pdbx_diffrn_id               1 
# 
_reflns_shell.d_res_high             1.48 
_reflns_shell.d_res_low              1.53 
_reflns_shell.percent_possible_all   ? 
_reflns_shell.Rmerge_I_obs           ? 
_reflns_shell.pdbx_Rsym_value        ? 
_reflns_shell.meanI_over_sigI_obs    ? 
_reflns_shell.pdbx_redundancy        ? 
_reflns_shell.percent_possible_obs   ? 
_reflns_shell.number_unique_all      ? 
_reflns_shell.number_measured_all    ? 
_reflns_shell.number_measured_obs    ? 
_reflns_shell.number_unique_obs      ? 
_reflns_shell.pdbx_chi_squared       ? 
_reflns_shell.pdbx_ordinal           1 
_reflns_shell.pdbx_diffrn_id         1 
# 
_refine.pdbx_refine_id                           'X-RAY DIFFRACTION' 
_refine.entry_id                                 3I03 
_refine.ls_number_reflns_obs                     22198 
_refine.ls_number_reflns_all                     22361 
_refine.pdbx_ls_sigma_I                          ? 
_refine.pdbx_ls_sigma_F                          ? 
_refine.pdbx_data_cutoff_high_absF               ? 
_refine.pdbx_data_cutoff_low_absF                ? 
_refine.pdbx_data_cutoff_high_rms_absF           ? 
_refine.ls_d_res_low                             45.98 
_refine.ls_d_res_high                            1.48 
_refine.ls_percent_reflns_obs                    88.27 
_refine.ls_R_factor_obs                          0.20732 
_refine.ls_R_factor_all                          ? 
_refine.ls_R_factor_R_work                       0.20646 
_refine.ls_R_factor_R_free                       0.22294 
_refine.ls_R_factor_R_free_error                 ? 
_refine.ls_R_factor_R_free_error_details         ? 
_refine.ls_percent_reflns_R_free                 5.1 
_refine.ls_number_reflns_R_free                  1138 
_refine.ls_number_parameters                     ? 
_refine.ls_number_restraints                     ? 
_refine.occupancy_min                            ? 
_refine.occupancy_max                            ? 
_refine.correlation_coeff_Fo_to_Fc               0.960 
_refine.correlation_coeff_Fo_to_Fc_free          0.952 
_refine.B_iso_mean                               27.884 
_refine.aniso_B[1][1]                            -0.15 
_refine.aniso_B[2][2]                            0.07 
_refine.aniso_B[3][3]                            0.07 
_refine.aniso_B[1][2]                            0.00 
_refine.aniso_B[1][3]                            0.00 
_refine.aniso_B[2][3]                            0.00 
_refine.solvent_model_details                    MASK 
_refine.solvent_model_param_ksol                 ? 
_refine.solvent_model_param_bsol                 ? 
_refine.pdbx_solvent_vdw_probe_radii             1.20 
_refine.pdbx_solvent_ion_probe_radii             0.80 
_refine.pdbx_solvent_shrinkage_radii             0.80 
_refine.pdbx_ls_cross_valid_method               THROUGHOUT 
_refine.details                                  'HYDROGENS HAVE BEEN ADDED IN THE RIDING POSITIONS' 
_refine.pdbx_starting_model                      'PDB entry 3HZW' 
_refine.pdbx_method_to_determine_struct          'MOLECULAR REPLACEMENT' 
_refine.pdbx_isotropic_thermal_model             OVERALL 
_refine.pdbx_stereochemistry_target_values       'MAXIMUM LIKELIHOOD' 
_refine.pdbx_stereochem_target_val_spec_case     ? 
_refine.pdbx_R_Free_selection_details            RANDOM 
_refine.pdbx_overall_ESU_R                       0.095 
_refine.pdbx_overall_ESU_R_Free                  0.088 
_refine.overall_SU_ML                            0.051 
_refine.pdbx_overall_phase_error                 ? 
_refine.overall_SU_B                             1.304 
_refine.ls_redundancy_reflns_obs                 ? 
_refine.B_iso_min                                ? 
_refine.B_iso_max                                ? 
_refine.overall_SU_R_Cruickshank_DPI             ? 
_refine.overall_SU_R_free                        ? 
_refine.ls_wR_factor_R_free                      ? 
_refine.ls_wR_factor_R_work                      ? 
_refine.overall_FOM_free_R_set                   ? 
_refine.overall_FOM_work_R_set                   ? 
_refine.pdbx_diffrn_id                           1 
_refine.pdbx_TLS_residual_ADP_flag               ? 
_refine.pdbx_overall_SU_R_free_Cruickshank_DPI   ? 
_refine.pdbx_overall_SU_R_Blow_DPI               ? 
_refine.pdbx_overall_SU_R_free_Blow_DPI          ? 
# 
_refine_analyze.pdbx_refine_id                  'X-RAY DIFFRACTION' 
_refine_analyze.entry_id                        3I03 
_refine_analyze.Luzzati_coordinate_error_obs    0.18 
_refine_analyze.Luzzati_sigma_a_obs             0.08 
_refine_analyze.Luzzati_d_res_low_obs           5.00 
_refine_analyze.Luzzati_coordinate_error_free   0.23 
_refine_analyze.Luzzati_sigma_a_free            0.08 
_refine_analyze.Luzzati_d_res_low_free          ? 
_refine_analyze.number_disordered_residues      ? 
_refine_analyze.occupancy_sum_hydrogen          ? 
_refine_analyze.occupancy_sum_non_hydrogen      ? 
_refine_analyze.pdbx_Luzzati_d_res_high_obs     ? 
# 
_refine_hist.pdbx_refine_id                   'X-RAY DIFFRACTION' 
_refine_hist.cycle_id                         LAST 
_refine_hist.pdbx_number_atoms_protein        952 
_refine_hist.pdbx_number_atoms_nucleic_acid   0 
_refine_hist.pdbx_number_atoms_ligand         14 
_refine_hist.number_atoms_solvent             351 
_refine_hist.number_atoms_total               1317 
_refine_hist.d_res_high                       1.48 
_refine_hist.d_res_low                        45.98 
# 
loop_
_refine_ls_restr.type 
_refine_ls_restr.dev_ideal 
_refine_ls_restr.dev_ideal_target 
_refine_ls_restr.weight 
_refine_ls_restr.number 
_refine_ls_restr.pdbx_refine_id 
_refine_ls_restr.pdbx_restraint_function 
r_bond_refined_d             0.013  0.022  ? 985  'X-RAY DIFFRACTION' ? 
r_bond_other_d               ?      ?      ? ?    'X-RAY DIFFRACTION' ? 
r_angle_refined_deg          2.177  2.017  ? 1308 'X-RAY DIFFRACTION' ? 
r_angle_other_deg            ?      ?      ? ?    'X-RAY DIFFRACTION' ? 
r_dihedral_angle_1_deg       4.632  5.000  ? 111  'X-RAY DIFFRACTION' ? 
r_dihedral_angle_2_deg       37.260 23.947 ? 38   'X-RAY DIFFRACTION' ? 
r_dihedral_angle_3_deg       14.674 15.000 ? 187  'X-RAY DIFFRACTION' ? 
r_dihedral_angle_4_deg       22.540 15.000 ? 5    'X-RAY DIFFRACTION' ? 
r_chiral_restr               0.097  0.200  ? 134  'X-RAY DIFFRACTION' ? 
r_gen_planes_refined         0.020  0.020  ? 696  'X-RAY DIFFRACTION' ? 
r_gen_planes_other           ?      ?      ? ?    'X-RAY DIFFRACTION' ? 
r_nbd_refined                0.341  0.200  ? 775  'X-RAY DIFFRACTION' ? 
r_nbd_other                  ?      ?      ? ?    'X-RAY DIFFRACTION' ? 
r_nbtor_refined              0.324  0.200  ? 673  'X-RAY DIFFRACTION' ? 
r_nbtor_other                ?      ?      ? ?    'X-RAY DIFFRACTION' ? 
r_xyhbond_nbd_refined        0.155  0.200  ? 356  'X-RAY DIFFRACTION' ? 
r_xyhbond_nbd_other          ?      ?      ? ?    'X-RAY DIFFRACTION' ? 
r_metal_ion_refined          ?      ?      ? ?    'X-RAY DIFFRACTION' ? 
r_metal_ion_other            ?      ?      ? ?    'X-RAY DIFFRACTION' ? 
r_symmetry_vdw_refined       0.145  0.200  ? 58   'X-RAY DIFFRACTION' ? 
r_symmetry_vdw_other         ?      ?      ? ?    'X-RAY DIFFRACTION' ? 
r_symmetry_hbond_refined     0.174  0.200  ? 61   'X-RAY DIFFRACTION' ? 
r_symmetry_hbond_other       ?      ?      ? ?    'X-RAY DIFFRACTION' ? 
r_symmetry_metal_ion_refined ?      ?      ? ?    'X-RAY DIFFRACTION' ? 
r_symmetry_metal_ion_other   ?      ?      ? ?    'X-RAY DIFFRACTION' ? 
r_mcbond_it                  0.817  1.500  ? 607  'X-RAY DIFFRACTION' ? 
r_mcbond_other               ?      ?      ? ?    'X-RAY DIFFRACTION' ? 
r_mcangle_it                 1.253  2.000  ? 935  'X-RAY DIFFRACTION' ? 
r_scbond_it                  1.728  3.000  ? 401  'X-RAY DIFFRACTION' ? 
r_scangle_it                 2.665  4.500  ? 373  'X-RAY DIFFRACTION' ? 
r_rigid_bond_restr           ?      ?      ? ?    'X-RAY DIFFRACTION' ? 
r_sphericity_free            ?      ?      ? ?    'X-RAY DIFFRACTION' ? 
r_sphericity_bonded          ?      ?      ? ?    'X-RAY DIFFRACTION' ? 
# 
_refine_ls_shell.pdbx_refine_id                   'X-RAY DIFFRACTION' 
_refine_ls_shell.pdbx_total_number_of_bins_used   20 
_refine_ls_shell.d_res_high                       1.480 
_refine_ls_shell.d_res_low                        1.518 
_refine_ls_shell.number_reflns_R_work             1533 
_refine_ls_shell.R_factor_R_work                  0.394 
_refine_ls_shell.percent_reflns_obs               88.25 
_refine_ls_shell.R_factor_R_free                  0.408 
_refine_ls_shell.R_factor_R_free_error            ? 
_refine_ls_shell.percent_reflns_R_free            ? 
_refine_ls_shell.number_reflns_R_free             82 
_refine_ls_shell.number_reflns_all                ? 
_refine_ls_shell.R_factor_all                     ? 
_refine_ls_shell.redundancy_reflns_obs            ? 
_refine_ls_shell.number_reflns_obs                ? 
# 
loop_
_pdbx_xplor_file.pdbx_refine_id 
_pdbx_xplor_file.serial_no 
_pdbx_xplor_file.param_file 
_pdbx_xplor_file.topol_file 
'X-RAY DIFFRACTION' 1 protein         protein       
'X-RAY DIFFRACTION' 2 water_rep.param water_rep.top 
'X-RAY DIFFRACTION' 3 isopropanol     isopropanol   
# 
_struct.entry_id                  3I03 
_struct.title                     
'Crystal structure of bothropstoxin-I chemically modified by p-bromophenacyl bromide (BPB) - monomeric form at a high resolution' 
_struct.pdbx_model_details        ? 
_struct.pdbx_CASP_flag            ? 
_struct.pdbx_model_type_details   ? 
# 
_struct_keywords.entry_id        3I03 
_struct_keywords.pdbx_keywords   TOXIN 
_struct_keywords.text            
;Lys49-PLA2s, Phospholipase homologue, bothropstoxin-I, p-bromophenacyl bromide, myotoxicity, Antibiotic, Antimicrobial, Disulfide bond, Myotoxin, Secreted, Toxin
;
# 
loop_
_struct_asym.id 
_struct_asym.pdbx_blank_PDB_chainid_flag 
_struct_asym.pdbx_modified 
_struct_asym.entity_id 
_struct_asym.details 
A N N 1 ? 
B N N 2 ? 
C N N 3 ? 
D N N 4 ? 
# 
_struct_ref.id                         1 
_struct_ref.db_name                    UNP 
_struct_ref.db_code                    PA2B1_BOTJR 
_struct_ref.pdbx_db_accession          Q90249 
_struct_ref.entity_id                  1 
_struct_ref.pdbx_seq_one_letter_code   
;SLFELGKMILQETGKNPAKSYGAYGCNCGVLGRGKPKDATDRCCYVHKCCYKKLTGCDPKKDRYSYSWKDKTIVCGENNP
CLKELCECDKAVAICLRENLGTYNKKYRYHLKPFCKKADPC
;
_struct_ref.pdbx_align_begin           17 
_struct_ref.pdbx_db_isoform            ? 
# 
_struct_ref_seq.align_id                      1 
_struct_ref_seq.ref_id                        1 
_struct_ref_seq.pdbx_PDB_id_code              3I03 
_struct_ref_seq.pdbx_strand_id                A 
_struct_ref_seq.seq_align_beg                 1 
_struct_ref_seq.pdbx_seq_align_beg_ins_code   ? 
_struct_ref_seq.seq_align_end                 121 
_struct_ref_seq.pdbx_seq_align_end_ins_code   ? 
_struct_ref_seq.pdbx_db_accession             Q90249 
_struct_ref_seq.db_align_beg                  17 
_struct_ref_seq.pdbx_db_align_beg_ins_code    ? 
_struct_ref_seq.db_align_end                  121 
_struct_ref_seq.pdbx_db_align_end_ins_code    ? 
_struct_ref_seq.pdbx_auth_seq_align_beg       1 
_struct_ref_seq.pdbx_auth_seq_align_end       121 
# 
_pdbx_struct_assembly.id                   1 
_pdbx_struct_assembly.details              author_and_software_defined_assembly 
_pdbx_struct_assembly.method_details       PISA 
_pdbx_struct_assembly.oligomeric_details   dimeric 
_pdbx_struct_assembly.oligomeric_count     2 
# 
loop_
_pdbx_struct_assembly_prop.biol_id 
_pdbx_struct_assembly_prop.type 
_pdbx_struct_assembly_prop.value 
_pdbx_struct_assembly_prop.details 
1 'ABSA (A^2)' 1410  ? 
1 MORE         -15.7 ? 
1 'SSA (A^2)'  12340 ? 
# 
_pdbx_struct_assembly_gen.assembly_id       1 
_pdbx_struct_assembly_gen.oper_expression   1,2 
_pdbx_struct_assembly_gen.asym_id_list      A,B,C,D 
# 
loop_
_pdbx_struct_oper_list.id 
_pdbx_struct_oper_list.type 
_pdbx_struct_oper_list.name 
_pdbx_struct_oper_list.symmetry_operation 
_pdbx_struct_oper_list.matrix[1][1] 
_pdbx_struct_oper_list.matrix[1][2] 
_pdbx_struct_oper_list.matrix[1][3] 
_pdbx_struct_oper_list.vector[1] 
_pdbx_struct_oper_list.matrix[2][1] 
_pdbx_struct_oper_list.matrix[2][2] 
_pdbx_struct_oper_list.matrix[2][3] 
_pdbx_struct_oper_list.vector[2] 
_pdbx_struct_oper_list.matrix[3][1] 
_pdbx_struct_oper_list.matrix[3][2] 
_pdbx_struct_oper_list.matrix[3][3] 
_pdbx_struct_oper_list.vector[3] 
1 'identity operation'         1_555 x,y,z     1.0000000000  0.0000000000 0.0000000000  0.0000000000   0.0000000000 1.0000000000  0.0000000000  0.0000000000   0.0000000000  0.0000000000  1.0000000000 0.0000000000   
2 'crystal symmetry operation' 4_556 x,-y,-z+1 -0.9423775333 0.1600676301 -0.2937736178 -16.6234310524 0.1600676301 -0.5553531864 -0.8160644535 -12.6712117340 -0.2937736178 -0.8160644535 0.4977307196 -10.1647450771 
# 
loop_
_struct_conf.conf_type_id 
_struct_conf.id 
_struct_conf.pdbx_PDB_helix_id 
_struct_conf.beg_label_comp_id 
_struct_conf.beg_label_asym_id 
_struct_conf.beg_label_seq_id 
_struct_conf.pdbx_beg_PDB_ins_code 
_struct_conf.end_label_comp_id 
_struct_conf.end_label_asym_id 
_struct_conf.end_label_seq_id 
_struct_conf.pdbx_end_PDB_ins_code 
_struct_conf.beg_auth_comp_id 
_struct_conf.beg_auth_asym_id 
_struct_conf.beg_auth_seq_id 
_struct_conf.end_auth_comp_id 
_struct_conf.end_auth_asym_id 
_struct_conf.end_auth_seq_id 
_struct_conf.pdbx_PDB_helix_class 
_struct_conf.details 
_struct_conf.pdbx_PDB_helix_length 
HELX_P HELX_P1 1 SER A 1   ? GLY A 14  ? SER A 1   GLY A 14  1 ? 14 
HELX_P HELX_P2 2 ASN A 16  ? GLY A 22  ? ASN A 16  GLY A 22  1 ? 7  
HELX_P HELX_P3 3 ASP A 38  ? LYS A 52  ? ASP A 38  LYS A 52  1 ? 15 
HELX_P HELX_P4 4 ASN A 79  ? ASN A 99  ? ASN A 79  ASN A 99  1 ? 21 
HELX_P HELX_P5 5 LEU A 100 ? TYR A 103 ? LEU A 100 TYR A 103 5 ? 4  
HELX_P HELX_P6 6 ASN A 104 ? ARG A 108 ? ASN A 104 ARG A 108 5 ? 5  
HELX_P HELX_P7 7 LEU A 111 ? CYS A 115 ? LEU A 111 CYS A 115 5 ? 5  
# 
_struct_conf_type.id          HELX_P 
_struct_conf_type.criteria    ? 
_struct_conf_type.reference   ? 
# 
loop_
_struct_conn.id 
_struct_conn.conn_type_id 
_struct_conn.pdbx_leaving_atom_flag 
_struct_conn.pdbx_PDB_id 
_struct_conn.ptnr1_label_asym_id 
_struct_conn.ptnr1_label_comp_id 
_struct_conn.ptnr1_label_seq_id 
_struct_conn.ptnr1_label_atom_id 
_struct_conn.pdbx_ptnr1_label_alt_id 
_struct_conn.pdbx_ptnr1_PDB_ins_code 
_struct_conn.pdbx_ptnr1_standard_comp_id 
_struct_conn.ptnr1_symmetry 
_struct_conn.ptnr2_label_asym_id 
_struct_conn.ptnr2_label_comp_id 
_struct_conn.ptnr2_label_seq_id 
_struct_conn.ptnr2_label_atom_id 
_struct_conn.pdbx_ptnr2_label_alt_id 
_struct_conn.pdbx_ptnr2_PDB_ins_code 
_struct_conn.ptnr1_auth_asym_id 
_struct_conn.ptnr1_auth_comp_id 
_struct_conn.ptnr1_auth_seq_id 
_struct_conn.ptnr2_auth_asym_id 
_struct_conn.ptnr2_auth_comp_id 
_struct_conn.ptnr2_auth_seq_id 
_struct_conn.ptnr2_symmetry 
_struct_conn.pdbx_ptnr3_label_atom_id 
_struct_conn.pdbx_ptnr3_label_seq_id 
_struct_conn.pdbx_ptnr3_label_comp_id 
_struct_conn.pdbx_ptnr3_label_asym_id 
_struct_conn.pdbx_ptnr3_label_alt_id 
_struct_conn.pdbx_ptnr3_PDB_ins_code 
_struct_conn.details 
_struct_conn.pdbx_dist_value 
_struct_conn.pdbx_value_order 
_struct_conn.pdbx_role 
disulf1 disulf ?   ? A CYS 26 SG  ? ? ? 1_555 A CYS 115 SG ? ? A CYS 26 A CYS 115 1_555 ? ? ? ? ? ? ? 2.004 ? ? 
disulf2 disulf ?   ? A CYS 28 SG  ? ? ? 1_555 A CYS 44  SG ? ? A CYS 28 A CYS 44  1_555 ? ? ? ? ? ? ? 2.047 ? ? 
disulf3 disulf ?   ? A CYS 43 SG  ? ? ? 1_555 A CYS 95  SG ? ? A CYS 43 A CYS 95  1_555 ? ? ? ? ? ? ? 2.065 ? ? 
disulf4 disulf ?   ? A CYS 49 SG  ? ? ? 1_555 A CYS 121 SG ? ? A CYS 49 A CYS 121 1_555 ? ? ? ? ? ? ? 2.060 ? ? 
disulf5 disulf ?   ? A CYS 50 SG  ? ? ? 1_555 A CYS 88  SG ? ? A CYS 50 A CYS 88  1_555 ? ? ? ? ? ? ? 2.029 ? ? 
disulf6 disulf ?   ? A CYS 57 SG  ? ? ? 1_555 A CYS 81  SG ? ? A CYS 57 A CYS 81  1_555 ? ? ? ? ? ? ? 2.048 ? ? 
disulf7 disulf ?   ? A CYS 75 SG  ? ? ? 1_555 A CYS 86  SG ? ? A CYS 75 A CYS 86  1_555 ? ? ? ? ? ? ? 2.020 ? ? 
covale1 covale one ? A HIS 47 ND1 ? ? ? 1_555 B PBP .   CH ? ? A HIS 47 A PBP 201 1_555 ? ? ? ? ? ? ? 1.392 ? ? 
# 
loop_
_struct_conn_type.id 
_struct_conn_type.criteria 
_struct_conn_type.reference 
disulf ? ? 
covale ? ? 
# 
loop_
_pdbx_modification_feature.ordinal 
_pdbx_modification_feature.label_comp_id 
_pdbx_modification_feature.label_asym_id 
_pdbx_modification_feature.label_seq_id 
_pdbx_modification_feature.label_alt_id 
_pdbx_modification_feature.modified_residue_label_comp_id 
_pdbx_modification_feature.modified_residue_label_asym_id 
_pdbx_modification_feature.modified_residue_label_seq_id 
_pdbx_modification_feature.modified_residue_label_alt_id 
_pdbx_modification_feature.auth_comp_id 
_pdbx_modification_feature.auth_asym_id 
_pdbx_modification_feature.auth_seq_id 
_pdbx_modification_feature.PDB_ins_code 
_pdbx_modification_feature.symmetry 
_pdbx_modification_feature.modified_residue_auth_comp_id 
_pdbx_modification_feature.modified_residue_auth_asym_id 
_pdbx_modification_feature.modified_residue_auth_seq_id 
_pdbx_modification_feature.modified_residue_PDB_ins_code 
_pdbx_modification_feature.modified_residue_symmetry 
_pdbx_modification_feature.comp_id_linking_atom 
_pdbx_modification_feature.modified_residue_id_linking_atom 
_pdbx_modification_feature.modified_residue_id 
_pdbx_modification_feature.ref_pcm_id 
_pdbx_modification_feature.ref_comp_id 
_pdbx_modification_feature.type 
_pdbx_modification_feature.category 
1 PBP B .  ? HIS A 47  ? PBP A 201 ? 1_555 HIS A 47  ? 1_555 CH ND1 HIS 2 PBP None 'Covalent chemical modification' 
2 CYS A 26 ? CYS A 115 ? CYS A 26  ? 1_555 CYS A 115 ? 1_555 SG SG  .   . .   None 'Disulfide bridge'               
3 CYS A 28 ? CYS A 44  ? CYS A 28  ? 1_555 CYS A 44  ? 1_555 SG SG  .   . .   None 'Disulfide bridge'               
4 CYS A 43 ? CYS A 95  ? CYS A 43  ? 1_555 CYS A 95  ? 1_555 SG SG  .   . .   None 'Disulfide bridge'               
5 CYS A 49 ? CYS A 121 ? CYS A 49  ? 1_555 CYS A 121 ? 1_555 SG SG  .   . .   None 'Disulfide bridge'               
6 CYS A 50 ? CYS A 88  ? CYS A 50  ? 1_555 CYS A 88  ? 1_555 SG SG  .   . .   None 'Disulfide bridge'               
7 CYS A 57 ? CYS A 81  ? CYS A 57  ? 1_555 CYS A 81  ? 1_555 SG SG  .   . .   None 'Disulfide bridge'               
8 CYS A 75 ? CYS A 86  ? CYS A 75  ? 1_555 CYS A 86  ? 1_555 SG SG  .   . .   None 'Disulfide bridge'               
# 
_struct_sheet.id               A 
_struct_sheet.type             ? 
_struct_sheet.number_strands   2 
_struct_sheet.details          ? 
# 
_struct_sheet_order.sheet_id     A 
_struct_sheet_order.range_id_1   1 
_struct_sheet_order.range_id_2   2 
_struct_sheet_order.offset       ? 
_struct_sheet_order.sense        anti-parallel 
# 
loop_
_struct_sheet_range.sheet_id 
_struct_sheet_range.id 
_struct_sheet_range.beg_label_comp_id 
_struct_sheet_range.beg_label_asym_id 
_struct_sheet_range.beg_label_seq_id 
_struct_sheet_range.pdbx_beg_PDB_ins_code 
_struct_sheet_range.end_label_comp_id 
_struct_sheet_range.end_label_asym_id 
_struct_sheet_range.end_label_seq_id 
_struct_sheet_range.pdbx_end_PDB_ins_code 
_struct_sheet_range.beg_auth_comp_id 
_struct_sheet_range.beg_auth_asym_id 
_struct_sheet_range.beg_auth_seq_id 
_struct_sheet_range.end_auth_comp_id 
_struct_sheet_range.end_auth_asym_id 
_struct_sheet_range.end_auth_seq_id 
A 1 TYR A 66 ? LYS A 69 ? TYR A 66 LYS A 69 
A 2 THR A 72 ? CYS A 75 ? THR A 72 CYS A 75 
# 
_pdbx_struct_sheet_hbond.sheet_id                A 
_pdbx_struct_sheet_hbond.range_id_1              1 
_pdbx_struct_sheet_hbond.range_id_2              2 
_pdbx_struct_sheet_hbond.range_1_label_atom_id   N 
_pdbx_struct_sheet_hbond.range_1_label_comp_id   SER 
_pdbx_struct_sheet_hbond.range_1_label_asym_id   A 
_pdbx_struct_sheet_hbond.range_1_label_seq_id    67 
_pdbx_struct_sheet_hbond.range_1_PDB_ins_code    ? 
_pdbx_struct_sheet_hbond.range_1_auth_atom_id    N 
_pdbx_struct_sheet_hbond.range_1_auth_comp_id    SER 
_pdbx_struct_sheet_hbond.range_1_auth_asym_id    A 
_pdbx_struct_sheet_hbond.range_1_auth_seq_id     67 
_pdbx_struct_sheet_hbond.range_2_label_atom_id   O 
_pdbx_struct_sheet_hbond.range_2_label_comp_id   VAL 
_pdbx_struct_sheet_hbond.range_2_label_asym_id   A 
_pdbx_struct_sheet_hbond.range_2_label_seq_id    74 
_pdbx_struct_sheet_hbond.range_2_PDB_ins_code    ? 
_pdbx_struct_sheet_hbond.range_2_auth_atom_id    O 
_pdbx_struct_sheet_hbond.range_2_auth_comp_id    VAL 
_pdbx_struct_sheet_hbond.range_2_auth_asym_id    A 
_pdbx_struct_sheet_hbond.range_2_auth_seq_id     74 
# 
loop_
_struct_site.id 
_struct_site.pdbx_evidence_code 
_struct_site.pdbx_auth_asym_id 
_struct_site.pdbx_auth_comp_id 
_struct_site.pdbx_auth_seq_id 
_struct_site.pdbx_auth_ins_code 
_struct_site.pdbx_num_residues 
_struct_site.details 
AC1 Software A PBP 201 ? 12 'BINDING SITE FOR RESIDUE PBP A 201' 
AC2 Software A IPA 211 ? 2  'BINDING SITE FOR RESIDUE IPA A 211' 
# 
loop_
_struct_site_gen.id 
_struct_site_gen.site_id 
_struct_site_gen.pdbx_num_res 
_struct_site_gen.label_comp_id 
_struct_site_gen.label_asym_id 
_struct_site_gen.label_seq_id 
_struct_site_gen.pdbx_auth_ins_code 
_struct_site_gen.auth_comp_id 
_struct_site_gen.auth_asym_id 
_struct_site_gen.auth_seq_id 
_struct_site_gen.label_atom_id 
_struct_site_gen.label_alt_id 
_struct_site_gen.symmetry 
_struct_site_gen.details 
1  AC1 12 TYR A 21 ? TYR A 21  . ? 1_555 ? 
2  AC1 12 GLY A 22 ? GLY A 22  . ? 1_555 ? 
3  AC1 12 CYS A 28 ? CYS A 28  . ? 1_555 ? 
4  AC1 12 GLY A 29 ? GLY A 29  . ? 1_555 ? 
5  AC1 12 CYS A 44 ? CYS A 44  . ? 1_555 ? 
6  AC1 12 HIS A 47 ? HIS A 47  . ? 1_555 ? 
7  AC1 12 VAL A 92 ? VAL A 92  . ? 1_555 ? 
8  AC1 12 HOH D .  ? HOH A 325 . ? 1_555 ? 
9  AC1 12 HOH D .  ? HOH A 461 . ? 1_555 ? 
10 AC1 12 HOH D .  ? HOH A 473 . ? 1_555 ? 
11 AC1 12 HOH D .  ? HOH A 479 . ? 1_555 ? 
12 AC1 12 HOH D .  ? HOH A 618 . ? 1_555 ? 
13 AC2 2  LEU A 2  ? LEU A 2   . ? 1_555 ? 
14 AC2 2  ALA A 18 ? ALA A 18  . ? 1_555 ? 
# 
_pdbx_entry_details.entry_id                   3I03 
_pdbx_entry_details.compound_details           ? 
_pdbx_entry_details.source_details             ? 
_pdbx_entry_details.nonpolymer_details         ? 
_pdbx_entry_details.sequence_details           ? 
_pdbx_entry_details.has_ligand_of_interest     ? 
_pdbx_entry_details.has_protein_modification   Y 
# 
_pdbx_validate_close_contact.id               1 
_pdbx_validate_close_contact.PDB_model_num    1 
_pdbx_validate_close_contact.auth_atom_id_1   CE1 
_pdbx_validate_close_contact.auth_asym_id_1   A 
_pdbx_validate_close_contact.auth_comp_id_1   HIS 
_pdbx_validate_close_contact.auth_seq_id_1    47 
_pdbx_validate_close_contact.PDB_ins_code_1   ? 
_pdbx_validate_close_contact.label_alt_id_1   ? 
_pdbx_validate_close_contact.auth_atom_id_2   CH 
_pdbx_validate_close_contact.auth_asym_id_2   A 
_pdbx_validate_close_contact.auth_comp_id_2   PBP 
_pdbx_validate_close_contact.auth_seq_id_2    201 
_pdbx_validate_close_contact.PDB_ins_code_2   ? 
_pdbx_validate_close_contact.label_alt_id_2   ? 
_pdbx_validate_close_contact.dist             2.04 
# 
loop_
_pdbx_validate_rmsd_bond.id 
_pdbx_validate_rmsd_bond.PDB_model_num 
_pdbx_validate_rmsd_bond.auth_atom_id_1 
_pdbx_validate_rmsd_bond.auth_asym_id_1 
_pdbx_validate_rmsd_bond.auth_comp_id_1 
_pdbx_validate_rmsd_bond.auth_seq_id_1 
_pdbx_validate_rmsd_bond.PDB_ins_code_1 
_pdbx_validate_rmsd_bond.label_alt_id_1 
_pdbx_validate_rmsd_bond.auth_atom_id_2 
_pdbx_validate_rmsd_bond.auth_asym_id_2 
_pdbx_validate_rmsd_bond.auth_comp_id_2 
_pdbx_validate_rmsd_bond.auth_seq_id_2 
_pdbx_validate_rmsd_bond.PDB_ins_code_2 
_pdbx_validate_rmsd_bond.label_alt_id_2 
_pdbx_validate_rmsd_bond.bond_value 
_pdbx_validate_rmsd_bond.bond_target_value 
_pdbx_validate_rmsd_bond.bond_deviation 
_pdbx_validate_rmsd_bond.bond_standard_deviation 
_pdbx_validate_rmsd_bond.linker_flag 
1 1 C A GLY 14 ? ? N A LYS 15 ? ? 1.477 1.336 0.141 0.023 Y 
2 1 C A HIS 47 ? ? O A HIS 47 ? ? 1.368 1.229 0.139 0.019 N 
3 1 C A CYS 75 ? ? N A GLY 76 ? ? 1.486 1.336 0.150 0.023 Y 
# 
loop_
_pdbx_validate_rmsd_angle.id 
_pdbx_validate_rmsd_angle.PDB_model_num 
_pdbx_validate_rmsd_angle.auth_atom_id_1 
_pdbx_validate_rmsd_angle.auth_asym_id_1 
_pdbx_validate_rmsd_angle.auth_comp_id_1 
_pdbx_validate_rmsd_angle.auth_seq_id_1 
_pdbx_validate_rmsd_angle.PDB_ins_code_1 
_pdbx_validate_rmsd_angle.label_alt_id_1 
_pdbx_validate_rmsd_angle.auth_atom_id_2 
_pdbx_validate_rmsd_angle.auth_asym_id_2 
_pdbx_validate_rmsd_angle.auth_comp_id_2 
_pdbx_validate_rmsd_angle.auth_seq_id_2 
_pdbx_validate_rmsd_angle.PDB_ins_code_2 
_pdbx_validate_rmsd_angle.label_alt_id_2 
_pdbx_validate_rmsd_angle.auth_atom_id_3 
_pdbx_validate_rmsd_angle.auth_asym_id_3 
_pdbx_validate_rmsd_angle.auth_comp_id_3 
_pdbx_validate_rmsd_angle.auth_seq_id_3 
_pdbx_validate_rmsd_angle.PDB_ins_code_3 
_pdbx_validate_rmsd_angle.label_alt_id_3 
_pdbx_validate_rmsd_angle.angle_value 
_pdbx_validate_rmsd_angle.angle_target_value 
_pdbx_validate_rmsd_angle.angle_deviation 
_pdbx_validate_rmsd_angle.angle_standard_deviation 
_pdbx_validate_rmsd_angle.linker_flag 
1 1 CB A HIS 47 ? ? CA A HIS 47 ? ? C  A HIS 47 ? ? 96.23  110.40 -14.17 2.00 N 
2 1 CA A HIS 47 ? ? CB A HIS 47 ? ? CG A HIS 47 ? ? 126.53 113.60 12.93  1.70 N 
# 
loop_
_pdbx_validate_torsion.id 
_pdbx_validate_torsion.PDB_model_num 
_pdbx_validate_torsion.auth_comp_id 
_pdbx_validate_torsion.auth_asym_id 
_pdbx_validate_torsion.auth_seq_id 
_pdbx_validate_torsion.PDB_ins_code 
_pdbx_validate_torsion.label_alt_id 
_pdbx_validate_torsion.phi 
_pdbx_validate_torsion.psi 
1 1 ALA A 23 ? ? -147.34 21.59   
2 1 LEU A 31 ? ? 57.30   -148.07 
3 1 GLU A 77 ? ? -37.13  146.24  
4 1 ASN A 79 ? ? -40.94  109.40  
# 
loop_
_pdbx_distant_solvent_atoms.id 
_pdbx_distant_solvent_atoms.PDB_model_num 
_pdbx_distant_solvent_atoms.auth_atom_id 
_pdbx_distant_solvent_atoms.label_alt_id 
_pdbx_distant_solvent_atoms.auth_asym_id 
_pdbx_distant_solvent_atoms.auth_comp_id 
_pdbx_distant_solvent_atoms.auth_seq_id 
_pdbx_distant_solvent_atoms.PDB_ins_code 
_pdbx_distant_solvent_atoms.neighbor_macromolecule_distance 
_pdbx_distant_solvent_atoms.neighbor_ligand_distance 
1  1 O ? A HOH 470 ? 5.82 . 
2  1 O ? A HOH 496 ? 6.91 . 
3  1 O ? A HOH 500 ? 6.42 . 
4  1 O ? A HOH 513 ? 6.10 . 
5  1 O ? A HOH 533 ? 7.40 . 
6  1 O ? A HOH 545 ? 6.43 . 
7  1 O ? A HOH 547 ? 6.43 . 
8  1 O ? A HOH 548 ? 7.25 . 
9  1 O ? A HOH 552 ? 6.72 . 
10 1 O ? A HOH 558 ? 5.94 . 
11 1 O ? A HOH 563 ? 7.21 . 
12 1 O ? A HOH 566 ? 7.48 . 
13 1 O ? A HOH 568 ? 7.22 . 
14 1 O ? A HOH 577 ? 6.01 . 
15 1 O ? A HOH 578 ? 6.32 . 
16 1 O ? A HOH 580 ? 7.32 . 
17 1 O ? A HOH 586 ? 6.94 . 
18 1 O ? A HOH 597 ? 8.14 . 
19 1 O ? A HOH 603 ? 7.47 . 
20 1 O ? A HOH 604 ? 6.23 . 
21 1 O ? A HOH 623 ? 7.02 . 
22 1 O ? A HOH 626 ? 8.77 . 
23 1 O ? A HOH 627 ? 7.79 . 
24 1 O ? A HOH 634 ? 6.24 . 
# 
loop_
_chem_comp_atom.comp_id 
_chem_comp_atom.atom_id 
_chem_comp_atom.type_symbol 
_chem_comp_atom.pdbx_aromatic_flag 
_chem_comp_atom.pdbx_stereo_config 
_chem_comp_atom.pdbx_ordinal 
ALA N    N  N N 1   
ALA CA   C  N S 2   
ALA C    C  N N 3   
ALA O    O  N N 4   
ALA CB   C  N N 5   
ALA OXT  O  N N 6   
ALA H    H  N N 7   
ALA H2   H  N N 8   
ALA HA   H  N N 9   
ALA HB1  H  N N 10  
ALA HB2  H  N N 11  
ALA HB3  H  N N 12  
ALA HXT  H  N N 13  
ARG N    N  N N 14  
ARG CA   C  N S 15  
ARG C    C  N N 16  
ARG O    O  N N 17  
ARG CB   C  N N 18  
ARG CG   C  N N 19  
ARG CD   C  N N 20  
ARG NE   N  N N 21  
ARG CZ   C  N N 22  
ARG NH1  N  N N 23  
ARG NH2  N  N N 24  
ARG OXT  O  N N 25  
ARG H    H  N N 26  
ARG H2   H  N N 27  
ARG HA   H  N N 28  
ARG HB2  H  N N 29  
ARG HB3  H  N N 30  
ARG HG2  H  N N 31  
ARG HG3  H  N N 32  
ARG HD2  H  N N 33  
ARG HD3  H  N N 34  
ARG HE   H  N N 35  
ARG HH11 H  N N 36  
ARG HH12 H  N N 37  
ARG HH21 H  N N 38  
ARG HH22 H  N N 39  
ARG HXT  H  N N 40  
ASN N    N  N N 41  
ASN CA   C  N S 42  
ASN C    C  N N 43  
ASN O    O  N N 44  
ASN CB   C  N N 45  
ASN CG   C  N N 46  
ASN OD1  O  N N 47  
ASN ND2  N  N N 48  
ASN OXT  O  N N 49  
ASN H    H  N N 50  
ASN H2   H  N N 51  
ASN HA   H  N N 52  
ASN HB2  H  N N 53  
ASN HB3  H  N N 54  
ASN HD21 H  N N 55  
ASN HD22 H  N N 56  
ASN HXT  H  N N 57  
ASP N    N  N N 58  
ASP CA   C  N S 59  
ASP C    C  N N 60  
ASP O    O  N N 61  
ASP CB   C  N N 62  
ASP CG   C  N N 63  
ASP OD1  O  N N 64  
ASP OD2  O  N N 65  
ASP OXT  O  N N 66  
ASP H    H  N N 67  
ASP H2   H  N N 68  
ASP HA   H  N N 69  
ASP HB2  H  N N 70  
ASP HB3  H  N N 71  
ASP HD2  H  N N 72  
ASP HXT  H  N N 73  
CYS N    N  N N 74  
CYS CA   C  N R 75  
CYS C    C  N N 76  
CYS O    O  N N 77  
CYS CB   C  N N 78  
CYS SG   S  N N 79  
CYS OXT  O  N N 80  
CYS H    H  N N 81  
CYS H2   H  N N 82  
CYS HA   H  N N 83  
CYS HB2  H  N N 84  
CYS HB3  H  N N 85  
CYS HG   H  N N 86  
CYS HXT  H  N N 87  
GLN N    N  N N 88  
GLN CA   C  N S 89  
GLN C    C  N N 90  
GLN O    O  N N 91  
GLN CB   C  N N 92  
GLN CG   C  N N 93  
GLN CD   C  N N 94  
GLN OE1  O  N N 95  
GLN NE2  N  N N 96  
GLN OXT  O  N N 97  
GLN H    H  N N 98  
GLN H2   H  N N 99  
GLN HA   H  N N 100 
GLN HB2  H  N N 101 
GLN HB3  H  N N 102 
GLN HG2  H  N N 103 
GLN HG3  H  N N 104 
GLN HE21 H  N N 105 
GLN HE22 H  N N 106 
GLN HXT  H  N N 107 
GLU N    N  N N 108 
GLU CA   C  N S 109 
GLU C    C  N N 110 
GLU O    O  N N 111 
GLU CB   C  N N 112 
GLU CG   C  N N 113 
GLU CD   C  N N 114 
GLU OE1  O  N N 115 
GLU OE2  O  N N 116 
GLU OXT  O  N N 117 
GLU H    H  N N 118 
GLU H2   H  N N 119 
GLU HA   H  N N 120 
GLU HB2  H  N N 121 
GLU HB3  H  N N 122 
GLU HG2  H  N N 123 
GLU HG3  H  N N 124 
GLU HE2  H  N N 125 
GLU HXT  H  N N 126 
GLY N    N  N N 127 
GLY CA   C  N N 128 
GLY C    C  N N 129 
GLY O    O  N N 130 
GLY OXT  O  N N 131 
GLY H    H  N N 132 
GLY H2   H  N N 133 
GLY HA2  H  N N 134 
GLY HA3  H  N N 135 
GLY HXT  H  N N 136 
HIS N    N  N N 137 
HIS CA   C  N S 138 
HIS C    C  N N 139 
HIS O    O  N N 140 
HIS CB   C  N N 141 
HIS CG   C  Y N 142 
HIS ND1  N  Y N 143 
HIS CD2  C  Y N 144 
HIS CE1  C  Y N 145 
HIS NE2  N  Y N 146 
HIS OXT  O  N N 147 
HIS H    H  N N 148 
HIS H2   H  N N 149 
HIS HA   H  N N 150 
HIS HB2  H  N N 151 
HIS HB3  H  N N 152 
HIS HD1  H  N N 153 
HIS HD2  H  N N 154 
HIS HE1  H  N N 155 
HIS HE2  H  N N 156 
HIS HXT  H  N N 157 
HOH O    O  N N 158 
HOH H1   H  N N 159 
HOH H2   H  N N 160 
ILE N    N  N N 161 
ILE CA   C  N S 162 
ILE C    C  N N 163 
ILE O    O  N N 164 
ILE CB   C  N S 165 
ILE CG1  C  N N 166 
ILE CG2  C  N N 167 
ILE CD1  C  N N 168 
ILE OXT  O  N N 169 
ILE H    H  N N 170 
ILE H2   H  N N 171 
ILE HA   H  N N 172 
ILE HB   H  N N 173 
ILE HG12 H  N N 174 
ILE HG13 H  N N 175 
ILE HG21 H  N N 176 
ILE HG22 H  N N 177 
ILE HG23 H  N N 178 
ILE HD11 H  N N 179 
ILE HD12 H  N N 180 
ILE HD13 H  N N 181 
ILE HXT  H  N N 182 
IPA C1   C  N N 183 
IPA C2   C  N N 184 
IPA C3   C  N N 185 
IPA O2   O  N N 186 
IPA H11  H  N N 187 
IPA H12  H  N N 188 
IPA H13  H  N N 189 
IPA H2   H  N N 190 
IPA H31  H  N N 191 
IPA H32  H  N N 192 
IPA H33  H  N N 193 
IPA HO2  H  N N 194 
LEU N    N  N N 195 
LEU CA   C  N S 196 
LEU C    C  N N 197 
LEU O    O  N N 198 
LEU CB   C  N N 199 
LEU CG   C  N N 200 
LEU CD1  C  N N 201 
LEU CD2  C  N N 202 
LEU OXT  O  N N 203 
LEU H    H  N N 204 
LEU H2   H  N N 205 
LEU HA   H  N N 206 
LEU HB2  H  N N 207 
LEU HB3  H  N N 208 
LEU HG   H  N N 209 
LEU HD11 H  N N 210 
LEU HD12 H  N N 211 
LEU HD13 H  N N 212 
LEU HD21 H  N N 213 
LEU HD22 H  N N 214 
LEU HD23 H  N N 215 
LEU HXT  H  N N 216 
LYS N    N  N N 217 
LYS CA   C  N S 218 
LYS C    C  N N 219 
LYS O    O  N N 220 
LYS CB   C  N N 221 
LYS CG   C  N N 222 
LYS CD   C  N N 223 
LYS CE   C  N N 224 
LYS NZ   N  N N 225 
LYS OXT  O  N N 226 
LYS H    H  N N 227 
LYS H2   H  N N 228 
LYS HA   H  N N 229 
LYS HB2  H  N N 230 
LYS HB3  H  N N 231 
LYS HG2  H  N N 232 
LYS HG3  H  N N 233 
LYS HD2  H  N N 234 
LYS HD3  H  N N 235 
LYS HE2  H  N N 236 
LYS HE3  H  N N 237 
LYS HZ1  H  N N 238 
LYS HZ2  H  N N 239 
LYS HZ3  H  N N 240 
LYS HXT  H  N N 241 
MET N    N  N N 242 
MET CA   C  N S 243 
MET C    C  N N 244 
MET O    O  N N 245 
MET CB   C  N N 246 
MET CG   C  N N 247 
MET SD   S  N N 248 
MET CE   C  N N 249 
MET OXT  O  N N 250 
MET H    H  N N 251 
MET H2   H  N N 252 
MET HA   H  N N 253 
MET HB2  H  N N 254 
MET HB3  H  N N 255 
MET HG2  H  N N 256 
MET HG3  H  N N 257 
MET HE1  H  N N 258 
MET HE2  H  N N 259 
MET HE3  H  N N 260 
MET HXT  H  N N 261 
PBP CH   C  N N 262 
PBP CG   C  Y N 263 
PBP CD1  C  Y N 264 
PBP CE1  C  Y N 265 
PBP CD2  C  Y N 266 
PBP CE2  C  Y N 267 
PBP CZ   C  Y N 268 
PBP BR   BR N N 269 
PBP CR   C  N N 270 
PBP O    O  N N 271 
PBP HH1  H  N N 272 
PBP HH2  H  N N 273 
PBP HD1  H  N N 274 
PBP HE1  H  N N 275 
PBP HD2  H  N N 276 
PBP HE2  H  N N 277 
PBP BR2  BR N N 278 
PHE N    N  N N 279 
PHE CA   C  N S 280 
PHE C    C  N N 281 
PHE O    O  N N 282 
PHE CB   C  N N 283 
PHE CG   C  Y N 284 
PHE CD1  C  Y N 285 
PHE CD2  C  Y N 286 
PHE CE1  C  Y N 287 
PHE CE2  C  Y N 288 
PHE CZ   C  Y N 289 
PHE OXT  O  N N 290 
PHE H    H  N N 291 
PHE H2   H  N N 292 
PHE HA   H  N N 293 
PHE HB2  H  N N 294 
PHE HB3  H  N N 295 
PHE HD1  H  N N 296 
PHE HD2  H  N N 297 
PHE HE1  H  N N 298 
PHE HE2  H  N N 299 
PHE HZ   H  N N 300 
PHE HXT  H  N N 301 
PRO N    N  N N 302 
PRO CA   C  N S 303 
PRO C    C  N N 304 
PRO O    O  N N 305 
PRO CB   C  N N 306 
PRO CG   C  N N 307 
PRO CD   C  N N 308 
PRO OXT  O  N N 309 
PRO H    H  N N 310 
PRO HA   H  N N 311 
PRO HB2  H  N N 312 
PRO HB3  H  N N 313 
PRO HG2  H  N N 314 
PRO HG3  H  N N 315 
PRO HD2  H  N N 316 
PRO HD3  H  N N 317 
PRO HXT  H  N N 318 
SER N    N  N N 319 
SER CA   C  N S 320 
SER C    C  N N 321 
SER O    O  N N 322 
SER CB   C  N N 323 
SER OG   O  N N 324 
SER OXT  O  N N 325 
SER H    H  N N 326 
SER H2   H  N N 327 
SER HA   H  N N 328 
SER HB2  H  N N 329 
SER HB3  H  N N 330 
SER HG   H  N N 331 
SER HXT  H  N N 332 
THR N    N  N N 333 
THR CA   C  N S 334 
THR C    C  N N 335 
THR O    O  N N 336 
THR CB   C  N R 337 
THR OG1  O  N N 338 
THR CG2  C  N N 339 
THR OXT  O  N N 340 
THR H    H  N N 341 
THR H2   H  N N 342 
THR HA   H  N N 343 
THR HB   H  N N 344 
THR HG1  H  N N 345 
THR HG21 H  N N 346 
THR HG22 H  N N 347 
THR HG23 H  N N 348 
THR HXT  H  N N 349 
TRP N    N  N N 350 
TRP CA   C  N S 351 
TRP C    C  N N 352 
TRP O    O  N N 353 
TRP CB   C  N N 354 
TRP CG   C  Y N 355 
TRP CD1  C  Y N 356 
TRP CD2  C  Y N 357 
TRP NE1  N  Y N 358 
TRP CE2  C  Y N 359 
TRP CE3  C  Y N 360 
TRP CZ2  C  Y N 361 
TRP CZ3  C  Y N 362 
TRP CH2  C  Y N 363 
TRP OXT  O  N N 364 
TRP H    H  N N 365 
TRP H2   H  N N 366 
TRP HA   H  N N 367 
TRP HB2  H  N N 368 
TRP HB3  H  N N 369 
TRP HD1  H  N N 370 
TRP HE1  H  N N 371 
TRP HE3  H  N N 372 
TRP HZ2  H  N N 373 
TRP HZ3  H  N N 374 
TRP HH2  H  N N 375 
TRP HXT  H  N N 376 
TYR N    N  N N 377 
TYR CA   C  N S 378 
TYR C    C  N N 379 
TYR O    O  N N 380 
TYR CB   C  N N 381 
TYR CG   C  Y N 382 
TYR CD1  C  Y N 383 
TYR CD2  C  Y N 384 
TYR CE1  C  Y N 385 
TYR CE2  C  Y N 386 
TYR CZ   C  Y N 387 
TYR OH   O  N N 388 
TYR OXT  O  N N 389 
TYR H    H  N N 390 
TYR H2   H  N N 391 
TYR HA   H  N N 392 
TYR HB2  H  N N 393 
TYR HB3  H  N N 394 
TYR HD1  H  N N 395 
TYR HD2  H  N N 396 
TYR HE1  H  N N 397 
TYR HE2  H  N N 398 
TYR HH   H  N N 399 
TYR HXT  H  N N 400 
VAL N    N  N N 401 
VAL CA   C  N S 402 
VAL C    C  N N 403 
VAL O    O  N N 404 
VAL CB   C  N N 405 
VAL CG1  C  N N 406 
VAL CG2  C  N N 407 
VAL OXT  O  N N 408 
VAL H    H  N N 409 
VAL H2   H  N N 410 
VAL HA   H  N N 411 
VAL HB   H  N N 412 
VAL HG11 H  N N 413 
VAL HG12 H  N N 414 
VAL HG13 H  N N 415 
VAL HG21 H  N N 416 
VAL HG22 H  N N 417 
VAL HG23 H  N N 418 
VAL HXT  H  N N 419 
# 
loop_
_chem_comp_bond.comp_id 
_chem_comp_bond.atom_id_1 
_chem_comp_bond.atom_id_2 
_chem_comp_bond.value_order 
_chem_comp_bond.pdbx_aromatic_flag 
_chem_comp_bond.pdbx_stereo_config 
_chem_comp_bond.pdbx_ordinal 
ALA N   CA   sing N N 1   
ALA N   H    sing N N 2   
ALA N   H2   sing N N 3   
ALA CA  C    sing N N 4   
ALA CA  CB   sing N N 5   
ALA CA  HA   sing N N 6   
ALA C   O    doub N N 7   
ALA C   OXT  sing N N 8   
ALA CB  HB1  sing N N 9   
ALA CB  HB2  sing N N 10  
ALA CB  HB3  sing N N 11  
ALA OXT HXT  sing N N 12  
ARG N   CA   sing N N 13  
ARG N   H    sing N N 14  
ARG N   H2   sing N N 15  
ARG CA  C    sing N N 16  
ARG CA  CB   sing N N 17  
ARG CA  HA   sing N N 18  
ARG C   O    doub N N 19  
ARG C   OXT  sing N N 20  
ARG CB  CG   sing N N 21  
ARG CB  HB2  sing N N 22  
ARG CB  HB3  sing N N 23  
ARG CG  CD   sing N N 24  
ARG CG  HG2  sing N N 25  
ARG CG  HG3  sing N N 26  
ARG CD  NE   sing N N 27  
ARG CD  HD2  sing N N 28  
ARG CD  HD3  sing N N 29  
ARG NE  CZ   sing N N 30  
ARG NE  HE   sing N N 31  
ARG CZ  NH1  sing N N 32  
ARG CZ  NH2  doub N N 33  
ARG NH1 HH11 sing N N 34  
ARG NH1 HH12 sing N N 35  
ARG NH2 HH21 sing N N 36  
ARG NH2 HH22 sing N N 37  
ARG OXT HXT  sing N N 38  
ASN N   CA   sing N N 39  
ASN N   H    sing N N 40  
ASN N   H2   sing N N 41  
ASN CA  C    sing N N 42  
ASN CA  CB   sing N N 43  
ASN CA  HA   sing N N 44  
ASN C   O    doub N N 45  
ASN C   OXT  sing N N 46  
ASN CB  CG   sing N N 47  
ASN CB  HB2  sing N N 48  
ASN CB  HB3  sing N N 49  
ASN CG  OD1  doub N N 50  
ASN CG  ND2  sing N N 51  
ASN ND2 HD21 sing N N 52  
ASN ND2 HD22 sing N N 53  
ASN OXT HXT  sing N N 54  
ASP N   CA   sing N N 55  
ASP N   H    sing N N 56  
ASP N   H2   sing N N 57  
ASP CA  C    sing N N 58  
ASP CA  CB   sing N N 59  
ASP CA  HA   sing N N 60  
ASP C   O    doub N N 61  
ASP C   OXT  sing N N 62  
ASP CB  CG   sing N N 63  
ASP CB  HB2  sing N N 64  
ASP CB  HB3  sing N N 65  
ASP CG  OD1  doub N N 66  
ASP CG  OD2  sing N N 67  
ASP OD2 HD2  sing N N 68  
ASP OXT HXT  sing N N 69  
CYS N   CA   sing N N 70  
CYS N   H    sing N N 71  
CYS N   H2   sing N N 72  
CYS CA  C    sing N N 73  
CYS CA  CB   sing N N 74  
CYS CA  HA   sing N N 75  
CYS C   O    doub N N 76  
CYS C   OXT  sing N N 77  
CYS CB  SG   sing N N 78  
CYS CB  HB2  sing N N 79  
CYS CB  HB3  sing N N 80  
CYS SG  HG   sing N N 81  
CYS OXT HXT  sing N N 82  
GLN N   CA   sing N N 83  
GLN N   H    sing N N 84  
GLN N   H2   sing N N 85  
GLN CA  C    sing N N 86  
GLN CA  CB   sing N N 87  
GLN CA  HA   sing N N 88  
GLN C   O    doub N N 89  
GLN C   OXT  sing N N 90  
GLN CB  CG   sing N N 91  
GLN CB  HB2  sing N N 92  
GLN CB  HB3  sing N N 93  
GLN CG  CD   sing N N 94  
GLN CG  HG2  sing N N 95  
GLN CG  HG3  sing N N 96  
GLN CD  OE1  doub N N 97  
GLN CD  NE2  sing N N 98  
GLN NE2 HE21 sing N N 99  
GLN NE2 HE22 sing N N 100 
GLN OXT HXT  sing N N 101 
GLU N   CA   sing N N 102 
GLU N   H    sing N N 103 
GLU N   H2   sing N N 104 
GLU CA  C    sing N N 105 
GLU CA  CB   sing N N 106 
GLU CA  HA   sing N N 107 
GLU C   O    doub N N 108 
GLU C   OXT  sing N N 109 
GLU CB  CG   sing N N 110 
GLU CB  HB2  sing N N 111 
GLU CB  HB3  sing N N 112 
GLU CG  CD   sing N N 113 
GLU CG  HG2  sing N N 114 
GLU CG  HG3  sing N N 115 
GLU CD  OE1  doub N N 116 
GLU CD  OE2  sing N N 117 
GLU OE2 HE2  sing N N 118 
GLU OXT HXT  sing N N 119 
GLY N   CA   sing N N 120 
GLY N   H    sing N N 121 
GLY N   H2   sing N N 122 
GLY CA  C    sing N N 123 
GLY CA  HA2  sing N N 124 
GLY CA  HA3  sing N N 125 
GLY C   O    doub N N 126 
GLY C   OXT  sing N N 127 
GLY OXT HXT  sing N N 128 
HIS N   CA   sing N N 129 
HIS N   H    sing N N 130 
HIS N   H2   sing N N 131 
HIS CA  C    sing N N 132 
HIS CA  CB   sing N N 133 
HIS CA  HA   sing N N 134 
HIS C   O    doub N N 135 
HIS C   OXT  sing N N 136 
HIS CB  CG   sing N N 137 
HIS CB  HB2  sing N N 138 
HIS CB  HB3  sing N N 139 
HIS CG  ND1  sing Y N 140 
HIS CG  CD2  doub Y N 141 
HIS ND1 CE1  doub Y N 142 
HIS ND1 HD1  sing N N 143 
HIS CD2 NE2  sing Y N 144 
HIS CD2 HD2  sing N N 145 
HIS CE1 NE2  sing Y N 146 
HIS CE1 HE1  sing N N 147 
HIS NE2 HE2  sing N N 148 
HIS OXT HXT  sing N N 149 
HOH O   H1   sing N N 150 
HOH O   H2   sing N N 151 
ILE N   CA   sing N N 152 
ILE N   H    sing N N 153 
ILE N   H2   sing N N 154 
ILE CA  C    sing N N 155 
ILE CA  CB   sing N N 156 
ILE CA  HA   sing N N 157 
ILE C   O    doub N N 158 
ILE C   OXT  sing N N 159 
ILE CB  CG1  sing N N 160 
ILE CB  CG2  sing N N 161 
ILE CB  HB   sing N N 162 
ILE CG1 CD1  sing N N 163 
ILE CG1 HG12 sing N N 164 
ILE CG1 HG13 sing N N 165 
ILE CG2 HG21 sing N N 166 
ILE CG2 HG22 sing N N 167 
ILE CG2 HG23 sing N N 168 
ILE CD1 HD11 sing N N 169 
ILE CD1 HD12 sing N N 170 
ILE CD1 HD13 sing N N 171 
ILE OXT HXT  sing N N 172 
IPA C1  C2   sing N N 173 
IPA C1  H11  sing N N 174 
IPA C1  H12  sing N N 175 
IPA C1  H13  sing N N 176 
IPA C2  C3   sing N N 177 
IPA C2  O2   sing N N 178 
IPA C2  H2   sing N N 179 
IPA C3  H31  sing N N 180 
IPA C3  H32  sing N N 181 
IPA C3  H33  sing N N 182 
IPA O2  HO2  sing N N 183 
LEU N   CA   sing N N 184 
LEU N   H    sing N N 185 
LEU N   H2   sing N N 186 
LEU CA  C    sing N N 187 
LEU CA  CB   sing N N 188 
LEU CA  HA   sing N N 189 
LEU C   O    doub N N 190 
LEU C   OXT  sing N N 191 
LEU CB  CG   sing N N 192 
LEU CB  HB2  sing N N 193 
LEU CB  HB3  sing N N 194 
LEU CG  CD1  sing N N 195 
LEU CG  CD2  sing N N 196 
LEU CG  HG   sing N N 197 
LEU CD1 HD11 sing N N 198 
LEU CD1 HD12 sing N N 199 
LEU CD1 HD13 sing N N 200 
LEU CD2 HD21 sing N N 201 
LEU CD2 HD22 sing N N 202 
LEU CD2 HD23 sing N N 203 
LEU OXT HXT  sing N N 204 
LYS N   CA   sing N N 205 
LYS N   H    sing N N 206 
LYS N   H2   sing N N 207 
LYS CA  C    sing N N 208 
LYS CA  CB   sing N N 209 
LYS CA  HA   sing N N 210 
LYS C   O    doub N N 211 
LYS C   OXT  sing N N 212 
LYS CB  CG   sing N N 213 
LYS CB  HB2  sing N N 214 
LYS CB  HB3  sing N N 215 
LYS CG  CD   sing N N 216 
LYS CG  HG2  sing N N 217 
LYS CG  HG3  sing N N 218 
LYS CD  CE   sing N N 219 
LYS CD  HD2  sing N N 220 
LYS CD  HD3  sing N N 221 
LYS CE  NZ   sing N N 222 
LYS CE  HE2  sing N N 223 
LYS CE  HE3  sing N N 224 
LYS NZ  HZ1  sing N N 225 
LYS NZ  HZ2  sing N N 226 
LYS NZ  HZ3  sing N N 227 
LYS OXT HXT  sing N N 228 
MET N   CA   sing N N 229 
MET N   H    sing N N 230 
MET N   H2   sing N N 231 
MET CA  C    sing N N 232 
MET CA  CB   sing N N 233 
MET CA  HA   sing N N 234 
MET C   O    doub N N 235 
MET C   OXT  sing N N 236 
MET CB  CG   sing N N 237 
MET CB  HB2  sing N N 238 
MET CB  HB3  sing N N 239 
MET CG  SD   sing N N 240 
MET CG  HG2  sing N N 241 
MET CG  HG3  sing N N 242 
MET SD  CE   sing N N 243 
MET CE  HE1  sing N N 244 
MET CE  HE2  sing N N 245 
MET CE  HE3  sing N N 246 
MET OXT HXT  sing N N 247 
PBP CH  CR   sing N N 248 
PBP CH  HH1  sing N N 249 
PBP CH  HH2  sing N N 250 
PBP CG  CD1  doub Y N 251 
PBP CG  CD2  sing Y N 252 
PBP CG  CR   sing N N 253 
PBP CD1 CE1  sing Y N 254 
PBP CD1 HD1  sing N N 255 
PBP CE1 CZ   doub Y N 256 
PBP CE1 HE1  sing N N 257 
PBP CD2 CE2  doub Y N 258 
PBP CD2 HD2  sing N N 259 
PBP CE2 CZ   sing Y N 260 
PBP CE2 HE2  sing N N 261 
PBP CZ  BR   sing N N 262 
PBP CR  O    doub N N 263 
PBP CH  BR2  sing N N 264 
PHE N   CA   sing N N 265 
PHE N   H    sing N N 266 
PHE N   H2   sing N N 267 
PHE CA  C    sing N N 268 
PHE CA  CB   sing N N 269 
PHE CA  HA   sing N N 270 
PHE C   O    doub N N 271 
PHE C   OXT  sing N N 272 
PHE CB  CG   sing N N 273 
PHE CB  HB2  sing N N 274 
PHE CB  HB3  sing N N 275 
PHE CG  CD1  doub Y N 276 
PHE CG  CD2  sing Y N 277 
PHE CD1 CE1  sing Y N 278 
PHE CD1 HD1  sing N N 279 
PHE CD2 CE2  doub Y N 280 
PHE CD2 HD2  sing N N 281 
PHE CE1 CZ   doub Y N 282 
PHE CE1 HE1  sing N N 283 
PHE CE2 CZ   sing Y N 284 
PHE CE2 HE2  sing N N 285 
PHE CZ  HZ   sing N N 286 
PHE OXT HXT  sing N N 287 
PRO N   CA   sing N N 288 
PRO N   CD   sing N N 289 
PRO N   H    sing N N 290 
PRO CA  C    sing N N 291 
PRO CA  CB   sing N N 292 
PRO CA  HA   sing N N 293 
PRO C   O    doub N N 294 
PRO C   OXT  sing N N 295 
PRO CB  CG   sing N N 296 
PRO CB  HB2  sing N N 297 
PRO CB  HB3  sing N N 298 
PRO CG  CD   sing N N 299 
PRO CG  HG2  sing N N 300 
PRO CG  HG3  sing N N 301 
PRO CD  HD2  sing N N 302 
PRO CD  HD3  sing N N 303 
PRO OXT HXT  sing N N 304 
SER N   CA   sing N N 305 
SER N   H    sing N N 306 
SER N   H2   sing N N 307 
SER CA  C    sing N N 308 
SER CA  CB   sing N N 309 
SER CA  HA   sing N N 310 
SER C   O    doub N N 311 
SER C   OXT  sing N N 312 
SER CB  OG   sing N N 313 
SER CB  HB2  sing N N 314 
SER CB  HB3  sing N N 315 
SER OG  HG   sing N N 316 
SER OXT HXT  sing N N 317 
THR N   CA   sing N N 318 
THR N   H    sing N N 319 
THR N   H2   sing N N 320 
THR CA  C    sing N N 321 
THR CA  CB   sing N N 322 
THR CA  HA   sing N N 323 
THR C   O    doub N N 324 
THR C   OXT  sing N N 325 
THR CB  OG1  sing N N 326 
THR CB  CG2  sing N N 327 
THR CB  HB   sing N N 328 
THR OG1 HG1  sing N N 329 
THR CG2 HG21 sing N N 330 
THR CG2 HG22 sing N N 331 
THR CG2 HG23 sing N N 332 
THR OXT HXT  sing N N 333 
TRP N   CA   sing N N 334 
TRP N   H    sing N N 335 
TRP N   H2   sing N N 336 
TRP CA  C    sing N N 337 
TRP CA  CB   sing N N 338 
TRP CA  HA   sing N N 339 
TRP C   O    doub N N 340 
TRP C   OXT  sing N N 341 
TRP CB  CG   sing N N 342 
TRP CB  HB2  sing N N 343 
TRP CB  HB3  sing N N 344 
TRP CG  CD1  doub Y N 345 
TRP CG  CD2  sing Y N 346 
TRP CD1 NE1  sing Y N 347 
TRP CD1 HD1  sing N N 348 
TRP CD2 CE2  doub Y N 349 
TRP CD2 CE3  sing Y N 350 
TRP NE1 CE2  sing Y N 351 
TRP NE1 HE1  sing N N 352 
TRP CE2 CZ2  sing Y N 353 
TRP CE3 CZ3  doub Y N 354 
TRP CE3 HE3  sing N N 355 
TRP CZ2 CH2  doub Y N 356 
TRP CZ2 HZ2  sing N N 357 
TRP CZ3 CH2  sing Y N 358 
TRP CZ3 HZ3  sing N N 359 
TRP CH2 HH2  sing N N 360 
TRP OXT HXT  sing N N 361 
TYR N   CA   sing N N 362 
TYR N   H    sing N N 363 
TYR N   H2   sing N N 364 
TYR CA  C    sing N N 365 
TYR CA  CB   sing N N 366 
TYR CA  HA   sing N N 367 
TYR C   O    doub N N 368 
TYR C   OXT  sing N N 369 
TYR CB  CG   sing N N 370 
TYR CB  HB2  sing N N 371 
TYR CB  HB3  sing N N 372 
TYR CG  CD1  doub Y N 373 
TYR CG  CD2  sing Y N 374 
TYR CD1 CE1  sing Y N 375 
TYR CD1 HD1  sing N N 376 
TYR CD2 CE2  doub Y N 377 
TYR CD2 HD2  sing N N 378 
TYR CE1 CZ   doub Y N 379 
TYR CE1 HE1  sing N N 380 
TYR CE2 CZ   sing Y N 381 
TYR CE2 HE2  sing N N 382 
TYR CZ  OH   sing N N 383 
TYR OH  HH   sing N N 384 
TYR OXT HXT  sing N N 385 
VAL N   CA   sing N N 386 
VAL N   H    sing N N 387 
VAL N   H2   sing N N 388 
VAL CA  C    sing N N 389 
VAL CA  CB   sing N N 390 
VAL CA  HA   sing N N 391 
VAL C   O    doub N N 392 
VAL C   OXT  sing N N 393 
VAL CB  CG1  sing N N 394 
VAL CB  CG2  sing N N 395 
VAL CB  HB   sing N N 396 
VAL CG1 HG11 sing N N 397 
VAL CG1 HG12 sing N N 398 
VAL CG1 HG13 sing N N 399 
VAL CG2 HG21 sing N N 400 
VAL CG2 HG22 sing N N 401 
VAL CG2 HG23 sing N N 402 
VAL OXT HXT  sing N N 403 
# 
_pdbx_initial_refinement_model.id               1 
_pdbx_initial_refinement_model.entity_id_list   ? 
_pdbx_initial_refinement_model.type             'experimental model' 
_pdbx_initial_refinement_model.source_name      PDB 
_pdbx_initial_refinement_model.accession_code   3HZW 
_pdbx_initial_refinement_model.details          'PDB entry 3HZW' 
# 
_atom_sites.entry_id                    3I03 
_atom_sites.fract_transf_matrix[1][1]   0.00298587 
_atom_sites.fract_transf_matrix[1][2]   0.00829436 
_atom_sites.fract_transf_matrix[1][3]   -0.01522272 
_atom_sites.fract_transf_matrix[2][1]   0.01125460 
_atom_sites.fract_transf_matrix[2][2]   0.00409394 
_atom_sites.fract_transf_matrix[2][3]   0.00443820 
_atom_sites.fract_transf_matrix[3][1]   0.00662380 
_atom_sites.fract_transf_matrix[3][2]   -0.01233298 
_atom_sites.fract_transf_matrix[3][3]   -0.00542061 
_atom_sites.fract_transf_vector[1]      0.337759 
_atom_sites.fract_transf_vector[2]      0.142039 
_atom_sites.fract_transf_vector[3]      0.449381 
# 
loop_
_atom_type.symbol 
BR 
C  
N  
O  
S  
# 
loop_
_atom_site.group_PDB 
_atom_site.id 
_atom_site.type_symbol 
_atom_site.label_atom_id 
_atom_site.label_alt_id 
_atom_site.label_comp_id 
_atom_site.label_asym_id 
_atom_site.label_entity_id 
_atom_site.label_seq_id 
_atom_site.pdbx_PDB_ins_code 
_atom_site.Cartn_x 
_atom_site.Cartn_y 
_atom_site.Cartn_z 
_atom_site.occupancy 
_atom_site.B_iso_or_equiv 
_atom_site.pdbx_formal_charge 
_atom_site.auth_seq_id 
_atom_site.auth_comp_id 
_atom_site.auth_asym_id 
_atom_site.auth_atom_id 
_atom_site.pdbx_PDB_model_num 
ATOM   1    N  N   . SER A 1 1   ? -9.017  1.355   5.972   1.00 20.06 ? 1   SER A N   1 
ATOM   2    C  CA  . SER A 1 1   ? -9.611  0.483   4.913   1.00 20.34 ? 1   SER A CA  1 
ATOM   3    C  C   . SER A 1 1   ? -9.012  0.827   3.576   1.00 20.03 ? 1   SER A C   1 
ATOM   4    O  O   . SER A 1 1   ? -8.269  1.792   3.453   1.00 19.34 ? 1   SER A O   1 
ATOM   5    C  CB  . SER A 1 1   ? -11.127 0.681   4.829   1.00 20.62 ? 1   SER A CB  1 
ATOM   6    O  OG  . SER A 1 1   ? -11.482 1.883   4.168   1.00 21.47 ? 1   SER A OG  1 
ATOM   7    N  N   . LEU A 1 2   ? -9.410  0.071   2.559   1.00 19.87 ? 2   LEU A N   1 
ATOM   8    C  CA  . LEU A 1 2   ? -8.942  0.331   1.218   1.00 20.48 ? 2   LEU A CA  1 
ATOM   9    C  C   . LEU A 1 2   ? -9.361  1.722   0.768   0.94 20.49 ? 2   LEU A C   1 
ATOM   10   O  O   . LEU A 1 2   ? -8.721  2.295   -0.095  1.00 19.93 ? 2   LEU A O   1 
ATOM   11   C  CB  . LEU A 1 2   ? -9.446  -0.746  0.256   1.00 21.41 ? 2   LEU A CB  1 
ATOM   12   C  CG  . LEU A 1 2   ? -8.772  -2.108  0.439   1.00 22.16 ? 2   LEU A CG  1 
ATOM   13   C  CD1 . LEU A 1 2   ? -9.581  -3.215  -0.231  0.79 23.72 ? 2   LEU A CD1 1 
ATOM   14   C  CD2 . LEU A 1 2   ? -7.362  -2.085  -0.119  0.95 24.44 ? 2   LEU A CD2 1 
ATOM   15   N  N   . PHE A 1 3   ? -10.429 2.268   1.360   1.00 20.43 ? 3   PHE A N   1 
ATOM   16   C  CA  . PHE A 1 3   ? -10.855 3.614   1.019   0.96 20.86 ? 3   PHE A CA  1 
ATOM   17   C  C   . PHE A 1 3   ? -9.806  4.625   1.457   1.00 19.56 ? 3   PHE A C   1 
ATOM   18   O  O   . PHE A 1 3   ? -9.410  5.489   0.681   1.00 20.28 ? 3   PHE A O   1 
ATOM   19   C  CB  . PHE A 1 3   ? -12.230 3.946   1.605   1.00 22.30 ? 3   PHE A CB  1 
ATOM   20   C  CG  . PHE A 1 3   ? -13.376 3.311   0.861   0.75 24.58 ? 3   PHE A CG  1 
ATOM   21   C  CD1 . PHE A 1 3   ? -14.675 3.440   1.334   0.63 26.90 ? 3   PHE A CD1 1 
ATOM   22   C  CD2 . PHE A 1 3   ? -13.155 2.574   -0.308  0.82 27.10 ? 3   PHE A CD2 1 
ATOM   23   C  CE1 . PHE A 1 3   ? -15.735 2.851   0.661   0.86 28.15 ? 3   PHE A CE1 1 
ATOM   24   C  CE2 . PHE A 1 3   ? -14.213 1.982   -0.989  0.82 28.09 ? 3   PHE A CE2 1 
ATOM   25   C  CZ  . PHE A 1 3   ? -15.503 2.120   -0.503  0.81 28.65 ? 3   PHE A CZ  1 
ATOM   26   N  N   . GLU A 1 4   ? -9.338  4.498   2.696   1.00 18.40 ? 4   GLU A N   1 
ATOM   27   C  CA  . GLU A 1 4   ? -8.329  5.426   3.188   1.00 18.11 ? 4   GLU A CA  1 
ATOM   28   C  C   . GLU A 1 4   ? -7.019  5.228   2.455   1.00 17.18 ? 4   GLU A C   1 
ATOM   29   O  O   . GLU A 1 4   ? -6.360  6.175   2.095   1.00 16.14 ? 4   GLU A O   1 
ATOM   30   C  CB  . GLU A 1 4   ? -8.107  5.261   4.687   1.00 19.15 ? 4   GLU A CB  1 
ATOM   31   C  CG  . GLU A 1 4   ? -9.246  5.829   5.534   1.00 19.69 ? 4   GLU A CG  1 
ATOM   32   C  CD  . GLU A 1 4   ? -10.385 4.856   5.744   0.71 22.72 ? 4   GLU A CD  1 
ATOM   33   O  OE1 . GLU A 1 4   ? -10.216 3.655   5.463   1.00 21.49 ? 4   GLU A OE1 1 
ATOM   34   O  OE2 . GLU A 1 4   ? -11.452 5.301   6.214   0.92 25.91 ? 4   GLU A OE2 1 
ATOM   35   N  N   . LEU A 1 5   ? -6.679  3.973   2.213   1.00 17.29 ? 5   LEU A N   1 
ATOM   36   C  CA  . LEU A 1 5   ? -5.452  3.648   1.526   1.00 15.88 ? 5   LEU A CA  1 
ATOM   37   C  C   . LEU A 1 5   ? -5.466  4.240   0.130   1.00 15.04 ? 5   LEU A C   1 
ATOM   38   O  O   . LEU A 1 5   ? -4.484  4.859   -0.292  1.00 15.53 ? 5   LEU A O   1 
ATOM   39   C  CB  . LEU A 1 5   ? -5.282  2.140   1.472   1.00 16.28 ? 5   LEU A CB  1 
ATOM   40   C  CG  . LEU A 1 5   ? -4.126  1.686   0.605   1.00 16.44 ? 5   LEU A CG  1 
ATOM   41   C  CD1 . LEU A 1 5   ? -2.806  2.275   1.095   1.00 17.39 ? 5   LEU A CD1 1 
ATOM   42   C  CD2 . LEU A 1 5   ? -4.052  0.174   0.526   1.00 16.45 ? 5   LEU A CD2 1 
ATOM   43   N  N   . GLY A 1 6   ? -6.568  4.027   -0.582  1.00 15.56 ? 6   GLY A N   1 
ATOM   44   C  CA  . GLY A 1 6   ? -6.678  4.572   -1.933  1.00 15.23 ? 6   GLY A CA  1 
ATOM   45   C  C   . GLY A 1 6   ? -6.606  6.075   -1.903  1.00 15.51 ? 6   GLY A C   1 
ATOM   46   O  O   . GLY A 1 6   ? -5.935  6.688   -2.729  1.00 16.41 ? 6   GLY A O   1 
ATOM   47   N  N   . LYS A 1 7   ? -7.249  6.690   -0.913  1.00 16.47 ? 7   LYS A N   1 
ATOM   48   C  CA  . LYS A 1 7   ? -7.214  8.137   -0.837  1.00 16.76 ? 7   LYS A CA  1 
ATOM   49   C  C   . LYS A 1 7   ? -5.788  8.606   -0.591  1.00 16.04 ? 7   LYS A C   1 
ATOM   50   O  O   . LYS A 1 7   ? -5.318  9.570   -1.205  1.00 17.12 ? 7   LYS A O   1 
ATOM   51   C  CB  . LYS A 1 7   ? -8.138  8.649   0.264   1.00 17.82 ? 7   LYS A CB  1 
ATOM   52   C  CG  . LYS A 1 7   ? -8.305  10.155  0.207   1.00 20.95 ? 7   LYS A CG  1 
ATOM   53   C  CD  . LYS A 1 7   ? -9.339  10.642  1.210   0.71 23.54 ? 7   LYS A CD  1 
ATOM   54   C  CE  . LYS A 1 7   ? -9.538  12.145  1.086   0.46 25.23 ? 7   LYS A CE  1 
ATOM   55   N  NZ  . LYS A 1 7   ? -10.593 12.638  2.012   0.73 27.83 ? 7   LYS A NZ  1 
ATOM   56   N  N   . MET A 1 8   ? -5.084  7.924   0.312   1.00 15.97 ? 8   MET A N   1 
ATOM   57   C  CA  . MET A 1 8   ? -3.709  8.298   0.602   1.00 15.06 ? 8   MET A CA  1 
ATOM   58   C  C   . MET A 1 8   ? -2.836  8.178   -0.622  1.00 14.43 ? 8   MET A C   1 
ATOM   59   O  O   . MET A 1 8   ? -1.993  9.018   -0.881  1.00 16.08 ? 8   MET A O   1 
ATOM   60   C  CB  . MET A 1 8   ? -3.127  7.396   1.680   1.00 14.72 ? 8   MET A CB  1 
ATOM   61   C  CG  . MET A 1 8   ? -3.639  7.723   3.028   1.00 16.16 ? 8   MET A CG  1 
ATOM   62   S  SD  . MET A 1 8   ? -2.769  6.631   4.131   1.00 15.10 ? 8   MET A SD  1 
ATOM   63   C  CE  . MET A 1 8   ? -3.646  6.937   5.641   1.00 16.66 ? 8   MET A CE  1 
ATOM   64   N  N   . ILE A 1 9   ? -3.043  7.101   -1.362  1.00 14.96 ? 9   ILE A N   1 
ATOM   65   C  CA  . ILE A 1 9   ? -2.243  6.900   -2.554  1.00 15.19 ? 9   ILE A CA  1 
ATOM   66   C  C   . ILE A 1 9   ? -2.520  8.004   -3.547  1.00 15.65 ? 9   ILE A C   1 
ATOM   67   O  O   . ILE A 1 9   ? -1.585  8.502   -4.172  1.00 15.87 ? 9   ILE A O   1 
ATOM   68   C  CB  . ILE A 1 9   ? -2.500  5.530   -3.161  1.00 15.23 ? 9   ILE A CB  1 
ATOM   69   C  CG1 . ILE A 1 9   ? -1.915  4.464   -2.231  1.00 15.63 ? 9   ILE A CG1 1 
ATOM   70   C  CG2 . ILE A 1 9   ? -1.871  5.437   -4.564  1.00 16.27 ? 9   ILE A CG2 1 
ATOM   71   C  CD1 . ILE A 1 9   ? -2.290  3.058   -2.653  1.00 15.81 ? 9   ILE A CD1 1 
ATOM   72   N  N   . LEU A 1 10  ? -3.790  8.398   -3.656  1.00 16.06 ? 10  LEU A N   1 
ATOM   73   C  CA  . LEU A 1 10  ? -4.154  9.468   -4.573  1.00 18.02 ? 10  LEU A CA  1 
ATOM   74   C  C   . LEU A 1 10  ? -3.518  10.765  -4.111  1.00 18.32 ? 10  LEU A C   1 
ATOM   75   O  O   . LEU A 1 10  ? -2.954  11.524  -4.904  1.00 19.44 ? 10  LEU A O   1 
ATOM   76   C  CB  . LEU A 1 10  ? -5.674  9.607   -4.656  1.00 19.18 ? 10  LEU A CB  1 
ATOM   77   C  CG  . LEU A 1 10  ? -6.176  10.775  -5.507  1.00 21.35 ? 10  LEU A CG  1 
ATOM   78   C  CD1 . LEU A 1 10  ? -5.746  10.610  -6.963  1.00 22.63 ? 10  LEU A CD1 1 
ATOM   79   C  CD2 . LEU A 1 10  ? -7.659  10.883  -5.399  1.00 21.84 ? 10  LEU A CD2 1 
ATOM   80   N  N   . GLN A 1 11  ? -3.586  11.016  -2.817  1.00 18.01 ? 11  GLN A N   1 
ATOM   81   C  CA  . GLN A 1 11  ? -3.050  12.256  -2.276  1.00 18.21 ? 11  GLN A CA  1 
ATOM   82   C  C   . GLN A 1 11  ? -1.559  12.407  -2.475  0.98 18.53 ? 11  GLN A C   1 
ATOM   83   O  O   . GLN A 1 11  ? -1.075  13.472  -2.842  1.00 19.20 ? 11  GLN A O   1 
ATOM   84   C  CB  . GLN A 1 11  ? -3.393  12.379  -0.799  1.00 18.98 ? 11  GLN A CB  1 
ATOM   85   C  CG  . GLN A 1 11  ? -4.862  12.660  -0.546  1.00 19.96 ? 11  GLN A CG  1 
ATOM   86   C  CD  . GLN A 1 11  ? -5.245  12.491  0.907   1.00 22.84 ? 11  GLN A CD  1 
ATOM   87   O  OE1 . GLN A 1 11  ? -6.072  13.232  1.433   0.89 26.49 ? 11  GLN A OE1 1 
ATOM   88   N  NE2 . GLN A 1 11  ? -4.642  11.514  1.560   1.00 21.36 ? 11  GLN A NE2 1 
ATOM   89   N  N   . GLU A 1 12  ? -0.818  11.332  -2.246  1.00 17.75 ? 12  GLU A N   1 
ATOM   90   C  CA  . GLU A 1 12  ? 0.614   11.350  -2.410  1.00 17.60 ? 12  GLU A CA  1 
ATOM   91   C  C   . GLU A 1 12  ? 1.054   11.287  -3.857  1.00 17.86 ? 12  GLU A C   1 
ATOM   92   O  O   . GLU A 1 12  ? 1.935   12.035  -4.264  1.00 19.24 ? 12  GLU A O   1 
ATOM   93   C  CB  . GLU A 1 12  ? 1.220   10.169  -1.663  1.00 17.74 ? 12  GLU A CB  1 
ATOM   94   C  CG  . GLU A 1 12  ? 1.177   10.368  -0.186  1.00 17.12 ? 12  GLU A CG  1 
ATOM   95   C  CD  . GLU A 1 12  ? 2.226   11.322  0.300   1.00 16.53 ? 12  GLU A CD  1 
ATOM   96   O  OE1 . GLU A 1 12  ? 3.319   11.359  -0.289  1.00 18.87 ? 12  GLU A OE1 1 
ATOM   97   O  OE2 . GLU A 1 12  ? 1.947   12.003  1.294   1.00 18.18 ? 12  GLU A OE2 1 
ATOM   98   N  N   . THR A 1 13  ? 0.486   10.351  -4.613  1.00 17.22 ? 13  THR A N   1 
ATOM   99   C  CA  . THR A 1 13  ? 0.974   10.090  -5.974  1.00 17.01 ? 13  THR A CA  1 
ATOM   100  C  C   . THR A 1 13  ? 0.262   10.887  -7.037  1.00 17.56 ? 13  THR A C   1 
ATOM   101  O  O   . THR A 1 13  ? 0.817   11.094  -8.117  0.99 19.00 ? 13  THR A O   1 
ATOM   102  C  CB  . THR A 1 13  ? 0.846   8.610   -6.378  1.00 17.15 ? 13  THR A CB  1 
ATOM   103  O  OG1 . THR A 1 13  ? -0.533  8.259   -6.557  1.00 16.84 ? 13  THR A OG1 1 
ATOM   104  C  CG2 . THR A 1 13  ? 1.470   7.722   -5.329  1.00 17.14 ? 13  THR A CG2 1 
ATOM   105  N  N   . GLY A 1 14  ? -0.972  11.295  -6.760  1.00 17.85 ? 14  GLY A N   1 
ATOM   106  C  CA  . GLY A 1 14  ? -1.789  11.998  -7.763  1.00 19.11 ? 14  GLY A CA  1 
ATOM   107  C  C   . GLY A 1 14  ? -2.350  11.020  -8.778  0.94 19.57 ? 14  GLY A C   1 
ATOM   108  O  O   . GLY A 1 14  ? -3.005  11.398  -9.753  0.98 21.47 ? 14  GLY A O   1 
ATOM   109  N  N   . LYS A 1 15  ? -2.034  9.584   -8.644  0.98 19.99 ? 15  LYS A N   1 
ATOM   110  C  CA  . LYS A 1 15  ? -2.495  8.527   -9.526  1.00 20.31 ? 15  LYS A CA  1 
ATOM   111  C  C   . LYS A 1 15  ? -3.771  7.919   -9.000  1.00 20.54 ? 15  LYS A C   1 
ATOM   112  O  O   . LYS A 1 15  ? -3.974  7.816   -7.789  1.00 20.51 ? 15  LYS A O   1 
ATOM   113  C  CB  . LYS A 1 15  ? -1.425  7.450   -9.662  1.00 20.79 ? 15  LYS A CB  1 
ATOM   114  C  CG  . LYS A 1 15  ? -0.061  7.964   -10.098 1.00 22.36 ? 15  LYS A CG  1 
ATOM   115  C  CD  . LYS A 1 15  ? -0.057  8.516   -11.508 0.86 25.42 ? 15  LYS A CD  1 
ATOM   116  C  CE  . LYS A 1 15  ? 1.312   9.081   -11.850 0.49 26.27 ? 15  LYS A CE  1 
ATOM   117  N  NZ  . LYS A 1 15  ? 1.338   9.682   -13.208 0.71 27.91 ? 15  LYS A NZ  1 
ATOM   118  N  N   . ASN A 1 16  ? -4.638  7.542   -9.936  1.00 20.21 ? 16  ASN A N   1 
ATOM   119  C  CA  . ASN A 1 16  ? -5.768  6.687   -9.657  1.00 20.61 ? 16  ASN A CA  1 
ATOM   120  C  C   . ASN A 1 16  ? -5.190  5.425   -9.042  1.00 20.03 ? 16  ASN A C   1 
ATOM   121  O  O   . ASN A 1 16  ? -4.419  4.711   -9.690  1.00 18.73 ? 16  ASN A O   1 
ATOM   122  C  CB  . ASN A 1 16  ? -6.494  6.368   -10.967 0.95 22.15 ? 16  ASN A CB  1 
ATOM   123  C  CG  . ASN A 1 16  ? -7.721  5.517   -10.759 0.77 23.79 ? 16  ASN A CG  1 
ATOM   124  O  OD1 . ASN A 1 16  ? -7.648  4.428   -10.198 0.96 26.43 ? 16  ASN A OD1 1 
ATOM   125  N  ND2 . ASN A 1 16  ? -8.865  6.004   -11.235 0.79 26.80 ? 16  ASN A ND2 1 
ATOM   126  N  N   . PRO A 1 17  ? -5.494  5.189   -7.757  1.00 19.15 ? 17  PRO A N   1 
ATOM   127  C  CA  . PRO A 1 17  ? -4.905  4.050   -7.067  1.00 18.87 ? 17  PRO A CA  1 
ATOM   128  C  C   . PRO A 1 17  ? -5.227  2.691   -7.660  1.00 17.76 ? 17  PRO A C   1 
ATOM   129  O  O   . PRO A 1 17  ? -4.345  1.860   -7.789  1.00 18.29 ? 17  PRO A O   1 
ATOM   130  C  CB  . PRO A 1 17  ? -5.472  4.178   -5.644  1.00 19.29 ? 17  PRO A CB  1 
ATOM   131  C  CG  . PRO A 1 17  ? -5.769  5.635   -5.521  0.69 20.52 ? 17  PRO A CG  1 
ATOM   132  C  CD  . PRO A 1 17  ? -6.322  6.000   -6.846  0.98 20.11 ? 17  PRO A CD  1 
ATOM   133  N  N   . ALA A 1 18  ? -6.488  2.455   -8.003  1.00 17.64 ? 18  ALA A N   1 
ATOM   134  C  CA  . ALA A 1 18  ? -6.864  1.160   -8.521  0.99 17.84 ? 18  ALA A CA  1 
ATOM   135  C  C   . ALA A 1 18  ? -6.165  0.899   -9.845  0.90 17.99 ? 18  ALA A C   1 
ATOM   136  O  O   . ALA A 1 18  ? -5.635  -0.183  -10.079 0.98 18.78 ? 18  ALA A O   1 
ATOM   137  C  CB  . ALA A 1 18  ? -8.368  1.051   -8.668  1.00 17.86 ? 18  ALA A CB  1 
ATOM   138  N  N   . LYS A 1 19  ? -6.112  1.921   -10.689 1.00 18.23 ? 19  LYS A N   1 
ATOM   139  C  CA  . LYS A 1 19  ? -5.517  1.765   -11.986 1.00 18.40 ? 19  LYS A CA  1 
ATOM   140  C  C   . LYS A 1 19  ? -4.012  1.549   -11.862 1.00 17.97 ? 19  LYS A C   1 
ATOM   141  O  O   . LYS A 1 19  ? -3.459  0.607   -12.429 1.00 18.49 ? 19  LYS A O   1 
ATOM   142  C  CB  . LYS A 1 19  ? -5.834  2.976   -12.855 1.00 18.81 ? 19  LYS A CB  1 
ATOM   143  C  CG  . LYS A 1 19  ? -5.285  2.856   -14.258 1.00 21.42 ? 19  LYS A CG  1 
ATOM   144  C  CD  . LYS A 1 19  ? -5.723  4.046   -15.070 1.00 24.66 ? 19  LYS A CD  1 
ATOM   145  C  CE  . LYS A 1 19  ? -5.560  3.810   -16.551 0.51 26.02 ? 19  LYS A CE  1 
ATOM   146  N  NZ  . LYS A 1 19  ? -6.261  4.903   -17.319 0.63 27.71 ? 19  LYS A NZ  1 
ATOM   147  N  N   . SER A 1 20  ? -3.351  2.381   -11.070 1.00 17.56 ? 20  SER A N   1 
ATOM   148  C  CA  . SER A 1 20  ? -1.901  2.324   -11.005 0.99 17.49 ? 20  SER A CA  1 
ATOM   149  C  C   . SER A 1 20  ? -1.363  1.254   -10.088 1.00 16.32 ? 20  SER A C   1 
ATOM   150  O  O   . SER A 1 20  ? -0.311  0.685   -10.342 1.00 17.08 ? 20  SER A O   1 
ATOM   151  C  CB  . SER A 1 20  ? -1.357  3.680   -10.597 1.00 18.17 ? 20  SER A CB  1 
ATOM   152  O  OG  . SER A 1 20  ? -1.323  4.511   -11.732 0.92 21.21 ? 20  SER A OG  1 
ATOM   153  N  N   . TYR A 1 21  ? -2.119  0.939   -9.045  1.00 16.67 ? 21  TYR A N   1 
ATOM   154  C  CA  . TYR A 1 21  ? -1.585  0.083   -7.997  1.00 16.42 ? 21  TYR A CA  1 
ATOM   155  C  C   . TYR A 1 21  ? -2.468  -1.064  -7.610  0.96 16.96 ? 21  TYR A C   1 
ATOM   156  O  O   . TYR A 1 21  ? -2.091  -1.861  -6.765  1.00 17.74 ? 21  TYR A O   1 
ATOM   157  C  CB  . TYR A 1 21  ? -1.252  0.912   -6.767  1.00 16.29 ? 21  TYR A CB  1 
ATOM   158  C  CG  . TYR A 1 21  ? -0.283  1.993   -7.076  1.00 15.14 ? 21  TYR A CG  1 
ATOM   159  C  CD1 . TYR A 1 21  ? 1.049   1.693   -7.392  1.00 15.62 ? 21  TYR A CD1 1 
ATOM   160  C  CD2 . TYR A 1 21  ? -0.687  3.321   -7.079  1.00 14.48 ? 21  TYR A CD2 1 
ATOM   161  C  CE1 . TYR A 1 21  ? 1.963   2.718   -7.677  1.00 14.81 ? 21  TYR A CE1 1 
ATOM   162  C  CE2 . TYR A 1 21  ? 0.213   4.343   -7.371  1.00 14.99 ? 21  TYR A CE2 1 
ATOM   163  C  CZ  . TYR A 1 21  ? 1.532   4.023   -7.660  1.00 14.90 ? 21  TYR A CZ  1 
ATOM   164  O  OH  . TYR A 1 21  ? 2.409   5.026   -7.933  1.00 16.13 ? 21  TYR A OH  1 
ATOM   165  N  N   . GLY A 1 22  ? -3.641  -1.153  -8.223  1.00 16.47 ? 22  GLY A N   1 
ATOM   166  C  CA  . GLY A 1 22  ? -4.570  -2.219  -7.867  1.00 16.48 ? 22  GLY A CA  1 
ATOM   167  C  C   . GLY A 1 22  ? -4.112  -3.599  -8.272  1.00 16.61 ? 22  GLY A C   1 
ATOM   168  O  O   . GLY A 1 22  ? -4.597  -4.599  -7.736  1.00 17.42 ? 22  GLY A O   1 
ATOM   169  N  N   . ALA A 1 23  ? -3.172  -3.677  -9.208  1.00 17.38 ? 23  ALA A N   1 
ATOM   170  C  CA  . ALA A 1 23  ? -2.700  -4.969  -9.631  1.00 17.34 ? 23  ALA A CA  1 
ATOM   171  C  C   . ALA A 1 23  ? -1.252  -5.023  -10.038 0.90 18.55 ? 23  ALA A C   1 
ATOM   172  O  O   . ALA A 1 23  ? -0.815  -5.969  -10.709 0.83 20.44 ? 23  ALA A O   1 
ATOM   173  C  CB  . ALA A 1 23  ? -3.598  -5.511  -10.771 1.00 17.75 ? 23  ALA A CB  1 
ATOM   174  N  N   . TYR A 1 24  ? -0.489  -4.049  -9.554  1.00 17.82 ? 24  TYR A N   1 
ATOM   175  C  CA  . TYR A 1 24  ? 0.858   -3.831  -9.993  1.00 17.79 ? 24  TYR A CA  1 
ATOM   176  C  C   . TYR A 1 24  ? 1.864   -4.811  -9.414  1.00 17.94 ? 24  TYR A C   1 
ATOM   177  O  O   . TYR A 1 24  ? 1.900   -5.053  -8.215  1.00 18.84 ? 24  TYR A O   1 
ATOM   178  C  CB  . TYR A 1 24  ? 1.243   -2.433  -9.599  1.00 17.05 ? 24  TYR A CB  1 
ATOM   179  C  CG  . TYR A 1 24  ? 2.555   -1.958  -10.140 1.00 17.35 ? 24  TYR A CG  1 
ATOM   180  C  CD1 . TYR A 1 24  ? 3.742   -2.314  -9.524  1.00 15.38 ? 24  TYR A CD1 1 
ATOM   181  C  CD2 . TYR A 1 24  ? 2.602   -1.113  -11.234 1.00 18.92 ? 24  TYR A CD2 1 
ATOM   182  C  CE1 . TYR A 1 24  ? 4.955   -1.855  -10.005 1.00 16.44 ? 24  TYR A CE1 1 
ATOM   183  C  CE2 . TYR A 1 24  ? 3.806   -0.643  -11.706 1.00 17.32 ? 24  TYR A CE2 1 
ATOM   184  C  CZ  . TYR A 1 24  ? 4.968   -1.010  -11.088 1.00 16.19 ? 24  TYR A CZ  1 
ATOM   185  O  OH  . TYR A 1 24  ? 6.155   -0.514  -11.543 1.00 17.74 ? 24  TYR A OH  1 
ATOM   186  N  N   . GLY A 1 25  ? 2.688   -5.360  -10.291 1.00 17.66 ? 25  GLY A N   1 
ATOM   187  C  CA  . GLY A 1 25  ? 3.731   -6.291  -9.928  1.00 17.95 ? 25  GLY A CA  1 
ATOM   188  C  C   . GLY A 1 25  ? 3.239   -7.456  -9.112  1.00 17.34 ? 25  GLY A C   1 
ATOM   189  O  O   . GLY A 1 25  ? 2.123   -7.928  -9.278  1.00 18.95 ? 25  GLY A O   1 
ATOM   190  N  N   . CYS A 1 26  ? 4.072   -7.884  -8.185  1.00 18.11 ? 26  CYS A N   1 
ATOM   191  C  CA  . CYS A 1 26  ? 3.759   -9.065  -7.402  1.00 18.29 ? 26  CYS A CA  1 
ATOM   192  C  C   . CYS A 1 26  ? 3.132   -8.796  -6.060  0.98 18.03 ? 26  CYS A C   1 
ATOM   193  O  O   . CYS A 1 26  ? 2.676   -9.728  -5.410  1.00 19.20 ? 26  CYS A O   1 
ATOM   194  C  CB  . CYS A 1 26  ? 5.038   -9.832  -7.174  1.00 19.11 ? 26  CYS A CB  1 
ATOM   195  S  SG  . CYS A 1 26  ? 5.552   -10.629 -8.675  1.00 22.39 ? 26  CYS A SG  1 
ATOM   196  N  N   . ASN A 1 27  ? 3.073   -7.525  -5.672  1.00 16.19 ? 27  ASN A N   1 
ATOM   197  C  CA  . ASN A 1 27  ? 2.639   -7.162  -4.343  1.00 16.10 ? 27  ASN A CA  1 
ATOM   198  C  C   . ASN A 1 27  ? 1.575   -6.122  -4.240  1.00 16.43 ? 27  ASN A C   1 
ATOM   199  O  O   . ASN A 1 27  ? 0.941   -6.022  -3.189  1.00 16.81 ? 27  ASN A O   1 
ATOM   200  C  CB  . ASN A 1 27  ? 3.829   -6.700  -3.524  1.00 15.11 ? 27  ASN A CB  1 
ATOM   201  C  CG  . ASN A 1 27  ? 4.837   -7.788  -3.350  1.00 16.44 ? 27  ASN A CG  1 
ATOM   202  O  OD1 . ASN A 1 27  ? 4.663   -8.639  -2.500  1.00 16.11 ? 27  ASN A OD1 1 
ATOM   203  N  ND2 . ASN A 1 27  ? 5.882   -7.789  -4.181  1.00 17.31 ? 27  ASN A ND2 1 
ATOM   204  N  N   . CYS A 1 28  ? 1.402   -5.301  -5.280  1.00 17.45 ? 28  CYS A N   1 
ATOM   205  C  CA  . CYS A 1 28  ? 0.372   -4.283  -5.203  1.00 17.94 ? 28  CYS A CA  1 
ATOM   206  C  C   . CYS A 1 28  ? -0.918  -4.874  -5.661  1.00 19.37 ? 28  CYS A C   1 
ATOM   207  O  O   . CYS A 1 28  ? -1.050  -5.286  -6.807  0.93 21.33 ? 28  CYS A O   1 
ATOM   208  C  CB  . CYS A 1 28  ? 0.698   -3.032  -6.000  1.00 17.67 ? 28  CYS A CB  1 
ATOM   209  S  SG  . CYS A 1 28  ? 2.330   -2.348  -5.675  1.00 17.46 ? 28  CYS A SG  1 
ATOM   210  N  N   . GLY A 1 29  ? -1.859  -4.936  -4.753  1.00 19.25 ? 29  GLY A N   1 
ATOM   211  C  CA  . GLY A 1 29  ? -3.172  -5.435  -5.108  0.73 20.86 ? 29  GLY A CA  1 
ATOM   212  C  C   . GLY A 1 29  ? -3.549  -6.633  -4.281  1.00 21.50 ? 29  GLY A C   1 
ATOM   213  O  O   . GLY A 1 29  ? -3.170  -6.747  -3.117  1.00 21.10 ? 29  GLY A O   1 
ATOM   214  N  N   . VAL A 1 30  ? -4.263  -7.548  -4.919  1.00 22.69 ? 30  VAL A N   1 
ATOM   215  C  CA  . VAL A 1 30  ? -4.884  -8.656  -4.226  1.00 23.84 ? 30  VAL A CA  1 
ATOM   216  C  C   . VAL A 1 30  ? -3.901  -9.706  -3.738  1.00 24.64 ? 30  VAL A C   1 
ATOM   217  O  O   . VAL A 1 30  ? -2.724  -9.732  -4.128  0.94 25.57 ? 30  VAL A O   1 
ATOM   218  C  CB  . VAL A 1 30  ? -5.996  -9.317  -5.087  0.86 24.29 ? 30  VAL A CB  1 
ATOM   219  C  CG1 . VAL A 1 30  ? -7.042  -8.288  -5.464  1.00 24.58 ? 30  VAL A CG1 1 
ATOM   220  C  CG2 . VAL A 1 30  ? -5.415  -9.963  -6.338  0.71 24.73 ? 30  VAL A CG2 1 
ATOM   221  N  N   . LEU A 1 31  ? -4.427  -10.564 -2.868  0.93 25.12 ? 31  LEU A N   1 
ATOM   222  C  CA  . LEU A 1 31  ? -3.711  -11.672 -2.267  0.65 25.26 ? 31  LEU A CA  1 
ATOM   223  C  C   . LEU A 1 31  ? -2.478  -11.190 -1.530  0.91 24.77 ? 31  LEU A C   1 
ATOM   224  O  O   . LEU A 1 31  ? -2.464  -10.084 -0.983  1.00 24.98 ? 31  LEU A O   1 
ATOM   225  C  CB  . LEU A 1 31  ? -3.374  -12.749 -3.310  0.75 25.62 ? 31  LEU A CB  1 
ATOM   226  C  CG  . LEU A 1 31  ? -4.562  -13.487 -3.936  0.92 27.20 ? 31  LEU A CG  1 
ATOM   227  C  CD1 . LEU A 1 31  ? -4.085  -14.528 -4.914  0.82 27.97 ? 31  LEU A CD1 1 
ATOM   228  C  CD2 . LEU A 1 31  ? -5.412  -14.136 -2.871  0.86 27.91 ? 31  LEU A CD2 1 
ATOM   229  N  N   . GLY A 1 32  ? -1.450  -12.019 -1.513  0.84 24.24 ? 32  GLY A N   1 
ATOM   230  C  CA  . GLY A 1 32  ? -0.305  -11.705 -0.716  1.00 22.79 ? 32  GLY A CA  1 
ATOM   231  C  C   . GLY A 1 32  ? 0.867   -11.136 -1.465  1.00 21.87 ? 32  GLY A C   1 
ATOM   232  O  O   . GLY A 1 32  ? 0.752   -10.326 -2.399  1.00 22.73 ? 32  GLY A O   1 
ATOM   233  N  N   . ARG A 1 33  ? 2.017   -11.565 -0.997  0.96 20.74 ? 33  ARG A N   1 
ATOM   234  C  CA  . ARG A 1 33  ? 3.259   -11.044 -1.495  1.00 19.48 ? 33  ARG A CA  1 
ATOM   235  C  C   . ARG A 1 33  ? 3.915   -11.945 -2.511  1.00 19.46 ? 33  ARG A C   1 
ATOM   236  O  O   . ARG A 1 33  ? 3.535   -13.097 -2.702  0.93 20.66 ? 33  ARG A O   1 
ATOM   237  C  CB  . ARG A 1 33  ? 4.193   -10.825 -0.319  1.00 18.37 ? 33  ARG A CB  1 
ATOM   238  C  CG  . ARG A 1 33  ? 3.708   -9.750  0.639   1.00 19.06 ? 33  ARG A CG  1 
ATOM   239  C  CD  . ARG A 1 33  ? 4.626   -9.641  1.842   1.00 18.52 ? 33  ARG A CD  1 
ATOM   240  N  NE  . ARG A 1 33  ? 4.766   -10.969 2.424   0.99 19.87 ? 33  ARG A NE  1 
ATOM   241  C  CZ  . ARG A 1 33  ? 5.924   -11.603 2.590   0.92 19.04 ? 33  ARG A CZ  1 
ATOM   242  N  NH1 . ARG A 1 33  ? 7.078   -11.013 2.306   1.00 19.13 ? 33  ARG A NH1 1 
ATOM   243  N  NH2 . ARG A 1 33  ? 5.929   -12.838 3.067   0.99 20.05 ? 33  ARG A NH2 1 
ATOM   244  N  N   . GLY A 1 34  ? 4.915   -11.383 -3.159  1.00 18.88 ? 34  GLY A N   1 
ATOM   245  C  CA  . GLY A 1 34  ? 5.743   -12.106 -4.110  0.97 19.09 ? 34  GLY A CA  1 
ATOM   246  C  C   . GLY A 1 34  ? 7.050   -11.354 -4.177  1.00 19.30 ? 34  GLY A C   1 
ATOM   247  O  O   . GLY A 1 34  ? 7.148   -10.211 -3.704  1.00 17.93 ? 34  GLY A O   1 
ATOM   248  N  N   . LYS A 1 35  ? 8.075   -11.978 -4.746  1.00 19.42 ? 35  LYS A N   1 
ATOM   249  C  CA  . LYS A 1 35  ? 9.340   -11.274 -4.910  1.00 20.40 ? 35  LYS A CA  1 
ATOM   250  C  C   . LYS A 1 35  ? 9.037   -10.001 -5.695  1.00 20.15 ? 35  LYS A C   1 
ATOM   251  O  O   . LYS A 1 35  ? 8.426   -10.057 -6.769  1.00 20.39 ? 35  LYS A O   1 
ATOM   252  C  CB  . LYS A 1 35  ? 10.366  -12.126 -5.663  0.98 21.34 ? 35  LYS A CB  1 
ATOM   253  C  CG  . LYS A 1 35  ? 11.701  -11.420 -5.861  0.89 23.55 ? 35  LYS A CG  1 
ATOM   254  C  CD  . LYS A 1 35  ? 12.717  -12.310 -6.551  0.77 25.44 ? 35  LYS A CD  1 
ATOM   255  C  CE  . LYS A 1 35  ? 14.130  -11.800 -6.287  0.70 27.24 ? 35  LYS A CE  1 
ATOM   256  N  NZ  . LYS A 1 35  ? 15.164  -12.683 -6.896  0.49 27.55 ? 35  LYS A NZ  1 
ATOM   257  N  N   . PRO A 1 36  ? 9.423   -8.839  -5.152  1.00 20.07 ? 36  PRO A N   1 
ATOM   258  C  CA  . PRO A 1 36  ? 9.104   -7.594  -5.847  1.00 19.53 ? 36  PRO A CA  1 
ATOM   259  C  C   . PRO A 1 36  ? 9.733   -7.442  -7.220  1.00 20.11 ? 36  PRO A C   1 
ATOM   260  O  O   . PRO A 1 36  ? 10.870  -7.863  -7.451  1.00 21.21 ? 36  PRO A O   1 
ATOM   261  C  CB  . PRO A 1 36  ? 9.609   -6.508  -4.891  1.00 19.79 ? 36  PRO A CB  1 
ATOM   262  C  CG  . PRO A 1 36  ? 9.686   -7.173  -3.566  0.95 20.87 ? 36  PRO A CG  1 
ATOM   263  C  CD  . PRO A 1 36  ? 10.060  -8.589  -3.845  1.00 19.71 ? 36  PRO A CD  1 
ATOM   264  N  N   . LYS A 1 37  ? 8.974   -6.828  -8.120  1.00 19.21 ? 37  LYS A N   1 
ATOM   265  C  CA  . LYS A 1 37  ? 9.449   -6.617  -9.474  1.00 20.23 ? 37  LYS A CA  1 
ATOM   266  C  C   . LYS A 1 37  ? 10.321  -5.387  -9.553  1.00 19.86 ? 37  LYS A C   1 
ATOM   267  O  O   . LYS A 1 37  ? 11.208  -5.298  -10.402 0.94 21.11 ? 37  LYS A O   1 
ATOM   268  C  CB  . LYS A 1 37  ? 8.270   -6.494  -10.440 1.00 20.87 ? 37  LYS A CB  1 
ATOM   269  C  CG  . LYS A 1 37  ? 7.637   -7.846  -10.779 0.72 23.44 ? 37  LYS A CG  1 
ATOM   270  C  CD  . LYS A 1 37  ? 8.627   -8.704  -11.556 1.00 27.99 ? 37  LYS A CD  1 
ATOM   271  C  CE  . LYS A 1 37  ? 8.523   -10.163 -11.184 0.57 29.34 ? 37  LYS A CE  1 
ATOM   272  N  NZ  . LYS A 1 37  ? 7.981   -10.957 -12.313 0.70 31.28 ? 37  LYS A NZ  1 
ATOM   273  N  N   . ASP A 1 38  ? 10.061  -4.433  -8.668  1.00 18.71 ? 38  ASP A N   1 
ATOM   274  C  CA  . ASP A 1 38  ? 10.744  -3.168  -8.685  1.00 17.57 ? 38  ASP A CA  1 
ATOM   275  C  C   . ASP A 1 38  ? 10.482  -2.418  -7.382  0.96 17.28 ? 38  ASP A C   1 
ATOM   276  O  O   . ASP A 1 38  ? 9.886   -2.978  -6.467  1.00 16.87 ? 38  ASP A O   1 
ATOM   277  C  CB  . ASP A 1 38  ? 10.342  -2.346  -9.915  1.00 18.56 ? 38  ASP A CB  1 
ATOM   278  C  CG  . ASP A 1 38  ? 8.898   -1.861  -9.878  1.00 18.63 ? 38  ASP A CG  1 
ATOM   279  O  OD1 . ASP A 1 38  ? 8.155   -2.172  -8.918  1.00 17.23 ? 38  ASP A OD1 1 
ATOM   280  O  OD2 . ASP A 1 38  ? 8.518   -1.144  -10.832 1.00 18.59 ? 38  ASP A OD2 1 
ATOM   281  N  N   . ALA A 1 39  ? 10.891  -1.161  -7.307  1.00 17.40 ? 39  ALA A N   1 
ATOM   282  C  CA  . ALA A 1 39  ? 10.738  -0.396  -6.076  1.00 16.66 ? 39  ALA A CA  1 
ATOM   283  C  C   . ALA A 1 39  ? 9.279   -0.148  -5.702  1.00 16.01 ? 39  ALA A C   1 
ATOM   284  O  O   . ALA A 1 39  ? 8.900   -0.249  -4.535  1.00 16.49 ? 39  ALA A O   1 
ATOM   285  C  CB  . ALA A 1 39  ? 11.530  0.899   -6.134  1.00 17.59 ? 39  ALA A CB  1 
ATOM   286  N  N   . THR A 1 40  ? 8.458   0.182   -6.688  1.00 15.38 ? 40  THR A N   1 
ATOM   287  C  CA  . THR A 1 40  ? 7.044   0.387   -6.439  1.00 15.01 ? 40  THR A CA  1 
ATOM   288  C  C   . THR A 1 40  ? 6.464   -0.874  -5.849  1.00 15.69 ? 40  THR A C   1 
ATOM   289  O  O   . THR A 1 40  ? 5.762   -0.832  -4.844  1.00 16.01 ? 40  THR A O   1 
ATOM   290  C  CB  . THR A 1 40  ? 6.334   0.716   -7.770  1.00 15.42 ? 40  THR A CB  1 
ATOM   291  O  OG1 . THR A 1 40  ? 6.716   2.028   -8.170  1.00 16.45 ? 40  THR A OG1 1 
ATOM   292  C  CG2 . THR A 1 40  ? 4.795   0.668   -7.658  1.00 16.69 ? 40  THR A CG2 1 
ATOM   293  N  N   . ASP A 1 41  ? 6.776   -1.997  -6.476  1.00 15.76 ? 41  ASP A N   1 
ATOM   294  C  CA  . ASP A 1 41  ? 6.256   -3.282  -6.021  1.00 15.48 ? 41  ASP A CA  1 
ATOM   295  C  C   . ASP A 1 41  ? 6.750   -3.551  -4.607  1.00 16.32 ? 41  ASP A C   1 
ATOM   296  O  O   . ASP A 1 41  ? 6.000   -4.006  -3.744  1.00 15.81 ? 41  ASP A O   1 
ATOM   297  C  CB  . ASP A 1 41  ? 6.720   -4.369  -6.987  1.00 16.15 ? 41  ASP A CB  1 
ATOM   298  C  CG  . ASP A 1 41  ? 5.884   -5.604  -6.916  1.00 17.04 ? 41  ASP A CG  1 
ATOM   299  O  OD1 . ASP A 1 41  ? 4.790   -5.554  -6.316  1.00 18.04 ? 41  ASP A OD1 1 
ATOM   300  O  OD2 . ASP A 1 41  ? 6.359   -6.616  -7.453  0.97 18.88 ? 41  ASP A OD2 1 
ATOM   301  N  N   . ARG A 1 42  ? 8.003   -3.192  -4.358  1.00 16.46 ? 42  ARG A N   1 
ATOM   302  C  CA  . ARG A 1 42  ? 8.595   -3.410  -3.053  1.00 16.46 ? 42  ARG A CA  1 
ATOM   303  C  C   . ARG A 1 42  ? 7.859   -2.578  -1.990  1.00 16.46 ? 42  ARG A C   1 
ATOM   304  O  O   . ARG A 1 42  ? 7.699   -3.016  -0.841  1.00 16.20 ? 42  ARG A O   1 
ATOM   305  C  CB  . ARG A 1 42  ? 10.085  -3.101  -3.098  1.00 18.43 ? 42  ARG A CB  1 
ATOM   306  C  CG  . ARG A 1 42  ? 10.833  -3.496  -1.849  1.00 21.51 ? 42  ARG A CG  1 
ATOM   307  C  CD  . ARG A 1 42  ? 12.334  -3.434  -2.103  0.88 25.50 ? 42  ARG A CD  1 
ATOM   308  N  NE  . ARG A 1 42  ? 12.761  -4.385  -3.136  1.00 28.98 ? 42  ARG A NE  1 
ATOM   309  C  CZ  . ARG A 1 42  ? 13.122  -4.060  -4.379  0.77 30.56 ? 42  ARG A CZ  1 
ATOM   310  N  NH1 . ARG A 1 42  ? 13.140  -2.792  -4.781  0.76 31.88 ? 42  ARG A NH1 1 
ATOM   311  N  NH2 . ARG A 1 42  ? 13.476  -5.020  -5.229  0.74 32.29 ? 42  ARG A NH2 1 
ATOM   312  N  N   . CYS A 1 43  ? 7.368   -1.396  -2.372  1.00 16.29 ? 43  CYS A N   1 
ATOM   313  C  CA  . CYS A 1 43  ? 6.556   -0.603  -1.443  1.00 15.34 ? 43  CYS A CA  1 
ATOM   314  C  C   . CYS A 1 43  ? 5.404   -1.427  -0.957  1.00 14.92 ? 43  CYS A C   1 
ATOM   315  O  O   . CYS A 1 43  ? 5.052   -1.410  0.214   1.00 14.59 ? 43  CYS A O   1 
ATOM   316  C  CB  . CYS A 1 43  ? 5.955   0.621   -2.109  1.00 15.26 ? 43  CYS A CB  1 
ATOM   317  S  SG  . CYS A 1 43  ? 7.168   1.806   -2.652  1.00 16.84 ? 43  CYS A SG  1 
ATOM   318  N  N   . CYS A 1 44  ? 4.782   -2.110  -1.898  1.00 14.90 ? 44  CYS A N   1 
ATOM   319  C  CA  . CYS A 1 44  ? 3.601   -2.874  -1.592  1.00 15.18 ? 44  CYS A CA  1 
ATOM   320  C  C   . CYS A 1 44  ? 3.906   -4.108  -0.799  1.00 15.09 ? 44  CYS A C   1 
ATOM   321  O  O   . CYS A 1 44  ? 3.073   -4.554  -0.042  1.00 14.98 ? 44  CYS A O   1 
ATOM   322  C  CB  . CYS A 1 44  ? 2.908   -3.264  -2.867  1.00 15.25 ? 44  CYS A CB  1 
ATOM   323  S  SG  . CYS A 1 44  ? 2.226   -1.832  -3.697  1.00 16.33 ? 44  CYS A SG  1 
ATOM   324  N  N   . TYR A 1 45  ? 5.090   -4.664  -1.045  1.00 14.74 ? 45  TYR A N   1 
ATOM   325  C  CA  . TYR A 1 45  ? 5.586   -5.801  -0.291  1.00 14.77 ? 45  TYR A CA  1 
ATOM   326  C  C   . TYR A 1 45  ? 5.748   -5.378  1.156   1.00 15.22 ? 45  TYR A C   1 
ATOM   327  O  O   . TYR A 1 45  ? 5.231   -6.034  2.063   1.00 15.18 ? 45  TYR A O   1 
ATOM   328  C  CB  . TYR A 1 45  ? 6.911   -6.180  -0.895  1.00 15.77 ? 45  TYR A CB  1 
ATOM   329  C  CG  . TYR A 1 45  ? 7.617   -7.334  -0.289  1.00 16.02 ? 45  TYR A CG  1 
ATOM   330  C  CD1 . TYR A 1 45  ? 7.611   -8.558  -0.938  0.95 17.85 ? 45  TYR A CD1 1 
ATOM   331  C  CD2 . TYR A 1 45  ? 8.351   -7.189  0.885   1.00 16.61 ? 45  TYR A CD2 1 
ATOM   332  C  CE1 . TYR A 1 45  ? 8.323   -9.639  -0.433  1.00 18.42 ? 45  TYR A CE1 1 
ATOM   333  C  CE2 . TYR A 1 45  ? 9.058   -8.247  1.394   1.00 17.51 ? 45  TYR A CE2 1 
ATOM   334  C  CZ  . TYR A 1 45  ? 9.043   -9.466  0.732   1.00 18.98 ? 45  TYR A CZ  1 
ATOM   335  O  OH  . TYR A 1 45  ? 9.750   -10.529 1.227   0.98 20.98 ? 45  TYR A OH  1 
ATOM   336  N  N   . VAL A 1 46  ? 6.449   -4.273  1.353   1.00 14.40 ? 46  VAL A N   1 
ATOM   337  C  CA  . VAL A 1 46  ? 6.662   -3.750  2.695   1.00 14.64 ? 46  VAL A CA  1 
ATOM   338  C  C   . VAL A 1 46  ? 5.337   -3.468  3.377   0.98 14.96 ? 46  VAL A C   1 
ATOM   339  O  O   . VAL A 1 46  ? 5.110   -3.795  4.540   1.00 15.13 ? 46  VAL A O   1 
ATOM   340  C  CB  . VAL A 1 46  ? 7.497   -2.502  2.647   1.00 14.86 ? 46  VAL A CB  1 
ATOM   341  C  CG1 . VAL A 1 46  ? 7.467   -1.795  4.017   1.00 15.28 ? 46  VAL A CG1 1 
ATOM   342  C  CG2 . VAL A 1 46  ? 8.894   -2.881  2.255   1.00 15.78 ? 46  VAL A CG2 1 
ATOM   343  N  N   . HIS A 1 47  ? 4.367   -2.928  2.556   1.00 14.31 ? 47  HIS A N   1 
ATOM   344  C  CA  . HIS A 1 47  ? 3.120   -2.531  3.098   1.00 13.77 ? 47  HIS A CA  1 
ATOM   345  C  C   . HIS A 1 47  ? 2.474   -3.889  3.516   1.00 13.72 ? 47  HIS A C   1 
ATOM   346  O  O   . HIS A 1 47  ? 1.682   -3.937  4.630   1.00 15.25 ? 47  HIS A O   1 
ATOM   347  C  CB  . HIS A 1 47  ? 2.130   -2.174  2.152   1.00 13.35 ? 47  HIS A CB  1 
ATOM   348  C  CG  . HIS A 1 47  ? 0.795   -1.734  2.437   1.00 14.70 ? 47  HIS A CG  1 
ATOM   349  N  ND1 . HIS A 1 47  ? -0.276  -2.088  1.702   1.00 15.91 ? 47  HIS A ND1 1 
ATOM   350  C  CD2 . HIS A 1 47  ? 0.416   -0.790  3.385   1.00 15.43 ? 47  HIS A CD2 1 
ATOM   351  C  CE1 . HIS A 1 47  ? -1.313  -1.387  2.102   1.00 15.56 ? 47  HIS A CE1 1 
ATOM   352  N  NE2 . HIS A 1 47  ? -0.920  -0.610  3.122   1.00 14.63 ? 47  HIS A NE2 1 
ATOM   353  N  N   . LYS A 1 48  ? 2.443   -5.040  2.727   1.00 13.89 ? 48  LYS A N   1 
ATOM   354  C  CA  . LYS A 1 48  ? 1.787   -6.273  3.180   0.98 14.89 ? 48  LYS A CA  1 
ATOM   355  C  C   . LYS A 1 48  ? 2.493   -6.841  4.378   0.96 15.64 ? 48  LYS A C   1 
ATOM   356  O  O   . LYS A 1 48  ? 1.855   -7.432  5.235   1.00 16.74 ? 48  LYS A O   1 
ATOM   357  C  CB  . LYS A 1 48  ? 1.711   -7.245  2.021   1.00 15.23 ? 48  LYS A CB  1 
ATOM   358  C  CG  . LYS A 1 48  ? 0.583   -6.870  1.103   1.00 15.53 ? 48  LYS A CG  1 
ATOM   359  C  CD  . LYS A 1 48  ? 0.577   -7.635  -0.175  1.00 16.09 ? 48  LYS A CD  1 
ATOM   360  C  CE  . LYS A 1 48  ? -0.752  -7.346  -0.832  1.00 17.74 ? 48  LYS A CE  1 
ATOM   361  N  NZ  . LYS A 1 48  ? -0.800  -8.014  -2.142  1.00 19.70 ? 48  LYS A NZ  1 
ATOM   362  N  N   . CYS A 1 49  ? 3.796   -6.623  4.478   1.00 15.58 ? 49  CYS A N   1 
ATOM   363  C  CA  . CYS A 1 49  ? 4.484   -7.072  5.680   1.00 15.93 ? 49  CYS A CA  1 
ATOM   364  C  C   . CYS A 1 49  ? 4.019   -6.283  6.881   0.93 16.79 ? 49  CYS A C   1 
ATOM   365  O  O   . CYS A 1 49  ? 3.833   -6.823  7.968   0.94 17.86 ? 49  CYS A O   1 
ATOM   366  C  CB  . CYS A 1 49  ? 5.987   -6.982  5.536   1.00 16.45 ? 49  CYS A CB  1 
ATOM   367  S  SG  . CYS A 1 49  ? 6.604   -8.328  4.519   1.00 19.11 ? 49  CYS A SG  1 
ATOM   368  N  N   . CYS A 1 50  ? 3.784   -4.999  6.667   1.00 16.70 ? 50  CYS A N   1 
ATOM   369  C  CA  . CYS A 1 50  ? 3.367   -4.103  7.733   1.00 17.13 ? 50  CYS A CA  1 
ATOM   370  C  C   . CYS A 1 50  ? 2.028   -4.537  8.288   1.00 17.45 ? 50  CYS A C   1 
ATOM   371  O  O   . CYS A 1 50  ? 1.787   -4.504  9.496   1.00 17.77 ? 50  CYS A O   1 
ATOM   372  C  CB  . CYS A 1 50  ? 3.230   -2.717  7.133   1.00 17.13 ? 50  CYS A CB  1 
ATOM   373  S  SG  . CYS A 1 50  ? 3.030   -1.401  8.311   1.00 18.73 ? 50  CYS A SG  1 
ATOM   374  N  N   . TYR A 1 51  ? 1.152   -4.974  7.399   1.00 17.74 ? 51  TYR A N   1 
ATOM   375  C  CA  . TYR A 1 51  ? -0.160  -5.428  7.796   1.00 17.98 ? 51  TYR A CA  1 
ATOM   376  C  C   . TYR A 1 51  ? -0.105  -6.611  8.745   0.99 19.64 ? 51  TYR A C   1 
ATOM   377  O  O   . TYR A 1 51  ? -1.052  -6.855  9.480   1.00 20.06 ? 51  TYR A O   1 
ATOM   378  C  CB  . TYR A 1 51  ? -0.936  -5.807  6.545   1.00 18.10 ? 51  TYR A CB  1 
ATOM   379  C  CG  . TYR A 1 51  ? -1.650  -4.663  5.891   1.00 17.31 ? 51  TYR A CG  1 
ATOM   380  C  CD1 . TYR A 1 51  ? -1.451  -3.342  6.301   1.00 16.86 ? 51  TYR A CD1 1 
ATOM   381  C  CD2 . TYR A 1 51  ? -2.528  -4.903  4.855   0.99 17.85 ? 51  TYR A CD2 1 
ATOM   382  C  CE1 . TYR A 1 51  ? -2.147  -2.288  5.694   1.00 16.32 ? 51  TYR A CE1 1 
ATOM   383  C  CE2 . TYR A 1 51  ? -3.211  -3.873  4.245   0.97 18.18 ? 51  TYR A CE2 1 
ATOM   384  C  CZ  . TYR A 1 51  ? -3.031  -2.572  4.677   1.00 16.89 ? 51  TYR A CZ  1 
ATOM   385  O  OH  . TYR A 1 51  ? -3.750  -1.578  4.078   1.00 17.45 ? 51  TYR A OH  1 
ATOM   386  N  N   . LYS A 1 52  ? 1.012   -7.325  8.739   1.00 20.96 ? 52  LYS A N   1 
ATOM   387  C  CA  . LYS A 1 52  ? 1.108   -8.533  9.556   1.00 22.69 ? 52  LYS A CA  1 
ATOM   388  C  C   . LYS A 1 52  ? 1.095   -8.261  11.051  0.98 23.47 ? 52  LYS A C   1 
ATOM   389  O  O   . LYS A 1 52  ? 0.835   -9.166  11.830  1.00 24.18 ? 52  LYS A O   1 
ATOM   390  C  CB  . LYS A 1 52  ? 2.341   -9.358  9.191   0.91 23.38 ? 52  LYS A CB  1 
ATOM   391  C  CG  . LYS A 1 52  ? 2.357   -9.856  7.749   1.00 25.14 ? 52  LYS A CG  1 
ATOM   392  C  CD  . LYS A 1 52  ? 1.118   -10.677 7.373   0.83 28.34 ? 52  LYS A CD  1 
ATOM   393  C  CE  . LYS A 1 52  ? 0.923   -11.921 8.252   0.85 28.77 ? 52  LYS A CE  1 
ATOM   394  N  NZ  . LYS A 1 52  ? 2.163   -12.762 8.358   0.38 29.44 ? 52  LYS A NZ  1 
ATOM   395  N  N   . LYS A 1 53  ? 1.384   -7.022  11.443  0.97 24.22 ? 53  LYS A N   1 
ATOM   396  C  CA  . LYS A 1 53  ? 1.400   -6.642  12.859  1.00 24.48 ? 53  LYS A CA  1 
ATOM   397  C  C   . LYS A 1 53  ? 0.007   -6.359  13.411  1.00 24.83 ? 53  LYS A C   1 
ATOM   398  O  O   . LYS A 1 53  ? -0.178  -6.277  14.630  0.95 24.83 ? 53  LYS A O   1 
ATOM   399  C  CB  . LYS A 1 53  ? 2.256   -5.391  13.060  0.85 24.75 ? 53  LYS A CB  1 
ATOM   400  C  CG  . LYS A 1 53  ? 1.520   -4.089  12.748  0.98 25.39 ? 53  LYS A CG  1 
ATOM   401  C  CD  . LYS A 1 53  ? 2.396   -2.852  12.879  1.00 25.83 ? 53  LYS A CD  1 
ATOM   402  C  CE  . LYS A 1 53  ? 3.392   -2.732  11.741  1.00 26.75 ? 53  LYS A CE  1 
ATOM   403  N  NZ  . LYS A 1 53  ? 4.065   -1.419  11.755  1.00 27.75 ? 53  LYS A NZ  1 
ATOM   404  N  N   . LEU A 1 54  ? -0.957  -6.170  12.516  1.00 25.40 ? 54  LEU A N   1 
ATOM   405  C  CA  . LEU A 1 54  ? -2.308  -5.784  12.892  1.00 26.50 ? 54  LEU A CA  1 
ATOM   406  C  C   . LEU A 1 54  ? -3.032  -6.895  13.621  0.89 27.41 ? 54  LEU A C   1 
ATOM   407  O  O   . LEU A 1 54  ? -3.133  -8.007  13.120  0.94 27.64 ? 54  LEU A O   1 
ATOM   408  C  CB  . LEU A 1 54  ? -3.109  -5.389  11.654  0.87 26.70 ? 54  LEU A CB  1 
ATOM   409  C  CG  . LEU A 1 54  ? -3.113  -3.961  11.096  0.64 27.43 ? 54  LEU A CG  1 
ATOM   410  C  CD1 . LEU A 1 54  ? -1.964  -3.085  11.576  1.00 26.82 ? 54  LEU A CD1 1 
ATOM   411  C  CD2 . LEU A 1 54  ? -3.160  -4.048  9.582   0.75 27.56 ? 54  LEU A CD2 1 
ATOM   412  N  N   . THR A 1 55  ? -3.514  -6.596  14.806  1.00 28.63 ? 55  THR A N   1 
ATOM   413  C  CA  . THR A 1 55  ? -4.349  -7.495  15.524  1.00 29.57 ? 55  THR A CA  1 
ATOM   414  C  C   . THR A 1 55  ? -5.671  -6.806  15.776  1.00 29.55 ? 55  THR A C   1 
ATOM   415  O  O   . THR A 1 55  ? -5.692  -5.745  16.308  0.73 30.31 ? 55  THR A O   1 
ATOM   416  C  CB  . THR A 1 55  ? -3.739  -7.801  16.882  0.84 29.76 ? 55  THR A CB  1 
ATOM   417  O  OG1 . THR A 1 55  ? -2.384  -8.189  16.735  0.99 31.89 ? 55  THR A OG1 1 
ATOM   418  C  CG2 . THR A 1 55  ? -4.512  -8.917  17.569  0.62 29.98 ? 55  THR A CG2 1 
ATOM   419  N  N   . GLY A 1 56  ? -6.774  -7.416  15.418  0.99 32.42 ? 56  GLY A N   1 
ATOM   420  C  CA  . GLY A 1 56  ? -8.056  -6.886  15.806  1.00 32.27 ? 56  GLY A CA  1 
ATOM   421  C  C   . GLY A 1 56  ? -8.684  -5.885  14.873  0.46 32.25 ? 56  GLY A C   1 
ATOM   422  O  O   . GLY A 1 56  ? -9.804  -5.449  15.073  0.72 32.26 ? 56  GLY A O   1 
ATOM   423  N  N   . CYS A 1 57  ? -7.944  -5.520  13.860  1.00 27.24 ? 57  CYS A N   1 
ATOM   424  C  CA  . CYS A 1 57  ? -8.512  -4.708  12.861  0.78 26.87 ? 57  CYS A CA  1 
ATOM   425  C  C   . CYS A 1 57  ? -8.205  -5.317  11.523  1.00 26.91 ? 57  CYS A C   1 
ATOM   426  O  O   . CYS A 1 57  ? -7.241  -6.000  11.397  0.83 27.46 ? 57  CYS A O   1 
ATOM   427  C  CB  . CYS A 1 57  ? -8.075  -3.248  13.016  0.94 26.80 ? 57  CYS A CB  1 
ATOM   428  S  SG  . CYS A 1 57  ? -6.410  -2.836  12.543  1.00 24.62 ? 57  CYS A SG  1 
ATOM   429  N  N   . ASP A 1 58  ? -9.111  -5.103  10.584  1.00 20.00 ? 58  ASP A N   1 
ATOM   430  C  CA  . ASP A 1 58  ? -9.077  -5.612  9.244   1.00 20.00 ? 58  ASP A CA  1 
ATOM   431  C  C   . ASP A 1 58  ? -8.586  -4.477  8.412   1.00 20.00 ? 58  ASP A C   1 
ATOM   432  O  O   . ASP A 1 58  ? -9.190  -3.476  8.344   1.00 25.69 ? 58  ASP A O   1 
ATOM   433  C  CB  . ASP A 1 58  ? -10.511 -5.902  8.819   1.00 20.00 ? 58  ASP A CB  1 
ATOM   434  C  CG  . ASP A 1 58  ? -10.609 -6.592  7.495   1.00 20.00 ? 58  ASP A CG  1 
ATOM   435  O  OD1 . ASP A 1 58  ? -9.881  -6.305  6.578   1.00 20.00 ? 58  ASP A OD1 1 
ATOM   436  O  OD2 . ASP A 1 58  ? -11.468 -7.440  7.387   1.00 20.00 ? 58  ASP A OD2 1 
ATOM   437  N  N   . PRO A 1 59  ? -7.458  -4.682  7.804   1.00 25.37 ? 59  PRO A N   1 
ATOM   438  C  CA  . PRO A 1 59  ? -6.814  -3.667  6.981   1.00 25.14 ? 59  PRO A CA  1 
ATOM   439  C  C   . PRO A 1 59  ? -7.598  -3.316  5.723   0.84 24.95 ? 59  PRO A C   1 
ATOM   440  O  O   . PRO A 1 59  ? -7.477  -2.206  5.209   0.93 24.35 ? 59  PRO A O   1 
ATOM   441  C  CB  . PRO A 1 59  ? -5.484  -4.325  6.615   1.00 25.05 ? 59  PRO A CB  1 
ATOM   442  C  CG  . PRO A 1 59  ? -5.756  -5.783  6.693   0.82 25.17 ? 59  PRO A CG  1 
ATOM   443  C  CD  . PRO A 1 59  ? -6.636  -5.901  7.898   1.00 25.33 ? 59  PRO A CD  1 
ATOM   444  N  N   . LYS A 1 60  ? -8.407  -4.244  5.227   1.00 25.07 ? 60  LYS A N   1 
ATOM   445  C  CA  . LYS A 1 60  ? -9.166  -3.972  4.019   1.00 25.05 ? 60  LYS A CA  1 
ATOM   446  C  C   . LYS A 1 60  ? -10.438 -3.202  4.331   1.00 24.47 ? 60  LYS A C   1 
ATOM   447  O  O   . LYS A 1 60  ? -10.781 -2.274  3.622   1.00 23.65 ? 60  LYS A O   1 
ATOM   448  C  CB  . LYS A 1 60  ? -9.529  -5.264  3.287   1.00 25.56 ? 60  LYS A CB  1 
ATOM   449  C  CG  . LYS A 1 60  ? -8.358  -6.158  2.943   0.78 27.27 ? 60  LYS A CG  1 
ATOM   450  C  CD  . LYS A 1 60  ? -8.842  -7.400  2.198   0.90 29.72 ? 60  LYS A CD  1 
ATOM   451  C  CE  . LYS A 1 60  ? -7.688  -8.251  1.695   0.75 31.13 ? 60  LYS A CE  1 
ATOM   452  N  NZ  . LYS A 1 60  ? -6.760  -7.479  0.823   0.74 32.21 ? 60  LYS A NZ  1 
ATOM   453  N  N   . LYS A 1 61  ? -11.132 -3.603  5.396   1.00 25.28 ? 61  LYS A N   1 
ATOM   454  C  CA  . LYS A 1 61  ? -12.484 -3.127  5.652   0.98 25.52 ? 61  LYS A CA  1 
ATOM   455  C  C   . LYS A 1 61  ? -12.594 -2.000  6.666   1.00 25.21 ? 61  LYS A C   1 
ATOM   456  O  O   . LYS A 1 61  ? -13.520 -1.194  6.591   0.99 25.68 ? 61  LYS A O   1 
ATOM   457  C  CB  . LYS A 1 61  ? -13.369 -4.289  6.136   0.94 26.10 ? 61  LYS A CB  1 
ATOM   458  C  CG  . LYS A 1 61  ? -13.559 -5.430  5.142   0.67 27.58 ? 61  LYS A CG  1 
ATOM   459  C  CD  . LYS A 1 61  ? -14.567 -5.104  4.033   0.75 30.16 ? 61  LYS A CD  1 
ATOM   460  C  CE  . LYS A 1 61  ? -16.002 -5.046  4.534   0.88 31.61 ? 61  LYS A CE  1 
ATOM   461  N  NZ  . LYS A 1 61  ? -16.954 -4.859  3.398   0.65 32.65 ? 61  LYS A NZ  1 
ATOM   462  N  N   . ASP A 1 62  ? -11.671 -1.951  7.625   1.00 24.39 ? 62  ASP A N   1 
ATOM   463  C  CA  . ASP A 1 62  ? -11.861 -1.049  8.751   1.00 23.88 ? 62  ASP A CA  1 
ATOM   464  C  C   . ASP A 1 62  ? -11.433 0.354   8.452   1.00 23.10 ? 62  ASP A C   1 
ATOM   465  O  O   . ASP A 1 62  ? -10.271 0.608   8.128   1.00 22.20 ? 62  ASP A O   1 
ATOM   466  C  CB  . ASP A 1 62  ? -11.141 -1.548  9.993   1.00 24.30 ? 62  ASP A CB  1 
ATOM   467  C  CG  . ASP A 1 62  ? -11.725 -2.831  10.514  0.82 25.24 ? 62  ASP A CG  1 
ATOM   468  O  OD1 . ASP A 1 62  ? -12.782 -3.265  10.012  0.84 26.50 ? 62  ASP A OD1 1 
ATOM   469  O  OD2 . ASP A 1 62  ? -11.102 -3.410  11.413  1.00 26.23 ? 62  ASP A OD2 1 
ATOM   470  N  N   . ARG A 1 63  ? -12.381 1.268   8.579   0.97 22.75 ? 63  ARG A N   1 
ATOM   471  C  CA  . ARG A 1 63  ? -12.109 2.674   8.392   1.00 22.48 ? 63  ARG A CA  1 
ATOM   472  C  C   . ARG A 1 63  ? -11.278 3.187   9.553   1.00 21.67 ? 63  ARG A C   1 
ATOM   473  O  O   . ARG A 1 63  ? -11.251 2.616   10.644  1.00 22.73 ? 63  ARG A O   1 
ATOM   474  C  CB  . ARG A 1 63  ? -13.418 3.461   8.314   1.00 23.20 ? 63  ARG A CB  1 
ATOM   475  C  CG  . ARG A 1 63  ? -14.483 2.842   7.418   0.83 24.95 ? 63  ARG A CG  1 
ATOM   476  C  CD  . ARG A 1 63  ? -14.011 2.722   5.985   1.00 28.00 ? 63  ARG A CD  1 
ATOM   477  N  NE  . ARG A 1 63  ? -13.630 4.011   5.411   0.94 30.77 ? 63  ARG A NE  1 
ATOM   478  C  CZ  . ARG A 1 63  ? -14.426 4.765   4.660   0.59 31.25 ? 63  ARG A CZ  1 
ATOM   479  N  NH1 . ARG A 1 63  ? -15.665 4.371   4.381   0.81 32.19 ? 63  ARG A NH1 1 
ATOM   480  N  NH2 . ARG A 1 63  ? -13.980 5.919   4.187   1.00 32.15 ? 63  ARG A NH2 1 
ATOM   481  N  N   . TYR A 1 64  ? -10.573 4.275   9.296   1.00 21.00 ? 64  TYR A N   1 
ATOM   482  C  CA  . TYR A 1 64  ? -9.864  4.970   10.328  1.00 20.49 ? 64  TYR A CA  1 
ATOM   483  C  C   . TYR A 1 64  ? -9.792  6.401   9.896   1.00 20.46 ? 64  TYR A C   1 
ATOM   484  O  O   . TYR A 1 64  ? -10.093 6.729   8.733   0.95 20.78 ? 64  TYR A O   1 
ATOM   485  C  CB  . TYR A 1 64  ? -8.462  4.421   10.528  1.00 19.35 ? 64  TYR A CB  1 
ATOM   486  C  CG  . TYR A 1 64  ? -7.618  4.344   9.294   0.98 18.23 ? 64  TYR A CG  1 
ATOM   487  C  CD1 . TYR A 1 64  ? -7.022  5.487   8.778   1.00 17.52 ? 64  TYR A CD1 1 
ATOM   488  C  CD2 . TYR A 1 64  ? -7.380  3.125   8.665   1.00 16.46 ? 64  TYR A CD2 1 
ATOM   489  C  CE1 . TYR A 1 64  ? -6.211  5.421   7.668   1.00 17.43 ? 64  TYR A CE1 1 
ATOM   490  C  CE2 . TYR A 1 64  ? -6.569  3.046   7.548   1.00 16.02 ? 64  TYR A CE2 1 
ATOM   491  C  CZ  . TYR A 1 64  ? -5.978  4.204   7.063   0.95 15.60 ? 64  TYR A CZ  1 
ATOM   492  O  OH  . TYR A 1 64  ? -5.173  4.181   5.956   1.00 16.71 ? 64  TYR A OH  1 
ATOM   493  N  N   . SER A 1 65  ? -9.399  7.240   10.839  1.00 20.44 ? 65  SER A N   1 
ATOM   494  C  CA  . SER A 1 65  ? -9.359  8.672   10.639  1.00 21.01 ? 65  SER A CA  1 
ATOM   495  C  C   . SER A 1 65  ? -7.949  9.101   10.359  1.00 20.14 ? 65  SER A C   1 
ATOM   496  O  O   . SER A 1 65  ? -7.009  8.704   11.030  1.00 19.66 ? 65  SER A O   1 
ATOM   497  C  CB  . SER A 1 65  ? -9.878  9.400   11.872  0.97 21.94 ? 65  SER A CB  1 
ATOM   498  O  OG  . SER A 1 65  ? -11.257 9.140   12.053  0.77 24.61 ? 65  SER A OG  1 
ATOM   499  N  N   . TYR A 1 66  ? -7.823  9.931   9.339   1.00 19.30 ? 66  TYR A N   1 
ATOM   500  C  CA  . TYR A 1 66  ? -6.579  10.578  9.052   1.00 18.13 ? 66  TYR A CA  1 
ATOM   501  C  C   . TYR A 1 66  ? -6.941  11.853  8.354   1.00 17.27 ? 66  TYR A C   1 
ATOM   502  O  O   . TYR A 1 66  ? -8.058  12.025  7.864   1.00 18.61 ? 66  TYR A O   1 
ATOM   503  C  CB  . TYR A 1 66  ? -5.662  9.694   8.195   1.00 18.30 ? 66  TYR A CB  1 
ATOM   504  C  CG  . TYR A 1 66  ? -5.874  9.772   6.704   1.00 16.35 ? 66  TYR A CG  1 
ATOM   505  C  CD1 . TYR A 1 66  ? -6.767  8.910   6.053   1.00 17.57 ? 66  TYR A CD1 1 
ATOM   506  C  CD2 . TYR A 1 66  ? -5.139  10.668  5.937   1.00 16.87 ? 66  TYR A CD2 1 
ATOM   507  C  CE1 . TYR A 1 66  ? -6.935  8.966   4.678   1.00 18.11 ? 66  TYR A CE1 1 
ATOM   508  C  CE2 . TYR A 1 66  ? -5.307  10.736  4.570   1.00 17.87 ? 66  TYR A CE2 1 
ATOM   509  C  CZ  . TYR A 1 66  ? -6.188  9.880   3.947   0.97 18.09 ? 66  TYR A CZ  1 
ATOM   510  O  OH  . TYR A 1 66  ? -6.332  9.978   2.579   1.00 19.53 ? 66  TYR A OH  1 
ATOM   511  N  N   . SER A 1 67  ? -5.996  12.765  8.350   1.00 16.96 ? 67  SER A N   1 
ATOM   512  C  CA  . SER A 1 67  ? -6.220  14.000  7.643   1.00 17.82 ? 67  SER A CA  1 
ATOM   513  C  C   . SER A 1 67  ? -4.987  14.385  6.871   1.00 17.72 ? 67  SER A C   1 
ATOM   514  O  O   . SER A 1 67  ? -3.904  13.812  7.021   1.00 17.63 ? 67  SER A O   1 
ATOM   515  C  CB  . SER A 1 67  ? -6.690  15.100  8.587   0.96 19.26 ? 67  SER A CB  1 
ATOM   516  O  OG  . SER A 1 67  ? -5.718  15.340  9.546   1.00 21.46 ? 67  SER A OG  1 
ATOM   517  N  N   . TRP A 1 68  ? -5.196  15.353  6.001   1.00 17.58 ? 68  TRP A N   1 
ATOM   518  C  CA  . TRP A 1 68  ? -4.177  15.864  5.146   1.00 17.34 ? 68  TRP A CA  1 
ATOM   519  C  C   . TRP A 1 68  ? -3.874  17.229  5.710   1.00 17.29 ? 68  TRP A C   1 
ATOM   520  O  O   . TRP A 1 68  ? -4.737  18.108  5.738   0.97 19.21 ? 68  TRP A O   1 
ATOM   521  C  CB  . TRP A 1 68  ? -4.805  15.943  3.771   1.00 16.49 ? 68  TRP A CB  1 
ATOM   522  C  CG  . TRP A 1 68  ? -3.989  16.418  2.654   0.95 17.60 ? 68  TRP A CG  1 
ATOM   523  C  CD1 . TRP A 1 68  ? -4.167  17.573  1.948   1.00 17.50 ? 68  TRP A CD1 1 
ATOM   524  C  CD2 . TRP A 1 68  ? -2.931  15.707  2.015   1.00 16.63 ? 68  TRP A CD2 1 
ATOM   525  N  NE1 . TRP A 1 68  ? -3.279  17.623  0.904   0.95 19.01 ? 68  TRP A NE1 1 
ATOM   526  C  CE2 . TRP A 1 68  ? -2.509  16.489  0.918   1.00 16.79 ? 68  TRP A CE2 1 
ATOM   527  C  CE3 . TRP A 1 68  ? -2.297  14.481  2.256   1.00 16.96 ? 68  TRP A CE3 1 
ATOM   528  C  CZ2 . TRP A 1 68  ? -1.479  16.093  0.080   1.00 19.24 ? 68  TRP A CZ2 1 
ATOM   529  C  CZ3 . TRP A 1 68  ? -1.264  14.090  1.417   0.95 17.79 ? 68  TRP A CZ3 1 
ATOM   530  C  CH2 . TRP A 1 68  ? -0.871  14.892  0.338   0.99 18.33 ? 68  TRP A CH2 1 
ATOM   531  N  N   . LYS A 1 69  ? -2.657  17.373  6.205   1.00 18.23 ? 69  LYS A N   1 
ATOM   532  C  CA  . LYS A 1 69  ? -2.226  18.590  6.864   1.00 18.90 ? 69  LYS A CA  1 
ATOM   533  C  C   . LYS A 1 69  ? -0.852  18.898  6.316   1.00 19.06 ? 69  LYS A C   1 
ATOM   534  O  O   . LYS A 1 69  ? 0.023   18.035  6.296   1.00 18.89 ? 69  LYS A O   1 
ATOM   535  C  CB  . LYS A 1 69  ? -2.135  18.410  8.386   1.00 19.75 ? 69  LYS A CB  1 
ATOM   536  C  CG  . LYS A 1 69  ? -3.422  18.089  9.097   1.00 21.21 ? 69  LYS A CG  1 
ATOM   537  C  CD  . LYS A 1 69  ? -3.204  18.120  10.602  1.00 23.21 ? 69  LYS A CD  1 
ATOM   538  C  CE  . LYS A 1 69  ? -4.277  17.362  11.354  0.87 24.37 ? 69  LYS A CE  1 
ATOM   539  N  NZ  . LYS A 1 69  ? -5.657  17.750  10.945  0.74 24.89 ? 69  LYS A NZ  1 
ATOM   540  N  N   . ASP A 1 70  ? -0.658  20.124  5.835   1.00 19.24 ? 70  ASP A N   1 
ATOM   541  C  CA  . ASP A 1 70  ? 0.633   20.507  5.257   1.00 19.44 ? 70  ASP A CA  1 
ATOM   542  C  C   . ASP A 1 70  ? 1.052   19.502  4.191   1.00 18.73 ? 70  ASP A C   1 
ATOM   543  O  O   . ASP A 1 70  ? 2.220   19.105  4.119   1.00 20.00 ? 70  ASP A O   1 
ATOM   544  C  CB  . ASP A 1 70  ? 1.727   20.559  6.325   1.00 20.97 ? 70  ASP A CB  1 
ATOM   545  C  CG  . ASP A 1 70  ? 1.643   21.789  7.205   0.60 23.10 ? 70  ASP A CG  1 
ATOM   546  O  OD1 . ASP A 1 70  ? 0.703   22.593  7.044   0.70 27.47 ? 70  ASP A OD1 1 
ATOM   547  O  OD2 . ASP A 1 70  ? 2.540   21.948  8.064   0.75 28.50 ? 70  ASP A OD2 1 
ATOM   548  N  N   . LYS A 1 71  ? 0.081   19.084  3.385   1.00 17.55 ? 71  LYS A N   1 
ATOM   549  C  CA  . LYS A 1 71  ? 0.297   18.096  2.342   1.00 16.56 ? 71  LYS A CA  1 
ATOM   550  C  C   . LYS A 1 71  ? 1.031   16.862  2.845   1.00 16.55 ? 71  LYS A C   1 
ATOM   551  O  O   . LYS A 1 71  ? 1.899   16.315  2.170   1.00 17.78 ? 71  LYS A O   1 
ATOM   552  C  CB  . LYS A 1 71  ? 1.008   18.712  1.152   1.00 16.76 ? 71  LYS A CB  1 
ATOM   553  C  CG  . LYS A 1 71  ? 0.100   19.684  0.444   1.00 17.23 ? 71  LYS A CG  1 
ATOM   554  C  CD  . LYS A 1 71  ? 0.616   20.055  -0.911  1.00 18.02 ? 71  LYS A CD  1 
ATOM   555  C  CE  . LYS A 1 71  ? 1.774   20.979  -0.792  0.96 19.20 ? 71  LYS A CE  1 
ATOM   556  N  NZ  . LYS A 1 71  ? 2.156   21.370  -2.171  1.00 17.57 ? 71  LYS A NZ  1 
ATOM   557  N  N   . THR A 1 72  ? 0.615   16.429  4.031   1.00 17.29 ? 72  THR A N   1 
ATOM   558  C  CA  . THR A 1 72  ? 1.146   15.263  4.715   1.00 17.39 ? 72  THR A CA  1 
ATOM   559  C  C   . THR A 1 72  ? -0.037  14.477  5.192   1.00 16.91 ? 72  THR A C   1 
ATOM   560  O  O   . THR A 1 72  ? -1.061  15.030  5.586   1.00 16.72 ? 72  THR A O   1 
ATOM   561  C  CB  . THR A 1 72  ? 1.996   15.687  5.932   1.00 17.65 ? 72  THR A CB  1 
ATOM   562  O  OG1 . THR A 1 72  ? 3.020   16.566  5.460   0.86 21.89 ? 72  THR A OG1 1 
ATOM   563  C  CG2 . THR A 1 72  ? 2.680   14.490  6.597   0.81 19.59 ? 72  THR A CG2 1 
ATOM   564  N  N   . ILE A 1 73  ? 0.093   13.159  5.115   1.00 16.60 ? 73  ILE A N   1 
ATOM   565  C  CA  . ILE A 1 73  ? -0.883  12.297  5.711   1.00 16.45 ? 73  ILE A CA  1 
ATOM   566  C  C   . ILE A 1 73  ? -0.623  12.251  7.204   1.00 16.13 ? 73  ILE A C   1 
ATOM   567  O  O   . ILE A 1 73  ? 0.482   11.961  7.620   1.00 16.76 ? 73  ILE A O   1 
ATOM   568  C  CB  . ILE A 1 73  ? -0.757  10.902  5.157   1.00 16.14 ? 73  ILE A CB  1 
ATOM   569  C  CG1 . ILE A 1 73  ? -1.063  10.904  3.657   1.00 16.42 ? 73  ILE A CG1 1 
ATOM   570  C  CG2 . ILE A 1 73  ? -1.658  9.977   5.920   1.00 16.80 ? 73  ILE A CG2 1 
ATOM   571  C  CD1 . ILE A 1 73  ? -0.525  9.709   2.934   1.00 15.87 ? 73  ILE A CD1 1 
ATOM   572  N  N   . VAL A 1 74  ? -1.662  12.539  7.976   1.00 16.22 ? 74  VAL A N   1 
ATOM   573  C  CA  . VAL A 1 74  ? -1.558  12.598  9.429   1.00 16.54 ? 74  VAL A CA  1 
ATOM   574  C  C   . VAL A 1 74  ? -2.611  11.639  9.973   1.00 16.82 ? 74  VAL A C   1 
ATOM   575  O  O   . VAL A 1 74  ? -3.801  11.904  9.911   1.00 17.68 ? 74  VAL A O   1 
ATOM   576  C  CB  . VAL A 1 74  ? -1.818  14.027  9.917   1.00 16.52 ? 74  VAL A CB  1 
ATOM   577  C  CG1 . VAL A 1 74  ? -1.833  14.088  11.452  1.00 17.73 ? 74  VAL A CG1 1 
ATOM   578  C  CG2 . VAL A 1 74  ? -0.766  14.961  9.353   1.00 17.57 ? 74  VAL A CG2 1 
ATOM   579  N  N   . CYS A 1 75  ? -2.142  10.496  10.472  1.00 17.61 ? 75  CYS A N   1 
ATOM   580  C  CA  . CYS A 1 75  ? -3.003  9.518   11.083  1.00 18.57 ? 75  CYS A CA  1 
ATOM   581  C  C   . CYS A 1 75  ? -3.546  10.058  12.396  1.00 19.56 ? 75  CYS A C   1 
ATOM   582  O  O   . CYS A 1 75  ? -2.823  10.691  13.155  1.00 21.02 ? 75  CYS A O   1 
ATOM   583  C  CB  . CYS A 1 75  ? -2.214  8.246   11.331  1.00 18.35 ? 75  CYS A CB  1 
ATOM   584  S  SG  . CYS A 1 75  ? -1.798  7.433   9.792   1.00 19.06 ? 75  CYS A SG  1 
ATOM   585  N  N   . GLY A 1 76  ? -4.994  9.800   12.613  1.00 25.20 ? 76  GLY A N   1 
ATOM   586  C  CA  . GLY A 1 76  ? -5.603  10.436  13.790  1.00 28.62 ? 76  GLY A CA  1 
ATOM   587  C  C   . GLY A 1 76  ? -5.718  9.555   15.024  1.00 30.13 ? 76  GLY A C   1 
ATOM   588  O  O   . GLY A 1 76  ? -4.820  9.518   15.875  0.90 30.75 ? 76  GLY A O   1 
ATOM   589  N  N   . GLU A 1 77  ? -6.878  8.905   15.138  0.20 31.12 ? 77  GLU A N   1 
ATOM   590  C  CA  . GLU A 1 77  ? -7.290  8.067   16.270  1.00 32.19 ? 77  GLU A CA  1 
ATOM   591  C  C   . GLU A 1 77  ? -6.225  7.203   16.956  1.00 32.18 ? 77  GLU A C   1 
ATOM   592  O  O   . GLU A 1 77  ? -5.290  6.702   16.331  0.99 33.22 ? 77  GLU A O   1 
ATOM   593  C  CB  . GLU A 1 77  ? -8.492  7.236   15.822  0.91 32.63 ? 77  GLU A CB  1 
ATOM   594  C  CG  . GLU A 1 77  ? -8.421  5.742   16.086  1.00 34.50 ? 77  GLU A CG  1 
ATOM   595  C  CD  . GLU A 1 77  ? -9.175  5.370   17.326  0.58 36.65 ? 77  GLU A CD  1 
ATOM   596  O  OE1 . GLU A 1 77  ? -8.630  5.598   18.428  1.00 38.08 ? 77  GLU A OE1 1 
ATOM   597  O  OE2 . GLU A 1 77  ? -10.310 4.855   17.198  0.66 37.72 ? 77  GLU A OE2 1 
ATOM   598  N  N   . ASN A 1 78  ? -6.379  7.035   18.264  0.23 31.83 ? 78  ASN A N   1 
ATOM   599  C  CA  . ASN A 1 78  ? -5.377  6.312   19.030  0.75 31.29 ? 78  ASN A CA  1 
ATOM   600  C  C   . ASN A 1 78  ? -5.538  4.795   19.082  0.37 30.39 ? 78  ASN A C   1 
ATOM   601  O  O   . ASN A 1 78  ? -4.578  4.105   19.446  0.71 30.64 ? 78  ASN A O   1 
ATOM   602  C  CB  . ASN A 1 78  ? -5.192  6.922   20.425  0.86 31.72 ? 78  ASN A CB  1 
ATOM   603  C  CG  . ASN A 1 78  ? -4.235  8.101   20.413  0.77 32.64 ? 78  ASN A CG  1 
ATOM   604  O  OD1 . ASN A 1 78  ? -3.141  8.034   20.975  0.55 33.70 ? 78  ASN A OD1 1 
ATOM   605  N  ND2 . ASN A 1 78  ? -4.632  9.182   19.748  0.84 34.75 ? 78  ASN A ND2 1 
ATOM   606  N  N   . ASN A 1 79  ? -6.723  4.283   18.699  0.41 29.19 ? 79  ASN A N   1 
ATOM   607  C  CA  . ASN A 1 79  ? -6.954  2.822   18.572  1.00 27.57 ? 79  ASN A CA  1 
ATOM   608  C  C   . ASN A 1 79  ? -5.717  2.229   17.937  0.95 26.18 ? 79  ASN A C   1 
ATOM   609  O  O   . ASN A 1 79  ? -5.367  2.532   16.795  1.00 24.63 ? 79  ASN A O   1 
ATOM   610  C  CB  . ASN A 1 79  ? -8.302  2.470   17.879  0.86 28.39 ? 79  ASN A CB  1 
ATOM   611  C  CG  . ASN A 1 79  ? -8.348  1.049   17.267  1.00 28.51 ? 79  ASN A CG  1 
ATOM   612  O  OD1 . ASN A 1 79  ? -7.370  0.528   16.736  1.00 29.41 ? 79  ASN A OD1 1 
ATOM   613  N  ND2 . ASN A 1 79  ? -9.532  0.443   17.295  1.00 29.05 ? 79  ASN A ND2 1 
ATOM   614  N  N   . PRO A 1 80  ? -4.966  1.482   18.741  1.00 24.51 ? 80  PRO A N   1 
ATOM   615  C  CA  . PRO A 1 80  ? -3.640  0.983   18.403  1.00 24.14 ? 80  PRO A CA  1 
ATOM   616  C  C   . PRO A 1 80  ? -3.584  0.284   17.051  1.00 23.37 ? 80  PRO A C   1 
ATOM   617  O  O   . PRO A 1 80  ? -2.714  0.600   16.233  1.00 22.93 ? 80  PRO A O   1 
ATOM   618  C  CB  . PRO A 1 80  ? -3.341  0.033   19.560  0.73 24.19 ? 80  PRO A CB  1 
ATOM   619  C  CG  . PRO A 1 80  ? -4.022  0.735   20.726  0.82 24.59 ? 80  PRO A CG  1 
ATOM   620  C  CD  . PRO A 1 80  ? -5.338  1.129   20.129  1.00 24.54 ? 80  PRO A CD  1 
ATOM   621  N  N   . CYS A 1 81  ? -4.529  -0.607  16.789  1.00 22.66 ? 81  CYS A N   1 
ATOM   622  C  CA  . CYS A 1 81  ? -4.506  -1.328  15.521  0.92 22.28 ? 81  CYS A CA  1 
ATOM   623  C  C   . CYS A 1 81  ? -4.770  -0.391  14.356  1.00 21.19 ? 81  CYS A C   1 
ATOM   624  O  O   . CYS A 1 81  ? -4.060  -0.434  13.348  1.00 21.05 ? 81  CYS A O   1 
ATOM   625  C  CB  . CYS A 1 81  ? -5.521  -2.458  15.510  1.00 22.56 ? 81  CYS A CB  1 
ATOM   626  S  SG  . CYS A 1 81  ? -5.303  -3.566  14.104  1.00 24.04 ? 81  CYS A SG  1 
ATOM   627  N  N   . LEU A 1 82  ? -5.799  0.436   14.491  1.00 20.83 ? 82  LEU A N   1 
ATOM   628  C  CA  . LEU A 1 82  ? -6.190  1.333   13.419  1.00 20.03 ? 82  LEU A CA  1 
ATOM   629  C  C   . LEU A 1 82  ? -5.094  2.331   13.140  1.00 19.59 ? 82  LEU A C   1 
ATOM   630  O  O   . LEU A 1 82  ? -4.861  2.688   11.997  1.00 19.01 ? 82  LEU A O   1 
ATOM   631  C  CB  . LEU A 1 82  ? -7.499  2.046   13.736  1.00 21.38 ? 82  LEU A CB  1 
ATOM   632  C  CG  . LEU A 1 82  ? -8.802  1.665   13.023  0.52 22.33 ? 82  LEU A CG  1 
ATOM   633  C  CD1 . LEU A 1 82  ? -8.789  0.288   12.338  1.00 23.36 ? 82  LEU A CD1 1 
ATOM   634  C  CD2 . LEU A 1 82  ? -9.958  1.807   13.989  1.00 22.80 ? 82  LEU A CD2 1 
ATOM   635  N  N   . LYS A 1 83  ? -4.414  2.787   14.187  1.00 18.93 ? 83  LYS A N   1 
ATOM   636  C  CA  . LYS A 1 83  ? -3.315  3.707   14.007  1.00 18.80 ? 83  LYS A CA  1 
ATOM   637  C  C   . LYS A 1 83  ? -2.148  3.009   13.277  0.95 18.28 ? 83  LYS A C   1 
ATOM   638  O  O   . LYS A 1 83  ? -1.535  3.586   12.379  1.00 18.86 ? 83  LYS A O   1 
ATOM   639  C  CB  . LYS A 1 83  ? -2.885  4.290   15.364  1.00 19.29 ? 83  LYS A CB  1 
ATOM   640  C  CG  . LYS A 1 83  ? -1.653  5.161   15.333  1.00 21.24 ? 83  LYS A CG  1 
ATOM   641  C  CD  . LYS A 1 83  ? -1.889  6.378   14.446  0.94 24.80 ? 83  LYS A CD  1 
ATOM   642  C  CE  . LYS A 1 83  ? -1.019  7.556   14.846  0.79 25.18 ? 83  LYS A CE  1 
ATOM   643  N  NZ  . LYS A 1 83  ? 0.405   7.381   14.488  1.00 26.27 ? 83  LYS A NZ  1 
ATOM   644  N  N   . GLU A 1 84  ? -1.819  1.780   13.680  1.00 18.25 ? 84  GLU A N   1 
ATOM   645  C  CA  . GLU A 1 84  ? -0.775  1.026   12.987  1.00 18.00 ? 84  GLU A CA  1 
ATOM   646  C  C   . GLU A 1 84  ? -1.129  0.845   11.519  1.00 16.82 ? 84  GLU A C   1 
ATOM   647  O  O   . GLU A 1 84  ? -0.259  0.954   10.643  1.00 17.43 ? 84  GLU A O   1 
ATOM   648  C  CB  . GLU A 1 84  ? -0.618  -0.371  13.587  1.00 18.34 ? 84  GLU A CB  1 
ATOM   649  C  CG  . GLU A 1 84  ? 0.051   -0.414  14.943  0.89 21.07 ? 84  GLU A CG  1 
ATOM   650  C  CD  . GLU A 1 84  ? 0.013   -1.797  15.579  0.81 23.45 ? 84  GLU A CD  1 
ATOM   651  O  OE1 . GLU A 1 84  ? -0.816  -2.644  15.163  0.84 24.70 ? 84  GLU A OE1 1 
ATOM   652  O  OE2 . GLU A 1 84  ? 0.819   -2.037  16.511  0.94 26.47 ? 84  GLU A OE2 1 
ATOM   653  N  N   . LEU A 1 85  ? -2.388  0.498   11.285  1.00 16.66 ? 85  LEU A N   1 
ATOM   654  C  CA  . LEU A 1 85  ? -2.927  0.319   9.951   1.00 15.95 ? 85  LEU A CA  1 
ATOM   655  C  C   . LEU A 1 85  ? -2.744  1.596   9.158   0.98 16.17 ? 85  LEU A C   1 
ATOM   656  O  O   . LEU A 1 85  ? -2.250  1.581   8.036   1.00 16.23 ? 85  LEU A O   1 
ATOM   657  C  CB  . LEU A 1 85  ? -4.417  -0.012  10.041  1.00 15.97 ? 85  LEU A CB  1 
ATOM   658  C  CG  . LEU A 1 85  ? -5.198  -0.105  8.736   0.93 16.88 ? 85  LEU A CG  1 
ATOM   659  C  CD1 . LEU A 1 85  ? -4.510  -1.051  7.786   1.00 15.98 ? 85  LEU A CD1 1 
ATOM   660  C  CD2 . LEU A 1 85  ? -6.600  -0.555  9.013   1.00 16.40 ? 85  LEU A CD2 1 
ATOM   661  N  N   . CYS A 1 86  ? -3.218  2.694   9.734   1.00 15.43 ? 86  CYS A N   1 
ATOM   662  C  CA  . CYS A 1 86  ? -3.091  3.994   9.098   1.00 15.70 ? 86  CYS A CA  1 
ATOM   663  C  C   . CYS A 1 86  ? -1.637  4.268   8.748   1.00 15.43 ? 86  CYS A C   1 
ATOM   664  O  O   . CYS A 1 86  ? -1.315  4.735   7.663   1.00 15.74 ? 86  CYS A O   1 
ATOM   665  C  CB  . CYS A 1 86  ? -3.634  5.072   10.025  0.97 16.46 ? 86  CYS A CB  1 
ATOM   666  S  SG  . CYS A 1 86  ? -3.593  6.683   9.248   1.00 17.88 ? 86  CYS A SG  1 
ATOM   667  N  N   . GLU A 1 87  ? -0.725  3.982   9.668   1.00 15.49 ? 87  GLU A N   1 
ATOM   668  C  CA  . GLU A 1 87  ? 0.668   4.244   9.378   1.00 14.93 ? 87  GLU A CA  1 
ATOM   669  C  C   . GLU A 1 87  ? 1.234   3.340   8.297   1.00 14.68 ? 87  GLU A C   1 
ATOM   670  O  O   . GLU A 1 87  ? 2.065   3.759   7.492   1.00 15.35 ? 87  GLU A O   1 
ATOM   671  C  CB  . GLU A 1 87  ? 1.498   4.131   10.649  1.00 16.20 ? 87  GLU A CB  1 
ATOM   672  C  CG  . GLU A 1 87  ? 1.147   5.200   11.668  1.00 16.72 ? 87  GLU A CG  1 
ATOM   673  C  CD  . GLU A 1 87  ? 1.546   6.609   11.257  1.00 17.95 ? 87  GLU A CD  1 
ATOM   674  O  OE1 . GLU A 1 87  ? 2.418   6.786   10.375  1.00 19.01 ? 87  GLU A OE1 1 
ATOM   675  O  OE2 . GLU A 1 87  ? 0.977   7.555   11.837  0.99 19.56 ? 87  GLU A OE2 1 
ATOM   676  N  N   . CYS A 1 88  ? 0.757   2.103   8.244   1.00 15.09 ? 88  CYS A N   1 
ATOM   677  C  CA  . CYS A 1 88  ? 1.187   1.228   7.163   1.00 14.92 ? 88  CYS A CA  1 
ATOM   678  C  C   . CYS A 1 88  ? 0.763   1.816   5.834   1.00 14.54 ? 88  CYS A C   1 
ATOM   679  O  O   . CYS A 1 88  ? 1.513   1.801   4.870   1.00 14.63 ? 88  CYS A O   1 
ATOM   680  C  CB  . CYS A 1 88  ? 0.526   -0.131  7.254   1.00 15.21 ? 88  CYS A CB  1 
ATOM   681  S  SG  . CYS A 1 88  ? 1.032   -1.185  8.599   1.00 16.76 ? 88  CYS A SG  1 
ATOM   682  N  N   . ASP A 1 89  ? -0.474  2.290   5.797   1.00 13.18 ? 89  ASP A N   1 
ATOM   683  C  CA  . ASP A 1 89  ? -1.035  2.825   4.559   1.00 12.65 ? 89  ASP A CA  1 
ATOM   684  C  C   . ASP A 1 89  ? -0.336  4.121   4.161   0.91 14.06 ? 89  ASP A C   1 
ATOM   685  O  O   . ASP A 1 89  ? -0.038  4.351   2.987   1.00 14.21 ? 89  ASP A O   1 
ATOM   686  C  CB  . ASP A 1 89  ? -2.517  3.064   4.746   1.00 13.74 ? 89  ASP A CB  1 
ATOM   687  C  CG  . ASP A 1 89  ? -3.303  1.781   4.806   1.00 13.55 ? 89  ASP A CG  1 
ATOM   688  O  OD1 . ASP A 1 89  ? -2.741  0.711   4.501   1.00 13.57 ? 89  ASP A OD1 1 
ATOM   689  O  OD2 . ASP A 1 89  ? -4.520  1.835   5.107   1.00 15.59 ? 89  ASP A OD2 1 
ATOM   690  N  N   . LYS A 1 90  ? -0.084  4.971   5.156   1.00 13.64 ? 90  LYS A N   1 
ATOM   691  C  CA  . LYS A 1 90  ? 0.614   6.212   4.905   1.00 13.59 ? 90  LYS A CA  1 
ATOM   692  C  C   . LYS A 1 90  ? 1.968   5.871   4.314   1.00 13.24 ? 90  LYS A C   1 
ATOM   693  O  O   . LYS A 1 90  ? 2.432   6.457   3.329   1.00 14.49 ? 90  LYS A O   1 
ATOM   694  C  CB  . LYS A 1 90  ? 0.784   6.979   6.213   1.00 14.00 ? 90  LYS A CB  1 
ATOM   695  C  CG  . LYS A 1 90  ? 1.780   8.094   6.139   1.00 14.90 ? 90  LYS A CG  1 
ATOM   696  C  CD  . LYS A 1 90  ? 1.717   8.955   7.384   1.00 16.17 ? 90  LYS A CD  1 
ATOM   697  C  CE  . LYS A 1 90  ? 2.772   10.010  7.269   1.00 17.84 ? 90  LYS A CE  1 
ATOM   698  N  NZ  . LYS A 1 90  ? 2.795   10.899  8.466   1.00 18.35 ? 90  LYS A NZ  1 
ATOM   699  N  N   . ALA A 1 91  ? 2.646   4.926   4.945   1.00 13.45 ? 91  ALA A N   1 
ATOM   700  C  CA  . ALA A 1 91  ? 3.967   4.574   4.459   1.00 13.48 ? 91  ALA A CA  1 
ATOM   701  C  C   . ALA A 1 91  ? 3.948   4.076   3.005   1.00 13.47 ? 91  ALA A C   1 
ATOM   702  O  O   . ALA A 1 91  ? 4.809   4.418   2.200   1.00 14.22 ? 91  ALA A O   1 
ATOM   703  C  CB  . ALA A 1 91  ? 4.588   3.542   5.374   1.00 14.56 ? 91  ALA A CB  1 
ATOM   704  N  N   . VAL A 1 92  ? 2.970   3.263   2.652   1.00 13.29 ? 92  VAL A N   1 
ATOM   705  C  CA  . VAL A 1 92  ? 3.001   2.759   1.284   1.00 13.58 ? 92  VAL A CA  1 
ATOM   706  C  C   . VAL A 1 92  ? 2.676   3.868   0.299   1.00 13.90 ? 92  VAL A C   1 
ATOM   707  O  O   . VAL A 1 92  ? 3.248   3.925   -0.780  1.00 14.12 ? 92  VAL A O   1 
ATOM   708  C  CB  . VAL A 1 92  ? 2.090   1.531   1.060   1.00 13.45 ? 92  VAL A CB  1 
ATOM   709  C  CG1 . VAL A 1 92  ? 0.640   1.941   0.960   1.00 14.07 ? 92  VAL A CG1 1 
ATOM   710  C  CG2 . VAL A 1 92  ? 2.536   0.764   -0.204  1.00 15.18 ? 92  VAL A CG2 1 
ATOM   711  N  N   . ALA A 1 93  ? 1.800   4.776   0.699   1.00 13.79 ? 93  ALA A N   1 
ATOM   712  C  CA  . ALA A 1 93  ? 1.435   5.895   -0.188  1.00 14.10 ? 93  ALA A CA  1 
ATOM   713  C  C   . ALA A 1 93  ? 2.650   6.757   -0.446  1.00 14.22 ? 93  ALA A C   1 
ATOM   714  O  O   . ALA A 1 93  ? 2.925   7.108   -1.593  1.00 14.25 ? 93  ALA A O   1 
ATOM   715  C  CB  . ALA A 1 93  ? 0.337   6.671   0.416   1.00 14.43 ? 93  ALA A CB  1 
ATOM   716  N  N   . ILE A 1 94  ? 3.391   7.067   0.613   1.00 14.37 ? 94  ILE A N   1 
ATOM   717  C  CA  . ILE A 1 94  ? 4.615   7.827   0.493   1.00 15.34 ? 94  ILE A CA  1 
ATOM   718  C  C   . ILE A 1 94  ? 5.618   7.067   -0.370  1.00 15.11 ? 94  ILE A C   1 
ATOM   719  O  O   . ILE A 1 94  ? 6.203   7.613   -1.310  1.00 15.94 ? 94  ILE A O   1 
ATOM   720  C  CB  . ILE A 1 94  ? 5.182   8.094   1.876   0.97 15.93 ? 94  ILE A CB  1 
ATOM   721  C  CG1 . ILE A 1 94  ? 4.294   9.105   2.604   1.00 15.63 ? 94  ILE A CG1 1 
ATOM   722  C  CG2 . ILE A 1 94  ? 6.645   8.567   1.819   1.00 17.19 ? 94  ILE A CG2 1 
ATOM   723  C  CD1 . ILE A 1 94  ? 4.616   9.168   4.102   1.00 17.02 ? 94  ILE A CD1 1 
ATOM   724  N  N   . CYS A 1 95  ? 5.742   5.779   -0.106  1.00 15.31 ? 95  CYS A N   1 
ATOM   725  C  CA  . CYS A 1 95  ? 6.695   4.978   -0.811  1.00 15.61 ? 95  CYS A CA  1 
ATOM   726  C  C   . CYS A 1 95  ? 6.361   4.917   -2.288  1.00 15.15 ? 95  CYS A C   1 
ATOM   727  O  O   . CYS A 1 95  ? 7.244   5.009   -3.126  1.00 15.20 ? 95  CYS A O   1 
ATOM   728  C  CB  . CYS A 1 95  ? 6.727   3.575   -0.218  1.00 17.07 ? 95  CYS A CB  1 
ATOM   729  S  SG  . CYS A 1 95  ? 7.984   2.469   -0.875  1.00 18.70 ? 95  CYS A SG  1 
ATOM   730  N  N   . LEU A 1 96  ? 5.086   4.768   -2.618  1.00 14.84 ? 96  LEU A N   1 
ATOM   731  C  CA  . LEU A 1 96  ? 4.703   4.695   -4.022  1.00 14.31 ? 96  LEU A CA  1 
ATOM   732  C  C   . LEU A 1 96  ? 5.016   6.025   -4.685  0.99 16.12 ? 96  LEU A C   1 
ATOM   733  O  O   . LEU A 1 96  ? 5.519   6.058   -5.805  1.00 16.55 ? 96  LEU A O   1 
ATOM   734  C  CB  . LEU A 1 96  ? 3.228   4.359   -4.146  1.00 14.64 ? 96  LEU A CB  1 
ATOM   735  C  CG  . LEU A 1 96  ? 2.880   2.957   -3.633  1.00 14.76 ? 96  LEU A CG  1 
ATOM   736  C  CD1 . LEU A 1 96  ? 1.388   2.856   -3.609  1.00 15.59 ? 96  LEU A CD1 1 
ATOM   737  C  CD2 . LEU A 1 96  ? 3.458   1.868   -4.489  1.00 16.58 ? 96  LEU A CD2 1 
ATOM   738  N  N   . ARG A 1 97  ? 4.775   7.121   -3.965  1.00 16.14 ? 97  ARG A N   1 
ATOM   739  C  CA  . ARG A 1 97  ? 5.087   8.418   -4.536  0.95 17.24 ? 97  ARG A CA  1 
ATOM   740  C  C   . ARG A 1 97  ? 6.589   8.499   -4.812  1.00 17.17 ? 97  ARG A C   1 
ATOM   741  O  O   . ARG A 1 97  ? 7.008   8.871   -5.915  1.00 18.41 ? 97  ARG A O   1 
ATOM   742  C  CB  . ARG A 1 97  ? 4.675   9.553   -3.622  1.00 17.57 ? 97  ARG A CB  1 
ATOM   743  C  CG  . ARG A 1 97  ? 5.225   10.850  -4.211  1.00 19.10 ? 97  ARG A CG  1 
ATOM   744  C  CD  . ARG A 1 97  ? 5.084   12.067  -3.390  1.00 19.33 ? 97  ARG A CD  1 
ATOM   745  N  NE  . ARG A 1 97  ? 5.187   11.883  -1.948  1.00 21.43 ? 97  ARG A NE  1 
ATOM   746  C  CZ  . ARG A 1 97  ? 6.301   11.860  -1.230  1.00 22.64 ? 97  ARG A CZ  1 
ATOM   747  N  NH1 . ARG A 1 97  ? 7.493   11.972  -1.797  1.00 24.42 ? 97  ARG A NH1 1 
ATOM   748  N  NH2 . ARG A 1 97  ? 6.211   11.718  0.090   0.96 23.90 ? 97  ARG A NH2 1 
ATOM   749  N  N   . GLU A 1 98  ? 7.382   8.112   -3.822  1.00 16.90 ? 98  GLU A N   1 
ATOM   750  C  CA  . GLU A 1 98  ? 8.839   8.208   -3.920  1.00 18.25 ? 98  GLU A CA  1 
ATOM   751  C  C   . GLU A 1 98  ? 9.375   7.393   -5.070  0.94 18.15 ? 98  GLU A C   1 
ATOM   752  O  O   . GLU A 1 98  ? 10.465  7.671   -5.591  0.95 19.98 ? 98  GLU A O   1 
ATOM   753  C  CB  . GLU A 1 98  ? 9.496   7.760   -2.627  1.00 18.61 ? 98  GLU A CB  1 
ATOM   754  C  CG  . GLU A 1 98  ? 9.267   8.703   -1.501  1.00 20.58 ? 98  GLU A CG  1 
ATOM   755  C  CD  . GLU A 1 98  ? 9.802   8.181   -0.199  0.72 23.24 ? 98  GLU A CD  1 
ATOM   756  O  OE1 . GLU A 1 98  ? 10.010  6.953   -0.093  0.74 25.25 ? 98  GLU A OE1 1 
ATOM   757  O  OE2 . GLU A 1 98  ? 10.017  9.005   0.710   0.85 25.61 ? 98  GLU A OE2 1 
ATOM   758  N  N   . ASN A 1 99  ? 8.609   6.398   -5.500  1.00 17.65 ? 99  ASN A N   1 
ATOM   759  C  CA  . ASN A 1 99  ? 9.119   5.499   -6.512  1.00 18.11 ? 99  ASN A CA  1 
ATOM   760  C  C   . ASN A 1 99  ? 8.419   5.626   -7.840  1.00 17.49 ? 99  ASN A C   1 
ATOM   761  O  O   . ASN A 1 99  ? 8.598   4.795   -8.731  0.97 18.10 ? 99  ASN A O   1 
ATOM   762  C  CB  . ASN A 1 99  ? 9.152   4.070   -5.973  1.00 17.51 ? 99  ASN A CB  1 
ATOM   763  C  CG  . ASN A 1 99  ? 10.200  3.933   -4.920  1.00 22.17 ? 99  ASN A CG  1 
ATOM   764  O  OD1 . ASN A 1 99  ? 11.403  3.903   -5.245  1.00 20.04 ? 99  ASN A OD1 1 
ATOM   765  N  ND2 . ASN A 1 99  ? 9.794   3.894   -3.674  1.00 16.70 ? 99  ASN A ND2 1 
ATOM   766  N  N   . LEU A 1 100 ? 7.664   6.714   -7.991  1.00 18.36 ? 100 LEU A N   1 
ATOM   767  C  CA  . LEU A 1 100 ? 7.010   7.001   -9.251  1.00 18.63 ? 100 LEU A CA  1 
ATOM   768  C  C   . LEU A 1 100 ? 7.988   7.020   -10.407 1.00 19.93 ? 100 LEU A C   1 
ATOM   769  O  O   . LEU A 1 100 ? 7.641   6.589   -11.504 1.00 20.97 ? 100 LEU A O   1 
ATOM   770  C  CB  . LEU A 1 100 ? 6.251   8.319   -9.190  0.94 19.40 ? 100 LEU A CB  1 
ATOM   771  C  CG  . LEU A 1 100 ? 4.886   8.190   -8.533  1.00 19.82 ? 100 LEU A CG  1 
ATOM   772  C  CD1 . LEU A 1 100 ? 4.414   9.590   -8.240  0.98 20.67 ? 100 LEU A CD1 1 
ATOM   773  C  CD2 . LEU A 1 100 ? 3.922   7.498   -9.473  1.00 21.71 ? 100 LEU A CD2 1 
ATOM   774  N  N   . GLY A 1 101 ? 9.220   7.427   -10.114 1.00 20.88 ? 101 GLY A N   1 
ATOM   775  C  CA  . GLY A 1 101 ? 10.272  7.562   -11.125 1.00 21.35 ? 101 GLY A CA  1 
ATOM   776  C  C   . GLY A 1 101 ? 10.621  6.274   -11.838 0.75 21.30 ? 101 GLY A C   1 
ATOM   777  O  O   . GLY A 1 101 ? 11.165  6.293   -12.946 0.98 22.60 ? 101 GLY A O   1 
ATOM   778  N  N   . THR A 1 102 ? 10.318  5.143   -11.212 1.00 19.99 ? 102 THR A N   1 
ATOM   779  C  CA  . THR A 1 102 ? 10.588  3.863   -11.843 1.00 19.49 ? 102 THR A CA  1 
ATOM   780  C  C   . THR A 1 102 ? 9.328   3.054   -12.063 1.00 19.38 ? 102 THR A C   1 
ATOM   781  O  O   . THR A 1 102 ? 9.405   1.904   -12.461 0.98 20.70 ? 102 THR A O   1 
ATOM   782  C  CB  . THR A 1 102 ? 11.606  3.029   -11.063 1.00 19.93 ? 102 THR A CB  1 
ATOM   783  O  OG1 . THR A 1 102 ? 11.086  2.727   -9.767  1.00 20.20 ? 102 THR A OG1 1 
ATOM   784  C  CG2 . THR A 1 102 ? 12.903  3.799   -10.915 1.00 19.14 ? 102 THR A CG2 1 
ATOM   785  N  N   . TYR A 1 103 ? 8.178   3.674   -11.814 1.00 19.69 ? 103 TYR A N   1 
ATOM   786  C  CA  . TYR A 1 103 ? 6.905   3.028   -12.070 1.00 19.71 ? 103 TYR A CA  1 
ATOM   787  C  C   . TYR A 1 103 ? 6.914   2.553   -13.501 1.00 20.62 ? 103 TYR A C   1 
ATOM   788  O  O   . TYR A 1 103 ? 7.247   3.324   -14.417 0.98 21.56 ? 103 TYR A O   1 
ATOM   789  C  CB  . TYR A 1 103 ? 5.758   4.003   -11.886 1.00 18.82 ? 103 TYR A CB  1 
ATOM   790  C  CG  . TYR A 1 103 ? 4.421   3.332   -12.043 1.00 18.09 ? 103 TYR A CG  1 
ATOM   791  C  CD1 . TYR A 1 103 ? 3.852   3.170   -13.297 1.00 18.21 ? 103 TYR A CD1 1 
ATOM   792  C  CD2 . TYR A 1 103 ? 3.729   2.838   -10.931 1.00 17.88 ? 103 TYR A CD2 1 
ATOM   793  C  CE1 . TYR A 1 103 ? 2.630   2.539   -13.455 0.97 17.49 ? 103 TYR A CE1 1 
ATOM   794  C  CE2 . TYR A 1 103 ? 2.511   2.206   -11.082 0.99 18.40 ? 103 TYR A CE2 1 
ATOM   795  C  CZ  . TYR A 1 103 ? 1.964   2.064   -12.350 0.90 18.28 ? 103 TYR A CZ  1 
ATOM   796  O  OH  . TYR A 1 103 ? 0.759   1.419   -12.501 0.96 19.37 ? 103 TYR A OH  1 
ATOM   797  N  N   . ASN A 1 104 ? 6.568   1.291   -13.692 0.99 21.83 ? 104 ASN A N   1 
ATOM   798  C  CA  . ASN A 1 104 ? 6.542   0.721   -15.025 1.00 22.05 ? 104 ASN A CA  1 
ATOM   799  C  C   . ASN A 1 104 ? 5.186   0.139   -15.341 1.00 22.50 ? 104 ASN A C   1 
ATOM   800  O  O   . ASN A 1 104 ? 4.779   -0.851  -14.753 1.00 22.53 ? 104 ASN A O   1 
ATOM   801  C  CB  . ASN A 1 104 ? 7.618   -0.348  -15.171 1.00 22.87 ? 104 ASN A CB  1 
ATOM   802  C  CG  . ASN A 1 104 ? 7.882   -0.717  -16.615 0.79 24.52 ? 104 ASN A CG  1 
ATOM   803  O  OD1 . ASN A 1 104 ? 6.985   -0.644  -17.468 0.98 27.16 ? 104 ASN A OD1 1 
ATOM   804  N  ND2 . ASN A 1 104 ? 9.116   -1.108  -16.904 0.76 26.83 ? 104 ASN A ND2 1 
ATOM   805  N  N   . LYS A 1 105 ? 4.530   0.723   -16.339 0.98 22.56 ? 105 LYS A N   1 
ATOM   806  C  CA  . LYS A 1 105 ? 3.213   0.259   -16.759 1.00 23.57 ? 105 LYS A CA  1 
ATOM   807  C  C   . LYS A 1 105 ? 3.159   -1.213  -17.120 1.00 23.35 ? 105 LYS A C   1 
ATOM   808  O  O   . LYS A 1 105 ? 2.094   -1.812  -17.036 0.97 23.75 ? 105 LYS A O   1 
ATOM   809  C  CB  . LYS A 1 105 ? 2.698   1.089   -17.918 1.00 23.22 ? 105 LYS A CB  1 
ATOM   810  C  CG  . LYS A 1 105 ? 2.154   2.443   -17.510 0.83 25.46 ? 105 LYS A CG  1 
ATOM   811  C  CD  . LYS A 1 105 ? 1.517   3.181   -18.682 0.90 28.67 ? 105 LYS A CD  1 
ATOM   812  C  CE  . LYS A 1 105 ? 2.545   3.596   -19.734 0.68 29.93 ? 105 LYS A CE  1 
ATOM   813  N  NZ  . LYS A 1 105 ? 2.613   2.615   -20.884 0.59 31.15 ? 105 LYS A NZ  1 
ATOM   814  N  N   . LYS A 1 106 ? 4.291   -1.798  -17.511 1.00 24.55 ? 106 LYS A N   1 
ATOM   815  C  CA  . LYS A 1 106 ? 4.320   -3.216  -17.875 1.00 25.41 ? 106 LYS A CA  1 
ATOM   816  C  C   . LYS A 1 106 ? 3.962   -4.112  -16.690 1.00 25.27 ? 106 LYS A C   1 
ATOM   817  O  O   . LYS A 1 106 ? 3.550   -5.257  -16.875 0.96 25.98 ? 106 LYS A O   1 
ATOM   818  C  CB  . LYS A 1 106 ? 5.674   -3.623  -18.477 1.00 26.16 ? 106 LYS A CB  1 
ATOM   819  C  CG  . LYS A 1 106 ? 6.761   -3.982  -17.463 0.75 27.32 ? 106 LYS A CG  1 
ATOM   820  C  CD  . LYS A 1 106 ? 7.960   -4.667  -18.118 0.61 29.33 ? 106 LYS A CD  1 
ATOM   821  C  CE  . LYS A 1 106 ? 8.825   -3.683  -18.890 0.49 30.21 ? 106 LYS A CE  1 
ATOM   822  N  NZ  . LYS A 1 106 ? 10.166  -4.249  -19.217 0.56 31.51 ? 106 LYS A NZ  1 
ATOM   823  N  N   . TYR A 1 107 ? 4.116   -3.587  -15.472 1.00 24.52 ? 107 TYR A N   1 
ATOM   824  C  CA  . TYR A 1 107 ? 3.820   -4.376  -14.284 1.00 23.70 ? 107 TYR A CA  1 
ATOM   825  C  C   . TYR A 1 107 ? 2.403   -4.147  -13.792 1.00 23.09 ? 107 TYR A C   1 
ATOM   826  O  O   . TYR A 1 107 ? 1.981   -4.766  -12.839 1.00 22.68 ? 107 TYR A O   1 
ATOM   827  C  CB  . TYR A 1 107 ? 4.794   -4.058  -13.144 1.00 23.09 ? 107 TYR A CB  1 
ATOM   828  C  CG  . TYR A 1 107 ? 6.229   -4.399  -13.426 1.00 24.58 ? 107 TYR A CG  1 
ATOM   829  C  CD1 . TYR A 1 107 ? 7.245   -3.505  -13.101 1.00 24.65 ? 107 TYR A CD1 1 
ATOM   830  C  CD2 . TYR A 1 107 ? 6.577   -5.617  -14.009 0.94 26.15 ? 107 TYR A CD2 1 
ATOM   831  C  CE1 . TYR A 1 107 ? 8.579   -3.823  -13.352 0.98 26.67 ? 107 TYR A CE1 1 
ATOM   832  C  CE2 . TYR A 1 107 ? 7.894   -5.936  -14.266 1.00 27.03 ? 107 TYR A CE2 1 
ATOM   833  C  CZ  . TYR A 1 107 ? 8.891   -5.036  -13.939 1.00 27.96 ? 107 TYR A CZ  1 
ATOM   834  O  OH  . TYR A 1 107 ? 10.203  -5.364  -14.196 0.76 30.06 ? 107 TYR A OH  1 
ATOM   835  N  N   . ARG A 1 108 ? 1.680   -3.254  -14.450 1.00 23.21 ? 108 ARG A N   1 
ATOM   836  C  CA  . ARG A 1 108 ? 0.350   -2.851  -14.009 1.00 24.11 ? 108 ARG A CA  1 
ATOM   837  C  C   . ARG A 1 108 ? -0.642  -3.942  -13.710 0.89 25.00 ? 108 ARG A C   1 
ATOM   838  O  O   . ARG A 1 108 ? -1.400  -3.829  -12.754 0.90 25.12 ? 108 ARG A O   1 
ATOM   839  C  CB  . ARG A 1 108 ? -0.281  -1.952  -15.035 1.00 24.97 ? 108 ARG A CB  1 
ATOM   840  C  CG  . ARG A 1 108 ? -0.025  -0.582  -14.693 0.83 25.70 ? 108 ARG A CG  1 
ATOM   841  C  CD  . ARG A 1 108 ? -1.155  0.277   -15.103 1.00 27.03 ? 108 ARG A CD  1 
ATOM   842  N  NE  . ARG A 1 108 ? -0.755  1.590   -14.681 1.00 26.65 ? 108 ARG A NE  1 
ATOM   843  C  CZ  . ARG A 1 108 ? -1.035  2.719   -15.311 0.88 27.75 ? 108 ARG A CZ  1 
ATOM   844  N  NH1 . ARG A 1 108 ? -1.774  2.724   -16.422 1.00 29.52 ? 108 ARG A NH1 1 
ATOM   845  N  NH2 . ARG A 1 108 ? -0.566  3.843   -14.807 1.00 27.68 ? 108 ARG A NH2 1 
ATOM   846  N  N   . TYR A 1 109 ? -0.679  -4.947  -14.580 1.00 25.68 ? 109 TYR A N   1 
ATOM   847  C  CA  . TYR A 1 109 ? -1.535  -6.111  -14.415 1.00 26.39 ? 109 TYR A CA  1 
ATOM   848  C  C   . TYR A 1 109 ? -0.648  -7.311  -14.569 1.00 27.31 ? 109 TYR A C   1 
ATOM   849  O  O   . TYR A 1 109 ? -0.980  -8.270  -15.265 0.89 28.17 ? 109 TYR A O   1 
ATOM   850  C  CB  . TYR A 1 109 ? -2.644  -6.117  -15.469 1.00 25.85 ? 109 TYR A CB  1 
ATOM   851  C  CG  . TYR A 1 109 ? -3.336  -4.793  -15.546 1.00 24.62 ? 109 TYR A CG  1 
ATOM   852  C  CD1 . TYR A 1 109 ? -3.084  -3.921  -16.603 1.00 23.19 ? 109 TYR A CD1 1 
ATOM   853  C  CD2 . TYR A 1 109 ? -4.201  -4.379  -14.526 1.00 25.07 ? 109 TYR A CD2 1 
ATOM   854  C  CE1 . TYR A 1 109 ? -3.694  -2.683  -16.664 0.96 25.62 ? 109 TYR A CE1 1 
ATOM   855  C  CE2 . TYR A 1 109 ? -4.817  -3.133  -14.577 1.00 25.70 ? 109 TYR A CE2 1 
ATOM   856  C  CZ  . TYR A 1 109 ? -4.555  -2.296  -15.649 1.00 26.14 ? 109 TYR A CZ  1 
ATOM   857  O  OH  . TYR A 1 109 ? -5.154  -1.067  -15.738 0.62 28.26 ? 109 TYR A OH  1 
ATOM   858  N  N   . HIS A 1 110 ? 0.503   -7.239  -13.912 0.84 28.32 ? 110 HIS A N   1 
ATOM   859  C  CA  . HIS A 1 110 ? 1.482   -8.301  -13.946 0.88 29.04 ? 110 HIS A CA  1 
ATOM   860  C  C   . HIS A 1 110 ? 0.818   -9.627  -13.594 0.95 29.06 ? 110 HIS A C   1 
ATOM   861  O  O   . HIS A 1 110 ? -0.041  -9.690  -12.706 1.00 29.66 ? 110 HIS A O   1 
ATOM   862  C  CB  . HIS A 1 110 ? 2.592   -7.991  -12.959 1.00 29.43 ? 110 HIS A CB  1 
ATOM   863  C  CG  . HIS A 1 110 ? 3.704   -8.984  -12.985 1.00 30.59 ? 110 HIS A CG  1 
ATOM   864  N  ND1 . HIS A 1 110 ? 3.799   -10.015 -12.073 1.00 31.57 ? 110 HIS A ND1 1 
ATOM   865  C  CD2 . HIS A 1 110 ? 4.768   -9.105  -13.809 1.00 30.35 ? 110 HIS A CD2 1 
ATOM   866  C  CE1 . HIS A 1 110 ? 4.875   -10.731 -12.341 0.79 31.30 ? 110 HIS A CE1 1 
ATOM   867  N  NE2 . HIS A 1 110 ? 5.479   -10.202 -13.391 0.78 31.94 ? 110 HIS A NE2 1 
ATOM   868  N  N   . LEU A 1 111 ? 1.197   -10.678 -14.308 1.00 29.24 ? 111 LEU A N   1 
ATOM   869  C  CA  . LEU A 1 111 ? 0.628   -11.998 -14.064 0.87 29.33 ? 111 LEU A CA  1 
ATOM   870  C  C   . LEU A 1 111 ? 1.164   -12.544 -12.740 1.00 28.87 ? 111 LEU A C   1 
ATOM   871  O  O   . LEU A 1 111 ? 2.217   -13.188 -12.694 0.98 29.28 ? 111 LEU A O   1 
ATOM   872  C  CB  . LEU A 1 111 ? 0.907   -12.942 -15.238 1.00 29.55 ? 111 LEU A CB  1 
ATOM   873  C  CG  . LEU A 1 111 ? 0.374   -12.556 -16.624 0.90 30.93 ? 111 LEU A CG  1 
ATOM   874  C  CD1 . LEU A 1 111 ? 0.680   -13.671 -17.603 0.70 31.17 ? 111 LEU A CD1 1 
ATOM   875  C  CD2 . LEU A 1 111 ? -1.130  -12.254 -16.614 1.00 31.81 ? 111 LEU A CD2 1 
ATOM   876  N  N   . LYS A 1 112 ? 0.383   -12.344 -11.692 0.99 28.69 ? 112 LYS A N   1 
ATOM   877  C  CA  . LYS A 1 112 ? 0.755   -12.673 -10.352 1.00 28.17 ? 112 LYS A CA  1 
ATOM   878  C  C   . LYS A 1 112 ? 1.019   -14.146 -10.085 0.86 28.15 ? 112 LYS A C   1 
ATOM   879  O  O   . LYS A 1 112 ? 1.776   -14.477 -9.203  1.00 27.73 ? 112 LYS A O   1 
ATOM   880  C  CB  . LYS A 1 112 ? -0.240  -12.075 -9.369  0.98 28.04 ? 112 LYS A CB  1 
ATOM   881  C  CG  . LYS A 1 112 ? -0.196  -10.566 -9.240  0.83 26.90 ? 112 LYS A CG  1 
ATOM   882  C  CD  . LYS A 1 112 ? -1.249  -10.030 -8.265  0.98 26.17 ? 112 LYS A CD  1 
ATOM   883  C  CE  . LYS A 1 112 ? -1.346  -8.513  -8.263  0.71 25.45 ? 112 LYS A CE  1 
ATOM   884  N  NZ  . LYS A 1 112 ? -0.148  -7.740  -7.711  1.00 18.93 ? 112 LYS A NZ  1 
ATOM   885  N  N   . PRO A 1 113 ? 0.414   -15.019 -10.878 1.00 29.67 ? 113 PRO A N   1 
ATOM   886  C  CA  . PRO A 1 113 ? 0.710   -16.428 -10.747 0.93 29.98 ? 113 PRO A CA  1 
ATOM   887  C  C   . PRO A 1 113 ? 2.142   -16.770 -11.053 1.00 30.03 ? 113 PRO A C   1 
ATOM   888  O  O   . PRO A 1 113 ? 2.614   -17.763 -10.596 0.73 30.34 ? 113 PRO A O   1 
ATOM   889  C  CB  . PRO A 1 113 ? -0.218  -17.036 -11.765 0.76 29.90 ? 113 PRO A CB  1 
ATOM   890  C  CG  . PRO A 1 113 ? -1.340  -16.199 -11.758 0.90 29.41 ? 113 PRO A CG  1 
ATOM   891  C  CD  . PRO A 1 113 ? -0.898  -14.836 -11.510 1.00 29.67 ? 113 PRO A CD  1 
ATOM   892  N  N   . PHE A 1 114 ? 2.824   -15.959 -11.812 1.00 29.95 ? 114 PHE A N   1 
ATOM   893  C  CA  . PHE A 1 114 ? 4.191   -16.273 -12.121 1.00 30.01 ? 114 PHE A CA  1 
ATOM   894  C  C   . PHE A 1 114 ? 5.169   -15.604 -11.190 0.81 29.43 ? 114 PHE A C   1 
ATOM   895  O  O   . PHE A 1 114 ? 6.345   -15.714 -11.344 0.89 30.00 ? 114 PHE A O   1 
ATOM   896  C  CB  . PHE A 1 114 ? 4.501   -15.975 -13.554 1.00 30.42 ? 114 PHE A CB  1 
ATOM   897  C  CG  . PHE A 1 114 ? 3.630   -16.697 -14.476 0.87 31.28 ? 114 PHE A CG  1 
ATOM   898  C  CD1 . PHE A 1 114 ? 3.783   -18.033 -14.649 0.40 31.60 ? 114 PHE A CD1 1 
ATOM   899  C  CD2 . PHE A 1 114 ? 2.615   -16.060 -15.127 0.80 31.93 ? 114 PHE A CD2 1 
ATOM   900  C  CE1 . PHE A 1 114 ? 2.977   -18.700 -15.480 0.19 31.93 ? 114 PHE A CE1 1 
ATOM   901  C  CE2 . PHE A 1 114 ? 1.797   -16.744 -15.931 0.57 32.20 ? 114 PHE A CE2 1 
ATOM   902  C  CZ  . PHE A 1 114 ? 1.979   -18.057 -16.107 0.51 32.20 ? 114 PHE A CZ  1 
ATOM   903  N  N   . CYS A 1 115 ? 4.643   -14.910 -10.210 0.79 28.42 ? 115 CYS A N   1 
ATOM   904  C  CA  . CYS A 1 115 ? 5.519   -14.299 -9.206  0.72 27.18 ? 115 CYS A CA  1 
ATOM   905  C  C   . CYS A 1 115 ? 6.314   -15.316 -8.403  0.76 27.56 ? 115 CYS A C   1 
ATOM   906  O  O   . CYS A 1 115 ? 5.809   -16.331 -8.070  0.85 28.28 ? 115 CYS A O   1 
ATOM   907  C  CB  . CYS A 1 115 ? 4.692   -13.458 -8.255  1.00 26.18 ? 115 CYS A CB  1 
ATOM   908  S  SG  . CYS A 1 115 ? 4.116   -11.996 -8.970  1.00 23.42 ? 115 CYS A SG  1 
ATOM   909  N  N   . LYS A 1 116 ? 7.557   -15.000 -8.077  0.97 27.33 ? 116 LYS A N   1 
ATOM   910  C  CA  . LYS A 1 116 ? 8.330   -15.885 -7.224  1.00 27.54 ? 116 LYS A CA  1 
ATOM   911  C  C   . LYS A 1 116 ? 7.842   -15.705 -5.795  0.81 27.27 ? 116 LYS A C   1 
ATOM   912  O  O   . LYS A 1 116 ? 7.425   -14.628 -5.429  1.00 26.25 ? 116 LYS A O   1 
ATOM   913  C  CB  . LYS A 1 116 ? 9.813   -15.575 -7.371  1.00 27.68 ? 116 LYS A CB  1 
ATOM   914  C  CG  . LYS A 1 116 ? 10.275  -15.524 -8.846  0.53 28.90 ? 116 LYS A CG  1 
ATOM   915  C  CD  . LYS A 1 116 ? 11.757  -15.103 -9.086  0.70 31.10 ? 116 LYS A CD  1 
ATOM   916  C  CE  . LYS A 1 116 ? 11.847  -14.053 -10.197 0.56 32.28 ? 116 LYS A CE  1 
ATOM   917  N  NZ  . LYS A 1 116 ? 13.228  -13.624 -10.637 0.74 34.13 ? 116 LYS A NZ  1 
ATOM   918  N  N   . LYS A 1 117 ? 7.900   -16.801 -5.100  0.97 27.22 ? 117 LYS A N   1 
ATOM   919  C  CA  . LYS A 1 117 ? 7.419   -16.856 -3.723  1.00 27.51 ? 117 LYS A CA  1 
ATOM   920  C  C   . LYS A 1 117 ? 8.127   -15.806 -2.877  1.00 27.09 ? 117 LYS A C   1 
ATOM   921  O  O   . LYS A 1 117 ? 9.351   -15.642 -2.957  0.94 27.74 ? 117 LYS A O   1 
ATOM   922  C  CB  . LYS A 1 117 ? 7.628   -18.261 -3.142  1.00 27.78 ? 117 LYS A CB  1 
ATOM   923  C  CG  . LYS A 1 117 ? 7.393   -18.407 -1.629  0.87 29.58 ? 117 LYS A CG  1 
ATOM   924  C  CD  . LYS A 1 117 ? 5.921   -18.466 -1.265  0.68 31.32 ? 117 LYS A CD  1 
ATOM   925  C  CE  . LYS A 1 117 ? 5.745   -18.723 0.227   0.57 32.28 ? 117 LYS A CE  1 
ATOM   926  N  NZ  . LYS A 1 117 ? 4.318   -18.708 0.644   0.72 33.96 ? 117 LYS A NZ  1 
ATOM   927  N  N   . ALA A 1 118 ? 7.341   -15.078 -2.091  1.00 26.58 ? 118 ALA A N   1 
ATOM   928  C  CA  . ALA A 1 118 ? 7.896   -14.077 -1.209  1.00 25.72 ? 118 ALA A CA  1 
ATOM   929  C  C   . ALA A 1 118 ? 8.657   -14.725 -0.068  1.00 25.04 ? 118 ALA A C   1 
ATOM   930  O  O   . ALA A 1 118 ? 8.271   -15.768 0.457   1.00 25.63 ? 118 ALA A O   1 
ATOM   931  C  CB  . ALA A 1 118 ? 6.820   -13.165 -0.673  1.00 25.72 ? 118 ALA A CB  1 
ATOM   932  N  N   . ASP A 1 119 ? 9.757   -14.076 0.274   1.00 24.53 ? 119 ASP A N   1 
ATOM   933  C  CA  . ASP A 1 119 ? 10.512  -14.359 1.474   0.98 23.70 ? 119 ASP A CA  1 
ATOM   934  C  C   . ASP A 1 119 ? 9.632   -14.052 2.664   0.96 23.20 ? 119 ASP A C   1 
ATOM   935  O  O   . ASP A 1 119 ? 8.694   -13.262 2.549   1.00 22.09 ? 119 ASP A O   1 
ATOM   936  C  CB  . ASP A 1 119 ? 11.700  -13.403 1.531   1.00 23.87 ? 119 ASP A CB  1 
ATOM   937  C  CG  . ASP A 1 119 ? 12.738  -13.667 0.452   1.00 24.71 ? 119 ASP A CG  1 
ATOM   938  O  OD1 . ASP A 1 119 ? 12.851  -14.824 -0.009  0.87 28.54 ? 119 ASP A OD1 1 
ATOM   939  O  OD2 . ASP A 1 119 ? 13.463  -12.705 0.116   1.00 25.96 ? 119 ASP A OD2 1 
ATOM   940  N  N   . PRO A 1 120 ? 9.945   -14.640 3.827   1.00 22.90 ? 120 PRO A N   1 
ATOM   941  C  CA  . PRO A 1 120 ? 9.253   -14.223 5.038   1.00 22.63 ? 120 PRO A CA  1 
ATOM   942  C  C   . PRO A 1 120 ? 9.517   -12.740 5.273   1.00 21.97 ? 120 PRO A C   1 
ATOM   943  O  O   . PRO A 1 120 ? 10.559  -12.229 4.873   1.00 22.56 ? 120 PRO A O   1 
ATOM   944  C  CB  . PRO A 1 120 ? 9.928   -15.062 6.134   1.00 22.79 ? 120 PRO A CB  1 
ATOM   945  C  CG  . PRO A 1 120 ? 10.502  -16.239 5.406   1.00 22.88 ? 120 PRO A CG  1 
ATOM   946  C  CD  . PRO A 1 120 ? 10.939  -15.699 4.090   1.00 23.45 ? 120 PRO A CD  1 
ATOM   947  N  N   . CYS A 1 121 ? 8.625   -12.041 5.900   1.00 20.00 ? 121 CYS A N   1 
ATOM   948  C  CA  . CYS A 1 121 ? 8.794   -10.633 6.237   1.00 20.00 ? 121 CYS A CA  1 
ATOM   949  C  C   . CYS A 1 121 ? 9.923   -10.437 7.241   1.00 20.00 ? 121 CYS A C   1 
ATOM   950  O  O   . CYS A 1 121 ? 10.157  -11.352 8.030   1.00 23.22 ? 121 CYS A O   1 
ATOM   951  C  CB  . CYS A 1 121 ? 7.490   -10.054 6.793   1.00 20.00 ? 121 CYS A CB  1 
ATOM   952  S  SG  . CYS A 1 121 ? 6.128   -10.012 5.607   1.00 20.00 ? 121 CYS A SG  1 
HETATM 953  C  CH  . PBP B 2 .   ? -0.867  -2.677  0.587   0.59 22.34 ? 201 PBP A CH  1 
HETATM 954  C  CG  . PBP B 2 .   ? -1.786  -2.614  -1.689  1.00 30.20 ? 201 PBP A CG  1 
HETATM 955  C  CD1 . PBP B 2 .   ? -1.785  -2.059  -2.972  1.00 31.58 ? 201 PBP A CD1 1 
HETATM 956  C  CE1 . PBP B 2 .   ? -2.832  -2.362  -3.855  0.99 32.26 ? 201 PBP A CE1 1 
HETATM 957  C  CD2 . PBP B 2 .   ? -2.898  -3.340  -1.232  0.83 31.21 ? 201 PBP A CD2 1 
HETATM 958  C  CE2 . PBP B 2 .   ? -3.942  -3.650  -2.118  1.00 31.95 ? 201 PBP A CE2 1 
HETATM 959  C  CZ  . PBP B 2 .   ? -3.901  -3.157  -3.432  0.37 31.71 ? 201 PBP A CZ  1 
HETATM 960  BR BR  . PBP B 2 .   ? -4.980  -3.514  -4.422  0.69 35.38 ? 201 PBP A BR  1 
HETATM 961  C  CR  . PBP B 2 .   ? -0.736  -2.197  -0.675  0.69 26.91 ? 201 PBP A CR  1 
HETATM 962  O  O   . PBP B 2 .   ? 0.257   -1.364  -0.964  0.73 28.30 ? 201 PBP A O   1 
HETATM 963  C  C1  . IPA C 3 .   ? -5.439  0.423   -4.475  1.00 40.57 ? 211 IPA A C1  1 
HETATM 964  C  C2  . IPA C 3 .   ? -6.910  0.049   -4.663  1.00 40.71 ? 211 IPA A C2  1 
HETATM 965  C  C3  . IPA C 3 .   ? -7.755  1.313   -4.848  0.75 40.75 ? 211 IPA A C3  1 
HETATM 966  O  O2  . IPA C 3 .   ? -7.369  -0.656  -3.492  1.00 40.48 ? 211 IPA A O2  1 
HETATM 967  O  O   . HOH D 4 .   ? -6.550  0.205   5.623   1.00 17.69 ? 301 HOH A O   1 
HETATM 968  O  O   . HOH D 4 .   ? 3.708   0.186   4.534   1.00 15.50 ? 302 HOH A O   1 
HETATM 969  O  O   . HOH D 4 .   ? 5.272   0.591   2.250   1.00 16.09 ? 303 HOH A O   1 
HETATM 970  O  O   . HOH D 4 .   ? 5.045   4.288   -7.823  1.00 15.39 ? 304 HOH A O   1 
HETATM 971  O  O   . HOH D 4 .   ? -4.714  20.406  4.595   1.00 19.16 ? 305 HOH A O   1 
HETATM 972  O  O   . HOH D 4 .   ? 8.989   1.214   -9.367  1.00 18.60 ? 306 HOH A O   1 
HETATM 973  O  O   . HOH D 4 .   ? 2.533   0.708   11.058  1.00 19.43 ? 307 HOH A O   1 
HETATM 974  O  O   . HOH D 4 .   ? 2.347   12.068  3.926   1.00 17.92 ? 308 HOH A O   1 
HETATM 975  O  O   . HOH D 4 .   ? 3.481   13.703  -5.688  1.00 19.29 ? 309 HOH A O   1 
HETATM 976  O  O   . HOH D 4 .   ? 10.290  -0.468  -12.690 1.00 22.55 ? 310 HOH A O   1 
HETATM 977  O  O   . HOH D 4 .   ? -0.273  -8.767  -5.039  1.00 21.11 ? 311 HOH A O   1 
HETATM 978  O  O   . HOH D 4 .   ? 12.837  -0.045  -9.049  1.00 23.70 ? 312 HOH A O   1 
HETATM 979  O  O   . HOH D 4 .   ? -2.937  21.873  6.218   1.00 20.74 ? 313 HOH A O   1 
HETATM 980  O  O   . HOH D 4 .   ? -7.089  -10.456 -1.870  1.00 26.01 ? 314 HOH A O   1 
HETATM 981  O  O   . HOH D 4 .   ? 11.523  2.857   -1.604  1.00 25.21 ? 315 HOH A O   1 
HETATM 982  O  O   . HOH D 4 .   ? -2.549  -1.798  -11.181 1.00 22.39 ? 316 HOH A O   1 
HETATM 983  O  O   . HOH D 4 .   ? 12.275  4.147   -7.752  1.00 24.13 ? 317 HOH A O   1 
HETATM 984  O  O   . HOH D 4 .   ? -7.974  16.019  5.420   1.00 24.82 ? 318 HOH A O   1 
HETATM 985  O  O   . HOH D 4 .   ? 7.275   4.685   3.158   1.00 17.86 ? 319 HOH A O   1 
HETATM 986  O  O   . HOH D 4 .   ? 10.524  -11.862 -1.642  1.00 25.72 ? 320 HOH A O   1 
HETATM 987  O  O   . HOH D 4 .   ? 0.848   5.103   -13.144 0.87 52.17 ? 321 HOH A O   1 
HETATM 988  O  O   . HOH D 4 .   ? 15.578  -14.595 -0.875  0.93 28.17 ? 322 HOH A O   1 
HETATM 989  O  O   . HOH D 4 .   ? -0.198  -9.028  4.608   1.00 25.70 ? 323 HOH A O   1 
HETATM 990  O  O   . HOH D 4 .   ? 10.659  0.439   -2.425  1.00 20.66 ? 324 HOH A O   1 
HETATM 991  O  O   . HOH D 4 .   ? -6.967  -4.498  -6.486  1.00 23.47 ? 325 HOH A O   1 
HETATM 992  O  O   . HOH D 4 .   ? 0.623   9.944   10.732  1.00 23.50 ? 326 HOH A O   1 
HETATM 993  O  O   . HOH D 4 .   ? -8.952  11.667  5.197   0.95 26.73 ? 327 HOH A O   1 
HETATM 994  O  O   . HOH D 4 .   ? 1.972   -14.876 -1.235  0.85 48.06 ? 328 HOH A O   1 
HETATM 995  O  O   . HOH D 4 .   ? -4.560  -7.164  -7.797  1.00 25.21 ? 329 HOH A O   1 
HETATM 996  O  O   . HOH D 4 .   ? 10.808  8.342   -8.056  1.00 27.88 ? 330 HOH A O   1 
HETATM 997  O  O   . HOH D 4 .   ? 4.633   -15.331 -1.966  1.00 31.66 ? 331 HOH A O   1 
HETATM 998  O  O   . HOH D 4 .   ? 9.323   5.362   1.518   1.00 25.40 ? 332 HOH A O   1 
HETATM 999  O  O   . HOH D 4 .   ? 6.238   -13.299 6.809   0.96 29.74 ? 333 HOH A O   1 
HETATM 1000 O  O   . HOH D 4 .   ? -5.400  13.360  11.519  0.97 22.67 ? 334 HOH A O   1 
HETATM 1001 O  O   . HOH D 4 .   ? -3.635  14.242  -5.116  1.00 25.97 ? 335 HOH A O   1 
HETATM 1002 O  O   . HOH D 4 .   ? 3.714   9.081   10.395  1.00 21.63 ? 336 HOH A O   1 
HETATM 1003 O  O   . HOH D 4 .   ? 0.651   12.001  -10.617 1.00 30.21 ? 337 HOH A O   1 
HETATM 1004 O  O   . HOH D 4 .   ? 7.032   -4.102  6.738   0.91 28.95 ? 338 HOH A O   1 
HETATM 1005 O  O   . HOH D 4 .   ? 0.771   -4.893  16.549  1.00 26.36 ? 339 HOH A O   1 
HETATM 1006 O  O   . HOH D 4 .   ? 12.943  -8.724  8.152   0.89 39.05 ? 340 HOH A O   1 
HETATM 1007 O  O   . HOH D 4 .   ? 8.536   -12.130 -8.582  0.98 32.48 ? 341 HOH A O   1 
HETATM 1008 O  O   . HOH D 4 .   ? 10.932  -8.004  4.905   1.00 27.01 ? 342 HOH A O   1 
HETATM 1009 O  O   . HOH D 4 .   ? -2.649  -4.141  16.220  1.00 29.05 ? 343 HOH A O   1 
HETATM 1010 O  O   . HOH D 4 .   ? -13.025 1.126   12.002  1.00 32.53 ? 344 HOH A O   1 
HETATM 1011 O  O   . HOH D 4 .   ? 12.513  8.297   -13.864 1.00 29.43 ? 345 HOH A O   1 
HETATM 1012 O  O   . HOH D 4 .   ? 11.118  -1.356  -14.961 0.85 33.97 ? 346 HOH A O   1 
HETATM 1013 O  O   . HOH D 4 .   ? -9.898  2.388   -2.701  1.00 42.88 ? 347 HOH A O   1 
HETATM 1014 O  O   . HOH D 4 .   ? 11.513  -10.934 10.328  0.99 27.40 ? 348 HOH A O   1 
HETATM 1015 O  O   . HOH D 4 .   ? -10.042 9.264   7.376   0.84 33.09 ? 349 HOH A O   1 
HETATM 1016 O  O   . HOH D 4 .   ? 12.072  -7.204  -11.956 0.92 39.42 ? 350 HOH A O   1 
HETATM 1017 O  O   . HOH D 4 .   ? 4.475   17.621  1.201   0.97 27.25 ? 351 HOH A O   1 
HETATM 1018 O  O   . HOH D 4 .   ? -7.762  13.187  3.746   0.97 32.13 ? 352 HOH A O   1 
HETATM 1019 O  O   . HOH D 4 .   ? 3.256   -1.027  16.624  0.93 28.98 ? 353 HOH A O   1 
HETATM 1020 O  O   . HOH D 4 .   ? -0.079  -2.858  -18.834 1.00 43.11 ? 354 HOH A O   1 
HETATM 1021 O  O   . HOH D 4 .   ? 13.120  -0.406  -3.396  1.00 37.04 ? 355 HOH A O   1 
HETATM 1022 O  O   . HOH D 4 .   ? -6.337  -1.829  18.740  1.00 30.70 ? 356 HOH A O   1 
HETATM 1023 O  O   . HOH D 4 .   ? -0.678  2.109   17.118  1.00 31.43 ? 357 HOH A O   1 
HETATM 1024 O  O   . HOH D 4 .   ? -1.953  -8.230  -11.885 0.94 30.37 ? 358 HOH A O   1 
HETATM 1025 O  O   . HOH D 4 .   ? -10.950 9.152   15.413  0.97 55.56 ? 359 HOH A O   1 
HETATM 1026 O  O   . HOH D 4 .   ? 11.969  -9.660  -9.437  1.00 36.47 ? 360 HOH A O   1 
HETATM 1027 O  O   . HOH D 4 .   ? 1.792   5.488   15.577  0.97 34.47 ? 361 HOH A O   1 
HETATM 1028 O  O   . HOH D 4 .   ? -1.095  7.609   -17.572 1.00 52.86 ? 362 HOH A O   1 
HETATM 1029 O  O   . HOH D 4 .   ? 6.343   -1.953  10.391  1.00 32.03 ? 363 HOH A O   1 
HETATM 1030 O  O   . HOH D 4 .   ? -5.908  -2.291  2.781   0.94 26.77 ? 364 HOH A O   1 
HETATM 1031 O  O   . HOH D 4 .   ? 13.482  -3.763  -11.388 1.00 53.69 ? 365 HOH A O   1 
HETATM 1032 O  O   . HOH D 4 .   ? -3.737  8.205   -12.828 0.92 34.82 ? 366 HOH A O   1 
HETATM 1033 O  O   . HOH D 4 .   ? -13.133 6.621   10.735  0.86 44.21 ? 367 HOH A O   1 
HETATM 1034 O  O   . HOH D 4 .   ? 5.469   3.152   -17.691 0.91 31.57 ? 368 HOH A O   1 
HETATM 1035 O  O   . HOH D 4 .   ? 4.596   -6.307  11.111  1.00 39.67 ? 369 HOH A O   1 
HETATM 1036 O  O   . HOH D 4 .   ? -7.596  -2.443  -9.563  0.93 34.71 ? 370 HOH A O   1 
HETATM 1037 O  O   . HOH D 4 .   ? -0.086  23.104  9.398   0.89 31.92 ? 371 HOH A O   1 
HETATM 1038 O  O   . HOH D 4 .   ? 7.849   11.134  -6.922  1.00 33.98 ? 372 HOH A O   1 
HETATM 1039 O  O   . HOH D 4 .   ? -11.410 -2.607  13.740  1.00 38.95 ? 373 HOH A O   1 
HETATM 1040 O  O   . HOH D 4 .   ? 1.942   -16.667 1.630   0.96 63.10 ? 374 HOH A O   1 
HETATM 1041 O  O   . HOH D 4 .   ? -8.189  4.659   20.965  0.85 31.74 ? 375 HOH A O   1 
HETATM 1042 O  O   . HOH D 4 .   ? 4.498   23.180  -1.733  0.94 36.25 ? 376 HOH A O   1 
HETATM 1043 O  O   . HOH D 4 .   ? -6.153  10.930  17.730  1.00 52.81 ? 377 HOH A O   1 
HETATM 1044 O  O   . HOH D 4 .   ? -8.357  3.325   -18.408 1.00 63.63 ? 378 HOH A O   1 
HETATM 1045 O  O   . HOH D 4 .   ? 2.387   -12.954 -5.397  1.00 37.80 ? 379 HOH A O   1 
HETATM 1046 O  O   . HOH D 4 .   ? -0.181  -12.071 -5.705  1.00 54.35 ? 380 HOH A O   1 
HETATM 1047 O  O   . HOH D 4 .   ? -3.439  5.767   -12.545 1.00 40.75 ? 381 HOH A O   1 
HETATM 1048 O  O   . HOH D 4 .   ? -1.833  4.081   -18.821 1.00 49.36 ? 382 HOH A O   1 
HETATM 1049 O  O   . HOH D 4 .   ? -2.201  11.872  -12.326 1.00 44.42 ? 383 HOH A O   1 
HETATM 1050 O  O   . HOH D 4 .   ? -4.324  -7.528  -0.628  1.00 40.77 ? 384 HOH A O   1 
HETATM 1051 O  O   . HOH D 4 .   ? -8.909  5.477   -4.321  1.00 51.67 ? 385 HOH A O   1 
HETATM 1052 O  O   . HOH D 4 .   ? -2.689  12.056  15.409  0.77 33.49 ? 386 HOH A O   1 
HETATM 1053 O  O   . HOH D 4 .   ? -2.763  15.726  14.639  0.94 36.98 ? 387 HOH A O   1 
HETATM 1054 O  O   . HOH D 4 .   ? 0.741   -8.489  -17.701 0.99 47.63 ? 388 HOH A O   1 
HETATM 1055 O  O   . HOH D 4 .   ? 4.166   -15.597 0.784   0.79 44.71 ? 389 HOH A O   1 
HETATM 1056 O  O   . HOH D 4 .   ? 11.279  -10.206 3.449   1.00 23.34 ? 390 HOH A O   1 
HETATM 1057 O  O   . HOH D 4 .   ? -11.328 5.736   14.533  1.00 64.27 ? 391 HOH A O   1 
HETATM 1058 O  O   . HOH D 4 .   ? 7.461   1.977   3.206   1.00 17.71 ? 392 HOH A O   1 
HETATM 1059 O  O   . HOH D 4 .   ? 5.351   0.383   6.671   1.00 19.23 ? 393 HOH A O   1 
HETATM 1060 O  O   . HOH D 4 .   ? 7.321   5.949   5.541   1.00 21.47 ? 394 HOH A O   1 
HETATM 1061 O  O   . HOH D 4 .   ? 5.637   3.938   9.187   1.00 23.82 ? 395 HOH A O   1 
HETATM 1062 O  O   . HOH D 4 .   ? 9.965   -0.569  -0.027  1.00 21.06 ? 396 HOH A O   1 
HETATM 1063 O  O   . HOH D 4 .   ? -10.446 9.408   4.630   1.00 27.60 ? 397 HOH A O   1 
HETATM 1064 O  O   . HOH D 4 .   ? 4.487   1.557   9.027   1.00 23.93 ? 398 HOH A O   1 
HETATM 1065 O  O   . HOH D 4 .   ? -5.306  8.130   25.475  0.63 51.24 ? 399 HOH A O   1 
HETATM 1066 O  O   . HOH D 4 .   ? 5.194   7.171   6.808   1.00 21.09 ? 400 HOH A O   1 
HETATM 1067 O  O   . HOH D 4 .   ? -7.808  12.287  11.744  0.97 26.96 ? 401 HOH A O   1 
HETATM 1068 O  O   . HOH D 4 .   ? 4.261   -1.479  19.043  1.00 23.76 ? 402 HOH A O   1 
HETATM 1069 O  O   . HOH D 4 .   ? 10.862  3.369   1.071   0.98 23.17 ? 403 HOH A O   1 
HETATM 1070 O  O   . HOH D 4 .   ? 6.650   -1.809  7.847   1.00 30.30 ? 404 HOH A O   1 
HETATM 1071 O  O   . HOH D 4 .   ? 3.144   1.946   13.280  1.00 29.28 ? 405 HOH A O   1 
HETATM 1072 O  O   . HOH D 4 .   ? 2.302   -5.832  18.426  1.00 25.28 ? 406 HOH A O   1 
HETATM 1073 O  O   . HOH D 4 .   ? 4.805   12.724  4.809   0.93 24.88 ? 407 HOH A O   1 
HETATM 1074 O  O   . HOH D 4 .   ? 13.710  -9.720  10.677  0.94 31.25 ? 408 HOH A O   1 
HETATM 1075 O  O   . HOH D 4 .   ? 9.372   -5.831  4.064   1.00 31.62 ? 409 HOH A O   1 
HETATM 1076 O  O   . HOH D 4 .   ? -11.117 6.329   -1.164  1.00 33.87 ? 410 HOH A O   1 
HETATM 1077 O  O   . HOH D 4 .   ? -8.223  -2.224  -7.166  0.96 28.37 ? 411 HOH A O   1 
HETATM 1078 O  O   . HOH D 4 .   ? -8.476  -6.661  -1.369  0.95 39.43 ? 412 HOH A O   1 
HETATM 1079 O  O   . HOH D 4 .   ? -5.800  4.111   21.978  0.57 37.08 ? 413 HOH A O   1 
HETATM 1080 O  O   . HOH D 4 .   ? -3.597  -7.892  8.565   1.00 34.83 ? 414 HOH A O   1 
HETATM 1081 O  O   . HOH D 4 .   ? 0.370   -10.477 2.509   0.88 29.84 ? 415 HOH A O   1 
HETATM 1082 O  O   . HOH D 4 .   ? 13.816  6.042   -7.778  0.82 29.74 ? 416 HOH A O   1 
HETATM 1083 O  O   . HOH D 4 .   ? 9.686   -18.888 -6.456  0.91 34.93 ? 417 HOH A O   1 
HETATM 1084 O  O   . HOH D 4 .   ? 11.258  12.424  -1.113  1.00 49.37 ? 418 HOH A O   1 
HETATM 1085 O  O   . HOH D 4 .   ? 4.299   -8.547  12.477  1.00 33.60 ? 419 HOH A O   1 
HETATM 1086 O  O   . HOH D 4 .   ? -3.652  7.457   23.473  0.74 61.00 ? 420 HOH A O   1 
HETATM 1087 O  O   . HOH D 4 .   ? 9.387   -2.290  7.492   0.95 37.50 ? 421 HOH A O   1 
HETATM 1088 O  O   . HOH D 4 .   ? 4.020   25.835  -1.372  0.89 38.59 ? 422 HOH A O   1 
HETATM 1089 O  O   . HOH D 4 .   ? -10.118 6.494   22.197  0.93 41.73 ? 423 HOH A O   1 
HETATM 1090 O  O   . HOH D 4 .   ? -9.524  7.856   19.114  1.00 48.04 ? 424 HOH A O   1 
HETATM 1091 O  O   . HOH D 4 .   ? 11.863  10.526  -9.349  1.00 57.26 ? 425 HOH A O   1 
HETATM 1092 O  O   . HOH D 4 .   ? -5.183  14.709  13.853  0.98 28.21 ? 426 HOH A O   1 
HETATM 1093 O  O   . HOH D 4 .   ? 8.453   12.656  -4.281  0.92 31.34 ? 427 HOH A O   1 
HETATM 1094 O  O   . HOH D 4 .   ? 10.489  -8.155  -15.269 0.96 40.22 ? 428 HOH A O   1 
HETATM 1095 O  O   . HOH D 4 .   ? 3.695   -17.209 -3.453  0.91 39.41 ? 429 HOH A O   1 
HETATM 1096 O  O   . HOH D 4 .   ? -1.521  6.461   -15.306 1.00 46.87 ? 430 HOH A O   1 
HETATM 1097 O  O   . HOH D 4 .   ? 0.532   -13.729 -3.755  0.84 56.69 ? 431 HOH A O   1 
HETATM 1098 O  O   . HOH D 4 .   ? 2.744   -10.238 -16.459 0.93 42.04 ? 432 HOH A O   1 
HETATM 1099 O  O   . HOH D 4 .   ? 7.569   2.713   -21.071 0.77 60.03 ? 433 HOH A O   1 
HETATM 1100 O  O   . HOH D 4 .   ? -4.642  4.049   -19.771 0.79 47.90 ? 434 HOH A O   1 
HETATM 1101 O  O   . HOH D 4 .   ? 14.706  1.640   -5.293  1.00 40.49 ? 435 HOH A O   1 
HETATM 1102 O  O   . HOH D 4 .   ? -7.961  7.756   -13.755 1.00 41.09 ? 436 HOH A O   1 
HETATM 1103 O  O   . HOH D 4 .   ? -1.510  3.957   18.940  1.00 36.82 ? 437 HOH A O   1 
HETATM 1104 O  O   . HOH D 4 .   ? 7.005   15.353  6.859   0.71 49.05 ? 438 HOH A O   1 
HETATM 1105 O  O   . HOH D 4 .   ? -12.961 -0.613  14.170  0.86 44.53 ? 439 HOH A O   1 
HETATM 1106 O  O   . HOH D 4 .   ? -15.077 -2.212  9.825   0.95 34.21 ? 440 HOH A O   1 
HETATM 1107 O  O   . HOH D 4 .   ? 12.285  9.528   -4.731  0.98 39.67 ? 441 HOH A O   1 
HETATM 1108 O  O   . HOH D 4 .   ? -10.504 13.319  7.524   1.00 50.06 ? 442 HOH A O   1 
HETATM 1109 O  O   . HOH D 4 .   ? -3.021  -9.587  -14.061 1.00 39.73 ? 443 HOH A O   1 
HETATM 1110 O  O   . HOH D 4 .   ? -3.854  -9.748  -11.099 0.69 42.08 ? 444 HOH A O   1 
HETATM 1111 O  O   . HOH D 4 .   ? -9.900  -2.278  15.883  1.00 43.74 ? 445 HOH A O   1 
HETATM 1112 O  O   . HOH D 4 .   ? 12.311  -9.515  -1.098  0.97 34.89 ? 446 HOH A O   1 
HETATM 1113 O  O   . HOH D 4 .   ? -3.881  -3.940  18.806  1.00 43.49 ? 447 HOH A O   1 
HETATM 1114 O  O   . HOH D 4 .   ? -0.943  -14.804 -1.870  0.92 40.78 ? 448 HOH A O   1 
HETATM 1115 O  O   . HOH D 4 .   ? 13.789  -17.830 -0.192  1.00 47.09 ? 449 HOH A O   1 
HETATM 1116 O  O   . HOH D 4 .   ? -13.296 -5.945  10.715  0.77 43.78 ? 450 HOH A O   1 
HETATM 1117 O  O   . HOH D 4 .   ? 4.428   -7.670  -16.194 0.75 35.14 ? 451 HOH A O   1 
HETATM 1118 O  O   . HOH D 4 .   ? 6.298   16.952  2.921   0.99 46.82 ? 452 HOH A O   1 
HETATM 1119 O  O   . HOH D 4 .   ? -12.953 7.335   0.575   1.00 38.33 ? 453 HOH A O   1 
HETATM 1120 O  O   . HOH D 4 .   ? -11.414 11.063  8.393   1.00 49.41 ? 454 HOH A O   1 
HETATM 1121 O  O   . HOH D 4 .   ? 4.695   -0.828  14.414  1.00 45.48 ? 455 HOH A O   1 
HETATM 1122 O  O   . HOH D 4 .   ? -11.310 6.297   -4.573  1.00 40.06 ? 456 HOH A O   1 
HETATM 1123 O  O   . HOH D 4 .   ? -8.196  -3.566  17.536  0.90 46.99 ? 457 HOH A O   1 
HETATM 1124 O  O   . HOH D 4 .   ? 11.843  -13.996 -2.955  1.00 47.60 ? 458 HOH A O   1 
HETATM 1125 O  O   . HOH D 4 .   ? -2.678  10.480  24.885  0.98 58.25 ? 459 HOH A O   1 
HETATM 1126 O  O   . HOH D 4 .   ? -6.867  18.908  7.392   0.96 40.11 ? 460 HOH A O   1 
HETATM 1127 O  O   . HOH D 4 .   ? -2.894  -5.393  1.058   0.83 38.42 ? 461 HOH A O   1 
HETATM 1128 O  O   . HOH D 4 .   ? 7.079   23.743  -1.478  1.00 61.77 ? 462 HOH A O   1 
HETATM 1129 O  O   . HOH D 4 .   ? 6.087   8.710   9.486   0.83 34.22 ? 463 HOH A O   1 
HETATM 1130 O  O   . HOH D 4 .   ? 11.585  -12.373 -12.175 1.00 55.16 ? 464 HOH A O   1 
HETATM 1131 O  O   . HOH D 4 .   ? 3.289   -14.807 7.200   0.74 48.98 ? 465 HOH A O   1 
HETATM 1132 O  O   . HOH D 4 .   ? -8.943  6.222   13.217  1.00 27.68 ? 466 HOH A O   1 
HETATM 1133 O  O   . HOH D 4 .   ? 7.659   1.577   5.920   1.00 21.09 ? 467 HOH A O   1 
HETATM 1134 O  O   . HOH D 4 .   ? 9.781   1.091   2.084   1.00 20.67 ? 468 HOH A O   1 
HETATM 1135 O  O   . HOH D 4 .   ? 12.016  -2.114  0.961   1.00 27.36 ? 469 HOH A O   1 
HETATM 1136 O  O   . HOH D 4 .   ? 7.886   3.870   7.243   1.00 22.93 ? 470 HOH A O   1 
HETATM 1137 O  O   . HOH D 4 .   ? -8.491  11.763  14.321  1.00 31.04 ? 471 HOH A O   1 
HETATM 1138 O  O   . HOH D 4 .   ? 11.055  12.130  -3.698  0.81 33.01 ? 472 HOH A O   1 
HETATM 1139 O  O   . HOH D 4 .   ? 0.784   -4.550  -1.079  0.61 73.38 ? 473 HOH A O   1 
HETATM 1140 O  O   . HOH D 4 .   ? 9.068   7.849   5.136   1.00 33.43 ? 474 HOH A O   1 
HETATM 1141 O  O   . HOH D 4 .   ? 9.580   15.466  -2.309  0.96 53.40 ? 475 HOH A O   1 
HETATM 1142 O  O   . HOH D 4 .   ? 10.545  -3.706  5.463   1.00 42.27 ? 476 HOH A O   1 
HETATM 1143 O  O   . HOH D 4 .   ? 6.236   9.675   7.085   0.87 34.39 ? 477 HOH A O   1 
HETATM 1144 O  O   . HOH D 4 .   ? 5.026   15.434  4.563   0.52 36.51 ? 478 HOH A O   1 
HETATM 1145 O  O   . HOH D 4 .   ? -1.130  -5.184  -2.446  0.57 55.34 ? 479 HOH A O   1 
HETATM 1146 O  O   . HOH D 4 .   ? 13.120  -8.371  -6.134  0.75 35.74 ? 480 HOH A O   1 
HETATM 1147 O  O   . HOH D 4 .   ? 10.494  7.795   2.793   0.93 35.43 ? 481 HOH A O   1 
HETATM 1148 O  O   . HOH D 4 .   ? 12.703  -16.780 -3.486  0.89 42.10 ? 482 HOH A O   1 
HETATM 1149 O  O   . HOH D 4 .   ? -3.060  -12.270 -6.748  0.80 52.68 ? 483 HOH A O   1 
HETATM 1150 O  O   . HOH D 4 .   ? 8.694   -14.716 -12.408 0.73 52.38 ? 484 HOH A O   1 
HETATM 1151 O  O   . HOH D 4 .   ? -11.198 7.247   3.222   0.97 38.65 ? 485 HOH A O   1 
HETATM 1152 O  O   . HOH D 4 .   ? 7.606   0.455   1.238   0.54 51.26 ? 486 HOH A O   1 
HETATM 1153 O  O   . HOH D 4 .   ? 9.629   11.634  0.629   0.96 41.73 ? 487 HOH A O   1 
HETATM 1154 O  O   . HOH D 4 .   ? -7.651  9.485   19.365  0.60 54.12 ? 488 HOH A O   1 
HETATM 1155 O  O   . HOH D 4 .   ? -2.124  -12.145 2.594   0.88 40.92 ? 489 HOH A O   1 
HETATM 1156 O  O   . HOH D 4 .   ? 10.375  -12.999 -14.254 1.00 50.37 ? 490 HOH A O   1 
HETATM 1157 O  O   . HOH D 4 .   ? 13.752  -9.687  -3.569  0.99 37.99 ? 491 HOH A O   1 
HETATM 1158 O  O   . HOH D 4 .   ? 4.860   17.491  7.504   0.86 39.09 ? 492 HOH A O   1 
HETATM 1159 O  O   . HOH D 4 .   ? 13.527  8.236   -2.579  0.81 59.62 ? 493 HOH A O   1 
HETATM 1160 O  O   . HOH D 4 .   ? -2.520  -12.094 -12.777 1.00 43.23 ? 494 HOH A O   1 
HETATM 1161 O  O   . HOH D 4 .   ? 7.974   6.845   8.887   0.83 45.34 ? 495 HOH A O   1 
HETATM 1162 O  O   . HOH D 4 .   ? 10.763  -2.065  10.167  1.00 48.61 ? 496 HOH A O   1 
HETATM 1163 O  O   . HOH D 4 .   ? 15.914  -14.527 -10.308 0.78 52.56 ? 497 HOH A O   1 
HETATM 1164 O  O   . HOH D 4 .   ? -15.003 -1.142  4.133   1.00 55.99 ? 498 HOH A O   1 
HETATM 1165 O  O   . HOH D 4 .   ? -3.893  0.476   -14.864 0.49 47.41 ? 499 HOH A O   1 
HETATM 1166 O  O   . HOH D 4 .   ? 13.442  -7.366  11.840  0.97 46.25 ? 500 HOH A O   1 
HETATM 1167 O  O   . HOH D 4 .   ? 9.721   -9.177  11.285  0.94 33.43 ? 501 HOH A O   1 
HETATM 1168 O  O   . HOH D 4 .   ? 10.852  -17.409 -0.805  0.93 37.20 ? 502 HOH A O   1 
HETATM 1169 O  O   . HOH D 4 .   ? 7.054   -10.144 -17.732 0.89 54.49 ? 503 HOH A O   1 
HETATM 1170 O  O   . HOH D 4 .   ? -3.721  6.700   -18.985 1.00 54.93 ? 504 HOH A O   1 
HETATM 1171 O  O   . HOH D 4 .   ? 13.617  -7.387  5.417   0.82 40.58 ? 505 HOH A O   1 
HETATM 1172 O  O   . HOH D 4 .   ? -6.180  -11.879 0.181   0.94 46.37 ? 506 HOH A O   1 
HETATM 1173 O  O   . HOH D 4 .   ? 4.547   12.216  2.309   0.63 48.94 ? 507 HOH A O   1 
HETATM 1174 O  O   . HOH D 4 .   ? -3.930  0.534   -17.590 1.00 40.05 ? 508 HOH A O   1 
HETATM 1175 O  O   . HOH D 4 .   ? 11.880  10.885  -14.168 1.00 62.57 ? 509 HOH A O   1 
HETATM 1176 O  O   . HOH D 4 .   ? -14.700 0.497   10.108  0.97 37.36 ? 510 HOH A O   1 
HETATM 1177 O  O   . HOH D 4 .   ? -8.309  -12.000 3.254   0.65 44.82 ? 511 HOH A O   1 
HETATM 1178 O  O   . HOH D 4 .   ? 4.200   5.230   -16.574 0.89 49.59 ? 512 HOH A O   1 
HETATM 1179 O  O   . HOH D 4 .   ? 9.887   -0.294  6.013   0.89 37.34 ? 513 HOH A O   1 
HETATM 1180 O  O   . HOH D 4 .   ? -0.922  -6.393  17.432  1.00 61.43 ? 514 HOH A O   1 
HETATM 1181 O  O   . HOH D 4 .   ? 0.437   0.174   19.117  0.88 47.15 ? 515 HOH A O   1 
HETATM 1182 O  O   . HOH D 4 .   ? 7.553   0.430   13.858  0.79 34.49 ? 516 HOH A O   1 
HETATM 1183 O  O   . HOH D 4 .   ? -5.540  -8.745  -9.744  0.95 55.13 ? 517 HOH A O   1 
HETATM 1184 O  O   . HOH D 4 .   ? -3.436  8.383   -15.418 1.00 52.29 ? 518 HOH A O   1 
HETATM 1185 O  O   . HOH D 4 .   ? -8.917  4.089   -7.362  0.91 44.78 ? 519 HOH A O   1 
HETATM 1186 O  O   . HOH D 4 .   ? 8.383   -9.818  -15.227 1.00 52.95 ? 520 HOH A O   1 
HETATM 1187 O  O   . HOH D 4 .   ? -3.202  -7.560  2.225   1.00 52.19 ? 521 HOH A O   1 
HETATM 1188 O  O   . HOH D 4 .   ? 9.481   3.035   -15.585 0.99 46.02 ? 522 HOH A O   1 
HETATM 1189 O  O   . HOH D 4 .   ? 12.058  -9.893  -14.498 0.92 49.13 ? 523 HOH A O   1 
HETATM 1190 O  O   . HOH D 4 .   ? -4.125  -14.178 -11.525 1.00 56.44 ? 524 HOH A O   1 
HETATM 1191 O  O   . HOH D 4 .   ? 13.284  3.801   2.129   1.00 41.90 ? 525 HOH A O   1 
HETATM 1192 O  O   . HOH D 4 .   ? -16.506 7.158   0.906   0.94 46.48 ? 526 HOH A O   1 
HETATM 1193 O  O   . HOH D 4 .   ? 3.241   -6.855  -19.215 0.94 48.48 ? 527 HOH A O   1 
HETATM 1194 O  O   . HOH D 4 .   ? 2.104   1.350   17.067  0.87 44.65 ? 528 HOH A O   1 
HETATM 1195 O  O   . HOH D 4 .   ? 13.116  -7.113  -2.961  0.93 56.32 ? 529 HOH A O   1 
HETATM 1196 O  O   . HOH D 4 .   ? 5.277   19.742  4.550   1.00 46.39 ? 530 HOH A O   1 
HETATM 1197 O  O   . HOH D 4 .   ? 6.117   4.715   11.557  0.94 47.07 ? 531 HOH A O   1 
HETATM 1198 O  O   . HOH D 4 .   ? -6.171  -5.170  19.613  0.97 61.33 ? 532 HOH A O   1 
HETATM 1199 O  O   . HOH D 4 .   ? 16.823  -8.135  7.873   1.00 52.18 ? 533 HOH A O   1 
HETATM 1200 O  O   . HOH D 4 .   ? -15.296 -5.459  12.236  0.94 42.75 ? 534 HOH A O   1 
HETATM 1201 O  O   . HOH D 4 .   ? 11.358  -5.780  7.678   1.00 57.09 ? 535 HOH A O   1 
HETATM 1202 O  O   . HOH D 4 .   ? -16.501 -1.168  11.561  0.75 46.31 ? 536 HOH A O   1 
HETATM 1203 O  O   . HOH D 4 .   ? -5.741  7.255   -15.914 0.86 57.99 ? 537 HOH A O   1 
HETATM 1204 O  O   . HOH D 4 .   ? 5.380   7.307   -12.857 0.84 33.43 ? 538 HOH A O   1 
HETATM 1205 O  O   . HOH D 4 .   ? -6.638  6.765   13.166  1.00 30.23 ? 539 HOH A O   1 
HETATM 1206 O  O   . HOH D 4 .   ? 3.132   -12.550 5.734   1.00 60.53 ? 540 HOH A O   1 
HETATM 1207 O  O   . HOH D 4 .   ? 7.880   -12.879 -14.505 0.90 62.70 ? 541 HOH A O   1 
HETATM 1208 O  O   . HOH D 4 .   ? 8.459   3.158   -18.112 0.95 39.56 ? 542 HOH A O   1 
HETATM 1209 O  O   . HOH D 4 .   ? 6.703   21.493  6.884   1.00 72.71 ? 543 HOH A O   1 
HETATM 1210 O  O   . HOH D 4 .   ? 11.364  -9.740  -11.926 0.66 75.31 ? 544 HOH A O   1 
HETATM 1211 O  O   . HOH D 4 .   ? 11.660  -0.333  3.456   1.00 37.62 ? 545 HOH A O   1 
HETATM 1212 O  O   . HOH D 4 .   ? -13.919 0.910   3.051   0.82 68.25 ? 546 HOH A O   1 
HETATM 1213 O  O   . HOH D 4 .   ? 10.709  7.810   6.989   0.86 39.88 ? 547 HOH A O   1 
HETATM 1214 O  O   . HOH D 4 .   ? 16.315  -7.841  5.303   0.98 39.74 ? 548 HOH A O   1 
HETATM 1215 O  O   . HOH D 4 .   ? -16.871 2.155   9.940   1.00 40.54 ? 549 HOH A O   1 
HETATM 1216 O  O   . HOH D 4 .   ? -8.144  8.076   22.180  1.00 38.46 ? 550 HOH A O   1 
HETATM 1217 O  O   . HOH D 4 .   ? 14.740  -18.468 -2.872  0.87 41.60 ? 551 HOH A O   1 
HETATM 1218 O  O   . HOH D 4 .   ? -13.063 8.197   -4.271  0.97 61.24 ? 552 HOH A O   1 
HETATM 1219 O  O   . HOH D 4 .   ? 7.046   15.326  -1.127  0.97 51.65 ? 553 HOH A O   1 
HETATM 1220 O  O   . HOH D 4 .   ? -10.827 3.976   22.412  0.96 64.22 ? 554 HOH A O   1 
HETATM 1221 O  O   . HOH D 4 .   ? 12.332  -3.878  -13.723 0.84 52.66 ? 555 HOH A O   1 
HETATM 1222 O  O   . HOH D 4 .   ? 15.691  -1.223  -2.785  0.92 74.73 ? 556 HOH A O   1 
HETATM 1223 O  O   . HOH D 4 .   ? -16.549 6.852   3.437   0.79 60.80 ? 557 HOH A O   1 
HETATM 1224 O  O   . HOH D 4 .   ? -6.035  -13.211 2.586   0.88 59.48 ? 558 HOH A O   1 
HETATM 1225 O  O   . HOH D 4 .   ? 15.592  -15.300 -6.461  1.00 66.87 ? 559 HOH A O   1 
HETATM 1226 O  O   . HOH D 4 .   ? 1.414   -15.043 -6.574  0.92 48.47 ? 560 HOH A O   1 
HETATM 1227 O  O   . HOH D 4 .   ? -5.263  -6.714  3.535   0.77 41.82 ? 561 HOH A O   1 
HETATM 1228 O  O   . HOH D 4 .   ? 12.612  -18.463 -6.039  1.00 70.56 ? 562 HOH A O   1 
HETATM 1229 O  O   . HOH D 4 .   ? 15.635  -7.023  9.843   0.87 46.17 ? 563 HOH A O   1 
HETATM 1230 O  O   . HOH D 4 .   ? -11.774 0.563   -3.523  0.92 66.88 ? 564 HOH A O   1 
HETATM 1231 O  O   . HOH D 4 .   ? -7.973  -7.969  19.204  1.00 58.05 ? 565 HOH A O   1 
HETATM 1232 O  O   . HOH D 4 .   ? -19.226 -0.885  12.968  0.75 56.59 ? 566 HOH A O   1 
HETATM 1233 O  O   . HOH D 4 .   ? 5.767   -18.985 -7.343  0.76 43.37 ? 567 HOH A O   1 
HETATM 1234 O  O   . HOH D 4 .   ? -11.259 10.375  -5.915  1.00 62.42 ? 568 HOH A O   1 
HETATM 1235 O  O   . HOH D 4 .   ? 3.093   -19.692 -3.719  0.98 48.24 ? 569 HOH A O   1 
HETATM 1236 O  O   . HOH D 4 .   ? -0.422  -10.160 -19.518 0.84 41.16 ? 570 HOH A O   1 
HETATM 1237 O  O   . HOH D 4 .   ? -12.956 3.901   13.378  0.84 63.40 ? 571 HOH A O   1 
HETATM 1238 O  O   . HOH D 4 .   ? 13.638  5.975   3.406   0.89 46.15 ? 572 HOH A O   1 
HETATM 1239 O  O   . HOH D 4 .   ? -9.369  -5.606  18.719  0.97 56.27 ? 573 HOH A O   1 
HETATM 1240 O  O   . HOH D 4 .   ? 6.164   -16.189 2.341   0.92 53.10 ? 574 HOH A O   1 
HETATM 1241 O  O   . HOH D 4 .   ? 17.310  -13.817 -7.962  1.00 50.08 ? 575 HOH A O   1 
HETATM 1242 O  O   . HOH D 4 .   ? 6.788   -13.064 -11.989 1.00 69.40 ? 576 HOH A O   1 
HETATM 1243 O  O   . HOH D 4 .   ? -16.977 -4.112  14.239  0.92 45.54 ? 577 HOH A O   1 
HETATM 1244 O  O   . HOH D 4 .   ? 9.689   0.841   9.981   0.81 39.86 ? 578 HOH A O   1 
HETATM 1245 O  O   . HOH D 4 .   ? 0.001   5.975   -19.469 0.95 59.20 ? 579 HOH A O   1 
HETATM 1246 O  O   . HOH D 4 .   ? 11.089  1.735   4.919   1.00 66.25 ? 580 HOH A O   1 
HETATM 1247 O  O   . HOH D 4 .   ? -15.962 -2.235  7.113   1.00 62.43 ? 581 HOH A O   1 
HETATM 1248 O  O   . HOH D 4 .   ? 12.157  6.236   -1.507  0.90 50.05 ? 582 HOH A O   1 
HETATM 1249 O  O   . HOH D 4 .   ? -4.024  -6.240  21.351  0.95 56.48 ? 583 HOH A O   1 
HETATM 1250 O  O   . HOH D 4 .   ? 12.005  4.846   -14.969 0.95 53.10 ? 584 HOH A O   1 
HETATM 1251 O  O   . HOH D 4 .   ? -5.468  -4.847  1.519   0.88 54.67 ? 585 HOH A O   1 
HETATM 1252 O  O   . HOH D 4 .   ? 10.790  -4.754  10.074  1.00 55.49 ? 586 HOH A O   1 
HETATM 1253 O  O   . HOH D 4 .   ? -9.183  11.682  19.106  0.99 63.30 ? 587 HOH A O   1 
HETATM 1254 O  O   . HOH D 4 .   ? 13.967  5.028   -0.069  0.78 51.04 ? 588 HOH A O   1 
HETATM 1255 O  O   . HOH D 4 .   ? 4.438   20.052  8.403   0.99 54.21 ? 589 HOH A O   1 
HETATM 1256 O  O   . HOH D 4 .   ? 10.164  -19.843 -8.853  0.83 52.79 ? 590 HOH A O   1 
HETATM 1257 O  O   . HOH D 4 .   ? 11.804  -20.483 -0.676  0.94 39.98 ? 591 HOH A O   1 
HETATM 1258 O  O   . HOH D 4 .   ? 2.345   -13.554 2.534   1.00 32.65 ? 592 HOH A O   1 
HETATM 1259 O  O   . HOH D 4 .   ? 4.949   5.921   14.628  1.00 48.76 ? 593 HOH A O   1 
HETATM 1260 O  O   . HOH D 4 .   ? -13.279 10.700  1.668   1.00 49.57 ? 594 HOH A O   1 
HETATM 1261 O  O   . HOH D 4 .   ? 13.925  -0.382  -1.014  1.00 50.58 ? 595 HOH A O   1 
HETATM 1262 O  O   . HOH D 4 .   ? 1.798   5.403   -10.799 0.56 61.26 ? 596 HOH A O   1 
HETATM 1263 O  O   . HOH D 4 .   ? 11.080  3.183   7.242   1.00 48.10 ? 597 HOH A O   1 
HETATM 1264 O  O   . HOH D 4 .   ? -9.014  5.708   -15.564 1.00 69.18 ? 598 HOH A O   1 
HETATM 1265 O  O   . HOH D 4 .   ? -18.265 -3.329  6.404   1.00 87.88 ? 599 HOH A O   1 
HETATM 1266 O  O   . HOH D 4 .   ? 7.750   -7.763  -16.891 1.00 76.62 ? 600 HOH A O   1 
HETATM 1267 O  O   . HOH D 4 .   ? -5.493  -8.148  11.353  1.00 56.05 ? 601 HOH A O   1 
HETATM 1268 O  O   . HOH D 4 .   ? -17.015 -5.265  8.190   0.78 41.71 ? 602 HOH A O   1 
HETATM 1269 O  O   . HOH D 4 .   ? 3.926   -15.530 15.066  0.95 91.43 ? 603 HOH A O   1 
HETATM 1270 O  O   . HOH D 4 .   ? -7.156  -8.812  21.536  1.00 56.62 ? 604 HOH A O   1 
HETATM 1271 O  O   . HOH D 4 .   ? 7.253   11.282  8.736   1.00 67.77 ? 605 HOH A O   1 
HETATM 1272 O  O   . HOH D 4 .   ? 2.784   -15.028 12.220  1.00 92.15 ? 606 HOH A O   1 
HETATM 1273 O  O   . HOH D 4 .   ? -6.490  -9.342  4.487   1.00 61.39 ? 607 HOH A O   1 
HETATM 1274 O  O   . HOH D 4 .   ? -9.554  7.867   -3.312  1.00 57.49 ? 608 HOH A O   1 
HETATM 1275 O  O   . HOH D 4 .   ? 6.134   1.445   11.655  1.00 57.86 ? 609 HOH A O   1 
HETATM 1276 O  O   . HOH D 4 .   ? -4.414  1.044   -19.947 0.79 66.86 ? 610 HOH A O   1 
HETATM 1277 O  O   . HOH D 4 .   ? 17.454  -2.485  -8.157  1.00 66.01 ? 611 HOH A O   1 
HETATM 1278 O  O   . HOH D 4 .   ? 1.652   5.886   -21.820 1.00 63.75 ? 612 HOH A O   1 
HETATM 1279 O  O   . HOH D 4 .   ? -0.887  -10.337 13.311  1.00 64.91 ? 613 HOH A O   1 
HETATM 1280 O  O   . HOH D 4 .   ? -18.427 4.256   4.970   1.00 45.49 ? 614 HOH A O   1 
HETATM 1281 O  O   . HOH D 4 .   ? 2.051   -12.665 11.221  1.00 56.94 ? 615 HOH A O   1 
HETATM 1282 O  O   . HOH D 4 .   ? -2.801  -8.977  20.889  1.00 54.29 ? 616 HOH A O   1 
HETATM 1283 O  O   . HOH D 4 .   ? 13.469  3.578   -3.489  0.86 36.19 ? 617 HOH A O   1 
HETATM 1284 O  O   . HOH D 4 .   ? -6.575  -5.728  -3.138  1.00 89.26 ? 618 HOH A O   1 
HETATM 1285 O  O   . HOH D 4 .   ? -6.116  3.635   -22.056 0.73 53.57 ? 619 HOH A O   1 
HETATM 1286 O  O   . HOH D 4 .   ? -17.486 1.754   6.642   1.00 43.57 ? 620 HOH A O   1 
HETATM 1287 O  O   . HOH D 4 .   ? 15.682  -6.920  -2.741  1.00 76.55 ? 621 HOH A O   1 
HETATM 1288 O  O   . HOH D 4 .   ? -11.593 11.959  13.388  0.86 52.09 ? 622 HOH A O   1 
HETATM 1289 O  O   . HOH D 4 .   ? 8.119   22.892  1.200   1.00 62.62 ? 623 HOH A O   1 
HETATM 1290 O  O   . HOH D 4 .   ? 9.337   -18.389 1.173   1.00 67.36 ? 624 HOH A O   1 
HETATM 1291 O  O   . HOH D 4 .   ? 6.660   0.365   -19.853 0.98 66.42 ? 625 HOH A O   1 
HETATM 1292 O  O   . HOH D 4 .   ? 17.648  -5.349  4.084   0.92 52.50 ? 626 HOH A O   1 
HETATM 1293 O  O   . HOH D 4 .   ? 13.616  1.647   4.324   1.00 50.24 ? 627 HOH A O   1 
HETATM 1294 O  O   . HOH D 4 .   ? -6.882  13.581  15.392  0.67 36.06 ? 628 HOH A O   1 
HETATM 1295 O  O   . HOH D 4 .   ? -6.335  9.876   -13.297 1.00 52.05 ? 629 HOH A O   1 
HETATM 1296 O  O   . HOH D 4 .   ? 6.766   -16.445 4.865   1.00 62.63 ? 630 HOH A O   1 
HETATM 1297 O  O   . HOH D 4 .   ? -11.075 2.532   20.230  0.77 71.47 ? 631 HOH A O   1 
HETATM 1298 O  O   . HOH D 4 .   ? 8.719   -1.168  11.487  0.82 78.11 ? 632 HOH A O   1 
HETATM 1299 O  O   . HOH D 4 .   ? -17.796 -0.550  4.130   1.00 50.16 ? 633 HOH A O   1 
HETATM 1300 O  O   . HOH D 4 .   ? -7.761  -11.237 20.248  1.00 63.61 ? 634 HOH A O   1 
HETATM 1301 O  O   . HOH D 4 .   ? -9.883  13.459  10.149  1.00 54.31 ? 635 HOH A O   1 
HETATM 1302 O  O   . HOH D 4 .   ? -1.045  13.632  -14.293 1.00 70.16 ? 636 HOH A O   1 
HETATM 1303 O  O   . HOH D 4 .   ? 16.008  -12.235 -11.735 0.96 91.22 ? 637 HOH A O   1 
HETATM 1304 O  O   . HOH D 4 .   ? 2.900   6.413   -13.164 0.83 56.75 ? 638 HOH A O   1 
HETATM 1305 O  O   . HOH D 4 .   ? 3.752   5.622   8.376   1.00 17.84 ? 639 HOH A O   1 
HETATM 1306 O  O   . HOH D 4 .   ? -5.777  -2.300  -11.595 0.96 40.41 ? 640 HOH A O   1 
HETATM 1307 O  O   . HOH D 4 .   ? 17.192  -11.429 -5.357  1.00 49.33 ? 641 HOH A O   1 
HETATM 1308 O  O   . HOH D 4 .   ? 5.764   -8.250  9.127   0.89 35.99 ? 642 HOH A O   1 
HETATM 1309 O  O   . HOH D 4 .   ? 15.481  -4.525  -1.556  0.94 52.80 ? 643 HOH A O   1 
HETATM 1310 O  O   . HOH D 4 .   ? 4.950   12.543  7.508   0.99 31.34 ? 644 HOH A O   1 
HETATM 1311 O  O   . HOH D 4 .   ? 14.341  -2.551  -8.206  1.00 39.38 ? 645 HOH A O   1 
HETATM 1312 O  O   . HOH D 4 .   ? -8.504  -8.379  5.766   0.79 41.35 ? 646 HOH A O   1 
HETATM 1313 O  O   . HOH D 4 .   ? -2.856  14.091  -10.211 0.81 35.12 ? 647 HOH A O   1 
HETATM 1314 O  O   . HOH D 4 .   ? -12.016 -5.861  12.931  0.93 45.78 ? 648 HOH A O   1 
HETATM 1315 O  O   . HOH D 4 .   ? 15.063  -6.733  -0.096  1.00 48.54 ? 649 HOH A O   1 
HETATM 1316 O  O   . HOH D 4 .   ? 1.324   3.075   15.221  0.95 32.99 ? 650 HOH A O   1 
HETATM 1317 O  O   . HOH D 4 .   ? 15.081  -15.117 -3.488  0.88 37.61 ? 651 HOH A O   1 
# 
